data_5CDW
#
_entry.id   5CDW
#
_cell.length_a   82.650
_cell.length_b   72.140
_cell.length_c   172.140
_cell.angle_alpha   90.00
_cell.angle_beta   93.31
_cell.angle_gamma   90.00
#
_symmetry.space_group_name_H-M   'P 1 21 1'
#
loop_
_entity.id
_entity.type
_entity.pdbx_description
1 polymer 'Growth factor receptor-bound protein 2'
2 polymer SER-PTR-VAL-ASN-VAL-GLN
3 water water
#
loop_
_entity_poly.entity_id
_entity_poly.type
_entity_poly.pdbx_seq_one_letter_code
_entity_poly.pdbx_strand_id
1 'polypeptide(L)'
;EMKPHPWFFGKIPRAKAEEMLSKQRHDGAFLIRESESAPGDFSLSVKFGNDVQHFKVLRDGAGKYFLGVVKFNSLNELVD
YHRSTSVSRNQQIFLRDIEQ
;
A,E,B,C,G,H,K,L,O,P,U,V,Y,Z,c,d
2 'polypeptide(L)' S(PTR)VNVQ D,M,s,a,F,J,N,R,T,X,b,f,h,j,I,Q
#
# COMPACT_ATOMS: atom_id res chain seq x y z
N LYS A 3 -29.65 42.87 18.44
CA LYS A 3 -28.90 42.62 19.67
C LYS A 3 -29.61 41.65 20.63
N PRO A 4 -30.95 41.69 20.73
CA PRO A 4 -31.55 40.75 21.68
C PRO A 4 -31.36 39.29 21.28
N HIS A 5 -31.40 38.39 22.25
CA HIS A 5 -31.10 36.99 22.01
C HIS A 5 -32.19 36.30 21.19
N PRO A 6 -31.80 35.54 20.14
CA PRO A 6 -32.80 34.88 19.30
C PRO A 6 -33.29 33.54 19.86
N TRP A 7 -32.68 33.08 20.95
CA TRP A 7 -33.08 31.79 21.52
C TRP A 7 -34.16 31.93 22.60
N PHE A 8 -34.43 33.15 23.03
CA PHE A 8 -35.45 33.39 24.04
C PHE A 8 -36.81 33.65 23.41
N PHE A 9 -37.77 32.75 23.66
CA PHE A 9 -39.10 32.81 23.08
C PHE A 9 -40.18 33.18 24.09
N GLY A 10 -39.78 33.33 25.36
CA GLY A 10 -40.73 33.62 26.41
C GLY A 10 -41.69 32.46 26.63
N LYS A 11 -42.95 32.79 26.91
CA LYS A 11 -43.94 31.76 27.19
C LYS A 11 -44.58 31.21 25.92
N ILE A 12 -44.19 30.00 25.56
CA ILE A 12 -44.80 29.29 24.44
C ILE A 12 -45.17 27.87 24.85
N PRO A 13 -46.22 27.30 24.24
CA PRO A 13 -46.60 25.92 24.57
C PRO A 13 -45.53 24.91 24.17
N ARG A 14 -45.43 23.83 24.94
CA ARG A 14 -44.42 22.80 24.73
C ARG A 14 -44.44 22.24 23.31
N ALA A 15 -45.64 22.12 22.74
CA ALA A 15 -45.81 21.51 21.42
C ALA A 15 -45.25 22.38 20.31
N LYS A 16 -45.33 23.70 20.48
CA LYS A 16 -44.84 24.63 19.46
C LYS A 16 -43.32 24.72 19.50
N ALA A 17 -42.74 24.51 20.68
CA ALA A 17 -41.30 24.42 20.81
C ALA A 17 -40.78 23.23 20.03
N GLU A 18 -41.43 22.09 20.23
CA GLU A 18 -41.07 20.86 19.53
C GLU A 18 -41.31 20.98 18.04
N GLU A 19 -42.45 21.57 17.67
CA GLU A 19 -42.81 21.74 16.27
C GLU A 19 -41.75 22.52 15.51
N MET A 20 -41.38 23.68 16.04
CA MET A 20 -40.37 24.53 15.42
C MET A 20 -39.02 23.81 15.34
N LEU A 21 -38.55 23.31 16.48
CA LEU A 21 -37.26 22.64 16.54
C LEU A 21 -37.24 21.38 15.68
N SER A 22 -38.38 20.71 15.59
CA SER A 22 -38.51 19.55 14.71
C SER A 22 -38.28 19.93 13.25
N LYS A 23 -38.47 21.21 12.94
CA LYS A 23 -38.29 21.71 11.59
C LYS A 23 -36.82 21.99 11.30
N GLN A 24 -36.03 22.17 12.34
CA GLN A 24 -34.60 22.43 12.20
C GLN A 24 -33.89 21.21 11.60
N ARG A 25 -32.62 21.39 11.26
CA ARG A 25 -31.85 20.33 10.61
C ARG A 25 -30.77 19.76 11.53
N HIS A 26 -30.15 20.63 12.32
CA HIS A 26 -28.98 20.26 13.10
C HIS A 26 -29.31 19.97 14.57
N ASP A 27 -28.60 19.01 15.14
CA ASP A 27 -28.70 18.73 16.57
C ASP A 27 -28.06 19.89 17.32
N GLY A 28 -28.73 20.33 18.38
CA GLY A 28 -28.24 21.46 19.17
C GLY A 28 -29.11 22.68 19.00
N ALA A 29 -29.98 22.66 17.99
CA ALA A 29 -30.95 23.73 17.80
C ALA A 29 -31.80 23.83 19.04
N PHE A 30 -31.83 25.01 19.66
CA PHE A 30 -32.43 25.16 20.97
C PHE A 30 -33.16 26.48 21.16
N LEU A 31 -34.03 26.51 22.16
CA LEU A 31 -34.69 27.73 22.60
C LEU A 31 -34.98 27.65 24.09
N ILE A 32 -34.89 28.80 24.76
CA ILE A 32 -35.35 28.91 26.15
C ILE A 32 -36.79 29.38 26.12
N ARG A 33 -37.62 28.76 26.95
CA ARG A 33 -39.03 29.14 27.04
C ARG A 33 -39.51 29.12 28.49
N GLU A 34 -40.39 30.04 28.81
CA GLU A 34 -40.97 30.12 30.14
C GLU A 34 -42.05 29.06 30.29
N SER A 35 -41.81 28.12 31.20
CA SER A 35 -42.70 26.97 31.38
C SER A 35 -44.12 27.41 31.74
N GLU A 36 -45.11 26.76 31.14
CA GLU A 36 -46.51 27.05 31.40
C GLU A 36 -47.04 26.13 32.49
N SER A 37 -46.45 24.95 32.61
CA SER A 37 -46.86 23.97 33.61
C SER A 37 -46.20 24.23 34.96
N ALA A 38 -45.29 25.20 34.99
CA ALA A 38 -44.58 25.57 36.21
C ALA A 38 -44.22 27.06 36.19
N PRO A 39 -45.17 27.91 36.61
CA PRO A 39 -44.97 29.38 36.66
C PRO A 39 -43.67 29.79 37.35
N GLY A 40 -42.84 30.53 36.64
CA GLY A 40 -41.59 31.03 37.19
C GLY A 40 -40.38 30.24 36.73
N ASP A 41 -40.61 29.01 36.27
CA ASP A 41 -39.54 28.13 35.82
C ASP A 41 -39.28 28.28 34.32
N PHE A 42 -38.02 28.08 33.94
CA PHE A 42 -37.63 28.07 32.53
C PHE A 42 -37.39 26.65 32.06
N SER A 43 -37.67 26.40 30.79
CA SER A 43 -37.43 25.09 30.19
C SER A 43 -36.54 25.22 28.96
N LEU A 44 -35.56 24.34 28.86
CA LEU A 44 -34.64 24.31 27.72
C LEU A 44 -35.03 23.21 26.75
N SER A 45 -35.44 23.61 25.55
CA SER A 45 -35.79 22.67 24.50
C SER A 45 -34.61 22.51 23.54
N VAL A 46 -34.27 21.26 23.22
CA VAL A 46 -33.12 20.97 22.37
C VAL A 46 -33.42 19.82 21.42
N LYS A 47 -33.01 19.97 20.16
CA LYS A 47 -33.22 18.95 19.16
C LYS A 47 -32.06 17.96 19.07
N PHE A 48 -32.40 16.69 18.86
CA PHE A 48 -31.40 15.66 18.61
C PHE A 48 -31.99 14.52 17.78
N GLY A 49 -31.48 14.37 16.56
CA GLY A 49 -31.97 13.35 15.66
C GLY A 49 -33.39 13.63 15.20
N ASN A 50 -34.30 12.70 15.47
CA ASN A 50 -35.71 12.86 15.15
C ASN A 50 -36.54 13.00 16.42
N ASP A 51 -36.10 13.90 17.30
CA ASP A 51 -36.76 14.10 18.58
C ASP A 51 -36.37 15.45 19.17
N VAL A 52 -37.15 15.90 20.15
CA VAL A 52 -36.89 17.15 20.85
C VAL A 52 -36.85 16.89 22.36
N GLN A 53 -35.68 17.14 22.96
CA GLN A 53 -35.47 16.90 24.38
C GLN A 53 -35.82 18.14 25.20
N HIS A 54 -36.17 17.92 26.47
CA HIS A 54 -36.57 19.01 27.36
C HIS A 54 -35.85 18.95 28.70
N PHE A 55 -35.14 20.02 29.04
CA PHE A 55 -34.44 20.14 30.31
C PHE A 55 -35.00 21.30 31.12
N LYS A 56 -35.51 21.02 32.32
CA LYS A 56 -36.02 22.08 33.16
C LYS A 56 -34.87 22.80 33.86
N VAL A 57 -34.79 24.10 33.65
CA VAL A 57 -33.80 24.93 34.32
C VAL A 57 -34.14 24.99 35.80
N LEU A 58 -33.12 24.85 36.65
CA LEU A 58 -33.32 24.80 38.09
C LEU A 58 -32.58 25.92 38.81
N ARG A 59 -33.23 26.48 39.83
CA ARG A 59 -32.58 27.43 40.72
C ARG A 59 -32.25 26.75 42.04
N ASP A 60 -31.06 27.04 42.58
CA ASP A 60 -30.68 26.53 43.88
C ASP A 60 -31.12 27.51 44.97
N GLY A 61 -30.59 27.35 46.18
CA GLY A 61 -30.96 28.21 47.29
C GLY A 61 -30.51 29.64 47.10
N ALA A 62 -29.48 29.85 46.28
CA ALA A 62 -28.93 31.18 46.05
C ALA A 62 -29.41 31.78 44.74
N GLY A 63 -30.37 31.12 44.09
CA GLY A 63 -30.93 31.62 42.85
C GLY A 63 -30.04 31.39 41.64
N LYS A 64 -28.98 30.61 41.82
CA LYS A 64 -28.08 30.26 40.72
C LYS A 64 -28.77 29.27 39.78
N TYR A 65 -28.53 29.41 38.48
CA TYR A 65 -29.12 28.52 37.48
C TYR A 65 -28.25 27.30 37.23
N PHE A 66 -28.90 26.14 37.05
CA PHE A 66 -28.20 24.91 36.65
C PHE A 66 -29.20 23.87 36.17
N LEU A 67 -28.71 22.84 35.48
CA LEU A 67 -29.57 21.85 34.84
C LEU A 67 -29.71 20.56 35.63
N GLY A 68 -29.15 20.53 36.83
CA GLY A 68 -29.33 19.41 37.74
C GLY A 68 -28.05 18.63 37.99
N VAL A 69 -28.17 17.58 38.80
CA VAL A 69 -27.05 16.73 39.18
C VAL A 69 -27.36 15.26 38.90
N VAL A 70 -26.38 14.40 39.15
CA VAL A 70 -26.54 12.95 38.96
C VAL A 70 -26.25 12.22 40.26
N LYS A 71 -27.30 11.69 40.89
CA LYS A 71 -27.17 11.09 42.21
C LYS A 71 -26.97 9.57 42.17
N PHE A 72 -26.36 9.05 43.24
CA PHE A 72 -26.11 7.62 43.37
C PHE A 72 -26.54 7.14 44.76
N ASN A 73 -26.92 5.87 44.86
CA ASN A 73 -27.38 5.31 46.11
C ASN A 73 -26.24 5.10 47.11
N SER A 74 -25.01 5.10 46.61
CA SER A 74 -23.85 4.90 47.47
C SER A 74 -22.62 5.64 46.95
N LEU A 75 -21.62 5.78 47.81
CA LEU A 75 -20.39 6.48 47.46
C LEU A 75 -19.55 5.65 46.49
N ASN A 76 -19.62 4.33 46.60
CA ASN A 76 -18.81 3.46 45.76
C ASN A 76 -19.42 3.28 44.38
N GLU A 77 -20.75 3.40 44.29
CA GLU A 77 -21.42 3.37 43.00
C GLU A 77 -21.06 4.61 42.19
N LEU A 78 -20.77 5.70 42.89
CA LEU A 78 -20.28 6.92 42.24
C LEU A 78 -18.89 6.69 41.69
N VAL A 79 -18.03 6.05 42.49
CA VAL A 79 -16.66 5.76 42.08
C VAL A 79 -16.65 4.86 40.85
N ASP A 80 -17.32 3.71 40.93
CA ASP A 80 -17.32 2.73 39.85
C ASP A 80 -17.93 3.31 38.57
N TYR A 81 -18.98 4.09 38.70
CA TYR A 81 -19.62 4.71 37.54
C TYR A 81 -18.65 5.67 36.85
N HIS A 82 -17.83 6.36 37.65
CA HIS A 82 -16.85 7.31 37.11
C HIS A 82 -15.58 6.63 36.61
N ARG A 83 -15.63 5.31 36.42
CA ARG A 83 -14.50 4.57 35.83
C ARG A 83 -14.72 4.34 34.34
N SER A 84 -15.97 4.51 33.90
CA SER A 84 -16.33 4.42 32.49
C SER A 84 -16.71 5.80 31.95
N THR A 85 -17.14 6.68 32.85
CA THR A 85 -17.48 8.06 32.49
C THR A 85 -16.54 9.03 33.22
N SER A 86 -16.08 10.05 32.51
CA SER A 86 -15.16 11.02 33.07
C SER A 86 -15.75 11.76 34.27
N VAL A 87 -14.90 12.09 35.24
CA VAL A 87 -15.33 12.86 36.40
C VAL A 87 -15.46 14.33 36.04
N SER A 88 -14.72 14.75 35.02
CA SER A 88 -14.82 16.09 34.48
C SER A 88 -15.60 16.06 33.17
N ARG A 89 -16.49 17.04 32.98
CA ARG A 89 -17.26 17.14 31.75
C ARG A 89 -16.63 18.16 30.80
N ASN A 90 -15.37 18.49 31.07
CA ASN A 90 -14.58 19.37 30.22
C ASN A 90 -13.23 18.75 29.88
N GLN A 91 -12.91 17.64 30.57
CA GLN A 91 -11.68 16.91 30.35
C GLN A 91 -11.94 15.41 30.48
N GLN A 92 -11.08 14.60 29.86
CA GLN A 92 -11.25 13.14 29.93
C GLN A 92 -10.41 12.57 31.07
N ILE A 93 -11.08 12.36 32.21
CA ILE A 93 -10.43 11.83 33.40
C ILE A 93 -11.23 10.68 33.99
N PHE A 94 -10.74 9.46 33.80
CA PHE A 94 -11.40 8.26 34.31
C PHE A 94 -10.65 7.72 35.52
N LEU A 95 -11.37 7.51 36.61
CA LEU A 95 -10.76 7.10 37.87
C LEU A 95 -10.16 5.71 37.80
N ARG A 96 -8.96 5.56 38.34
CA ARG A 96 -8.28 4.27 38.44
C ARG A 96 -7.68 4.09 39.83
N ASP A 97 -7.72 2.86 40.33
CA ASP A 97 -7.24 2.55 41.68
C ASP A 97 -5.78 2.96 41.87
N ILE A 98 -5.46 3.47 43.07
CA ILE A 98 -4.10 3.84 43.42
C ILE A 98 -3.17 2.64 43.23
N GLU A 99 -2.05 2.88 42.54
CA GLU A 99 -1.07 1.84 42.29
C GLU A 99 -0.16 1.66 43.51
N GLN A 100 -0.45 0.63 44.30
CA GLN A 100 0.32 0.36 45.51
C GLN A 100 1.67 -0.29 45.17
N MET B 2 -18.86 -7.22 52.89
CA MET B 2 -18.10 -6.99 54.11
C MET B 2 -16.64 -6.68 53.78
N LYS B 3 -16.38 -5.46 53.35
CA LYS B 3 -15.02 -5.01 53.05
C LYS B 3 -14.99 -3.49 52.93
N PRO B 4 -14.02 -2.83 53.59
CA PRO B 4 -14.01 -1.36 53.58
C PRO B 4 -13.62 -0.79 52.21
N HIS B 5 -13.73 0.53 52.09
CA HIS B 5 -13.38 1.22 50.85
C HIS B 5 -11.90 1.63 50.88
N PRO B 6 -11.10 1.07 49.96
CA PRO B 6 -9.65 1.34 50.01
C PRO B 6 -9.28 2.76 49.59
N TRP B 7 -10.19 3.42 48.88
CA TRP B 7 -9.94 4.78 48.39
C TRP B 7 -10.20 5.83 49.47
N PHE B 8 -10.81 5.42 50.58
CA PHE B 8 -11.16 6.35 51.64
C PHE B 8 -9.97 6.61 52.56
N PHE B 9 -9.58 7.89 52.67
CA PHE B 9 -8.43 8.28 53.46
C PHE B 9 -8.83 9.28 54.56
N GLY B 10 -10.06 9.17 55.04
CA GLY B 10 -10.55 10.02 56.09
C GLY B 10 -10.44 11.50 55.74
N LYS B 11 -9.98 12.30 56.68
CA LYS B 11 -9.81 13.74 56.49
C LYS B 11 -8.34 14.12 56.49
N ILE B 12 -7.61 13.67 55.47
CA ILE B 12 -6.23 14.08 55.28
C ILE B 12 -6.22 15.44 54.58
N PRO B 13 -5.25 16.30 54.90
CA PRO B 13 -5.20 17.62 54.26
C PRO B 13 -5.02 17.54 52.74
N ARG B 14 -5.26 18.66 52.06
CA ARG B 14 -5.11 18.71 50.61
C ARG B 14 -3.67 18.43 50.20
N ALA B 15 -2.73 19.00 50.93
CA ALA B 15 -1.32 18.82 50.66
C ALA B 15 -0.94 17.35 50.64
N LYS B 16 -1.32 16.62 51.68
CA LYS B 16 -0.99 15.20 51.78
C LYS B 16 -1.65 14.39 50.66
N ALA B 17 -2.81 14.85 50.20
CA ALA B 17 -3.51 14.19 49.11
C ALA B 17 -2.83 14.47 47.78
N GLU B 18 -2.45 15.73 47.57
CA GLU B 18 -1.74 16.13 46.36
C GLU B 18 -0.33 15.55 46.34
N GLU B 19 0.34 15.63 47.48
CA GLU B 19 1.70 15.14 47.61
C GLU B 19 1.77 13.64 47.34
N MET B 20 0.71 12.93 47.70
CA MET B 20 0.62 11.49 47.49
C MET B 20 0.28 11.15 46.04
N LEU B 21 -0.84 11.68 45.56
CA LEU B 21 -1.34 11.35 44.23
C LEU B 21 -0.36 11.74 43.13
N SER B 22 0.38 12.82 43.34
CA SER B 22 1.33 13.31 42.35
C SER B 22 2.43 12.28 42.07
N LYS B 23 2.66 11.39 43.04
CA LYS B 23 3.71 10.39 42.92
C LYS B 23 3.25 9.16 42.12
N GLN B 24 1.98 9.17 41.70
CA GLN B 24 1.44 8.06 40.92
C GLN B 24 1.88 8.17 39.47
N ARG B 25 1.63 7.10 38.70
CA ARG B 25 2.12 7.01 37.32
C ARG B 25 1.00 6.81 36.31
N HIS B 26 -0.24 6.88 36.77
CA HIS B 26 -1.40 6.66 35.88
C HIS B 26 -2.46 7.74 36.08
N ASP B 27 -3.00 8.23 34.96
CA ASP B 27 -4.11 9.16 35.00
C ASP B 27 -5.33 8.51 35.63
N GLY B 28 -5.92 9.17 36.60
CA GLY B 28 -7.11 8.68 37.26
C GLY B 28 -6.86 8.16 38.67
N ALA B 29 -5.60 8.12 39.07
CA ALA B 29 -5.25 7.76 40.44
C ALA B 29 -5.98 8.69 41.39
N PHE B 30 -6.78 8.12 42.29
CA PHE B 30 -7.71 8.92 43.08
C PHE B 30 -7.83 8.48 44.53
N LEU B 31 -8.41 9.35 45.33
CA LEU B 31 -8.79 9.04 46.71
C LEU B 31 -10.00 9.88 47.09
N ILE B 32 -10.83 9.34 47.98
CA ILE B 32 -11.92 10.11 48.56
C ILE B 32 -11.51 10.56 49.95
N ARG B 33 -11.65 11.84 50.22
CA ARG B 33 -11.31 12.39 51.53
C ARG B 33 -12.42 13.31 52.01
N GLU B 34 -12.55 13.44 53.32
CA GLU B 34 -13.52 14.35 53.90
C GLU B 34 -13.02 15.77 53.73
N SER B 35 -13.92 16.66 53.31
CA SER B 35 -13.55 18.02 52.94
C SER B 35 -13.01 18.82 54.13
N GLU B 36 -11.98 19.60 53.88
CA GLU B 36 -11.47 20.56 54.85
C GLU B 36 -12.29 21.85 54.75
N SER B 37 -12.69 22.17 53.52
CA SER B 37 -13.45 23.38 53.23
C SER B 37 -14.77 23.44 54.00
N ALA B 38 -15.59 22.41 53.82
CA ALA B 38 -16.94 22.38 54.38
C ALA B 38 -17.25 21.03 55.02
N PRO B 39 -17.67 21.04 56.30
CA PRO B 39 -17.97 19.77 56.98
C PRO B 39 -19.19 19.06 56.39
N GLY B 40 -19.16 17.74 56.37
CA GLY B 40 -20.25 16.95 55.80
C GLY B 40 -20.03 16.63 54.34
N ASP B 41 -19.16 17.41 53.67
CA ASP B 41 -18.86 17.18 52.27
C ASP B 41 -17.69 16.21 52.10
N PHE B 42 -17.50 15.77 50.86
CA PHE B 42 -16.38 14.91 50.51
C PHE B 42 -15.65 15.50 49.31
N SER B 43 -14.37 15.15 49.17
CA SER B 43 -13.54 15.69 48.10
C SER B 43 -12.86 14.57 47.32
N LEU B 44 -13.11 14.55 46.02
CA LEU B 44 -12.51 13.57 45.12
C LEU B 44 -11.23 14.13 44.50
N SER B 45 -10.08 13.71 45.03
CA SER B 45 -8.80 14.11 44.49
C SER B 45 -8.37 13.12 43.42
N VAL B 46 -7.94 13.63 42.27
CA VAL B 46 -7.55 12.77 41.16
C VAL B 46 -6.28 13.29 40.50
N LYS B 47 -5.45 12.37 40.01
CA LYS B 47 -4.20 12.71 39.35
C LYS B 47 -4.40 12.78 37.84
N PHE B 48 -3.90 13.86 37.23
CA PHE B 48 -4.05 14.07 35.80
C PHE B 48 -2.91 14.94 35.28
N GLY B 49 -2.08 14.37 34.41
CA GLY B 49 -0.91 15.06 33.91
C GLY B 49 0.05 15.36 35.04
N ASN B 50 0.62 16.57 35.04
CA ASN B 50 1.49 17.02 36.11
C ASN B 50 0.72 17.88 37.11
N ASP B 51 -0.55 17.55 37.29
CA ASP B 51 -1.42 18.29 38.20
C ASP B 51 -2.32 17.35 39.00
N VAL B 52 -2.87 17.86 40.09
CA VAL B 52 -3.81 17.11 40.91
C VAL B 52 -5.10 17.92 41.06
N GLN B 53 -6.16 17.46 40.40
CA GLN B 53 -7.43 18.17 40.40
C GLN B 53 -8.34 17.71 41.54
N HIS B 54 -9.18 18.62 42.01
CA HIS B 54 -10.09 18.35 43.12
C HIS B 54 -11.54 18.58 42.72
N PHE B 55 -12.38 17.59 43.00
CA PHE B 55 -13.82 17.68 42.71
C PHE B 55 -14.63 17.54 44.00
N LYS B 56 -15.58 18.44 44.20
CA LYS B 56 -16.41 18.43 45.39
C LYS B 56 -17.52 17.40 45.27
N VAL B 57 -17.66 16.56 46.30
CA VAL B 57 -18.73 15.57 46.37
C VAL B 57 -19.66 15.92 47.53
N LEU B 58 -20.96 15.82 47.29
CA LEU B 58 -21.96 16.16 48.30
C LEU B 58 -22.81 14.95 48.66
N ARG B 59 -23.32 14.97 49.90
CA ARG B 59 -24.24 13.96 50.39
C ARG B 59 -25.49 14.67 50.92
N ASP B 60 -26.65 14.38 50.35
CA ASP B 60 -27.88 15.06 50.74
C ASP B 60 -28.58 14.32 51.87
N GLY B 61 -29.72 14.86 52.30
CA GLY B 61 -30.42 14.37 53.48
C GLY B 61 -30.99 12.96 53.34
N ALA B 62 -30.93 12.40 52.13
CA ALA B 62 -31.39 11.04 51.90
C ALA B 62 -30.21 10.09 51.75
N GLY B 63 -29.00 10.61 51.95
CA GLY B 63 -27.79 9.82 51.85
C GLY B 63 -27.40 9.52 50.42
N LYS B 64 -27.87 10.33 49.48
CA LYS B 64 -27.51 10.19 48.07
C LYS B 64 -26.24 10.98 47.79
N TYR B 65 -25.34 10.39 47.00
CA TYR B 65 -24.08 11.03 46.64
C TYR B 65 -24.10 11.56 45.21
N PHE B 66 -23.44 12.69 44.99
CA PHE B 66 -23.34 13.27 43.66
C PHE B 66 -22.23 14.31 43.59
N LEU B 67 -21.64 14.46 42.41
CA LEU B 67 -20.65 15.49 42.16
C LEU B 67 -21.30 16.86 42.07
N GLY B 68 -20.59 17.88 42.54
CA GLY B 68 -21.05 19.24 42.40
C GLY B 68 -21.05 19.63 40.93
N VAL B 69 -21.97 20.54 40.57
CA VAL B 69 -22.07 21.02 39.19
C VAL B 69 -21.85 22.52 39.16
N VAL B 70 -21.32 23.01 38.04
CA VAL B 70 -21.13 24.44 37.84
C VAL B 70 -22.49 25.13 37.89
N LYS B 71 -22.51 26.36 38.40
CA LYS B 71 -23.76 27.10 38.57
C LYS B 71 -23.59 28.55 38.11
N PHE B 72 -24.64 29.10 37.50
CA PHE B 72 -24.54 30.36 36.76
C PHE B 72 -25.41 31.49 37.30
N ASN B 73 -25.02 32.71 36.98
CA ASN B 73 -25.71 33.90 37.44
C ASN B 73 -26.83 34.35 36.50
N SER B 74 -26.95 33.69 35.36
CA SER B 74 -27.93 34.06 34.35
C SER B 74 -28.16 32.96 33.34
N LEU B 75 -29.33 32.97 32.70
CA LEU B 75 -29.62 32.02 31.64
C LEU B 75 -28.66 32.23 30.47
N ASN B 76 -28.25 33.48 30.28
CA ASN B 76 -27.36 33.85 29.19
C ASN B 76 -26.00 33.17 29.32
N GLU B 77 -25.55 33.01 30.57
CA GLU B 77 -24.29 32.34 30.85
C GLU B 77 -24.47 30.82 30.87
N LEU B 78 -25.68 30.38 31.19
CA LEU B 78 -26.00 28.95 31.19
C LEU B 78 -25.98 28.39 29.78
N VAL B 79 -26.60 29.11 28.84
CA VAL B 79 -26.69 28.63 27.46
C VAL B 79 -25.32 28.67 26.78
N ASP B 80 -24.58 29.75 26.98
CA ASP B 80 -23.29 29.93 26.33
C ASP B 80 -22.28 28.89 26.81
N TYR B 81 -22.37 28.53 28.08
CA TYR B 81 -21.53 27.48 28.64
C TYR B 81 -21.84 26.15 27.97
N HIS B 82 -23.11 25.93 27.64
CA HIS B 82 -23.54 24.67 27.04
C HIS B 82 -23.44 24.72 25.51
N ARG B 83 -22.74 25.72 25.00
CA ARG B 83 -22.35 25.73 23.60
C ARG B 83 -21.07 24.92 23.42
N SER B 84 -20.32 24.78 24.50
CA SER B 84 -19.04 24.07 24.50
C SER B 84 -19.13 22.75 25.26
N THR B 85 -19.89 22.74 26.35
CA THR B 85 -20.10 21.53 27.15
C THR B 85 -21.48 20.95 26.87
N SER B 86 -21.54 19.64 26.67
CA SER B 86 -22.80 18.98 26.34
C SER B 86 -23.85 19.13 27.45
N VAL B 87 -25.11 19.27 27.06
CA VAL B 87 -26.21 19.38 28.02
C VAL B 87 -26.61 18.01 28.53
N SER B 88 -26.44 16.99 27.69
CA SER B 88 -26.77 15.62 28.06
C SER B 88 -25.57 14.91 28.67
N ARG B 89 -25.83 13.98 29.58
CA ARG B 89 -24.76 13.28 30.29
C ARG B 89 -24.12 12.22 29.40
N ASN B 90 -24.95 11.40 28.75
CA ASN B 90 -24.45 10.31 27.92
C ASN B 90 -24.25 10.73 26.47
N GLN B 91 -25.23 11.44 25.90
CA GLN B 91 -25.15 11.92 24.53
C GLN B 91 -24.36 13.21 24.44
N GLN B 92 -23.76 13.46 23.27
CA GLN B 92 -22.99 14.67 23.04
C GLN B 92 -23.84 15.71 22.29
N ILE B 93 -24.51 16.58 23.05
CA ILE B 93 -25.40 17.58 22.49
C ILE B 93 -24.97 18.99 22.90
N PHE B 94 -24.44 19.75 21.94
CA PHE B 94 -24.01 21.12 22.18
C PHE B 94 -25.01 22.09 21.56
N LEU B 95 -25.26 23.20 22.24
CA LEU B 95 -26.30 24.14 21.81
C LEU B 95 -25.86 24.98 20.62
N ARG B 96 -26.74 25.10 19.64
CA ARG B 96 -26.49 25.87 18.42
C ARG B 96 -27.65 26.83 18.14
N ASP B 97 -27.32 28.04 17.72
CA ASP B 97 -28.34 29.01 17.32
C ASP B 97 -29.27 28.41 16.27
N ILE B 98 -30.55 28.70 16.39
CA ILE B 98 -31.54 28.30 15.40
C ILE B 98 -31.17 28.88 14.04
N GLU B 99 -31.42 28.12 12.99
CA GLU B 99 -31.17 28.58 11.62
C GLU B 99 -32.49 28.91 10.94
N GLN B 100 -32.39 29.67 9.84
CA GLN B 100 -33.58 30.09 9.09
C GLN B 100 -34.40 31.09 9.89
N GLU C 1 14.49 9.07 32.10
CA GLU C 1 13.12 8.84 32.55
C GLU C 1 13.02 7.53 33.32
N MET C 2 12.10 7.48 34.28
CA MET C 2 11.86 6.29 35.08
C MET C 2 10.60 5.58 34.58
N LYS C 3 10.50 5.40 33.26
CA LYS C 3 9.29 4.86 32.65
C LYS C 3 9.54 4.10 31.34
N PRO C 4 9.59 2.76 31.43
CA PRO C 4 9.40 1.96 30.21
C PRO C 4 7.92 1.96 29.84
N HIS C 5 7.58 2.54 28.70
CA HIS C 5 6.18 2.76 28.34
C HIS C 5 5.39 1.45 28.27
N PRO C 6 4.35 1.31 29.12
CA PRO C 6 3.61 0.05 29.22
C PRO C 6 2.58 -0.15 28.11
N TRP C 7 2.60 0.71 27.09
CA TRP C 7 1.72 0.54 25.94
C TRP C 7 2.49 -0.02 24.73
N PHE C 8 3.81 0.10 24.76
CA PHE C 8 4.65 -0.43 23.68
C PHE C 8 4.97 -1.91 23.90
N PHE C 9 4.37 -2.77 23.08
CA PHE C 9 4.54 -4.22 23.19
C PHE C 9 5.45 -4.77 22.08
N GLY C 10 6.17 -3.88 21.41
CA GLY C 10 7.06 -4.29 20.33
C GLY C 10 6.38 -5.12 19.26
N LYS C 11 7.03 -6.19 18.83
CA LYS C 11 6.53 -7.05 17.77
C LYS C 11 5.68 -8.18 18.33
N ILE C 12 4.36 -8.07 18.16
CA ILE C 12 3.44 -9.10 18.63
C ILE C 12 2.35 -9.36 17.58
N PRO C 13 1.86 -10.60 17.50
CA PRO C 13 0.80 -10.91 16.53
C PRO C 13 -0.48 -10.10 16.78
N ARG C 14 -1.10 -9.66 15.69
CA ARG C 14 -2.37 -8.93 15.75
C ARG C 14 -3.41 -9.70 16.55
N ALA C 15 -3.48 -11.01 16.31
CA ALA C 15 -4.48 -11.86 16.94
C ALA C 15 -4.33 -11.88 18.46
N LYS C 16 -3.09 -11.77 18.93
CA LYS C 16 -2.82 -11.81 20.37
C LYS C 16 -3.10 -10.46 21.03
N ALA C 17 -2.92 -9.38 20.27
CA ALA C 17 -3.29 -8.06 20.75
C ALA C 17 -4.79 -8.02 20.99
N GLU C 18 -5.53 -8.69 20.11
CA GLU C 18 -6.99 -8.76 20.24
C GLU C 18 -7.39 -9.59 21.45
N GLU C 19 -6.66 -10.67 21.71
CA GLU C 19 -6.93 -11.54 22.86
C GLU C 19 -6.78 -10.78 24.17
N MET C 20 -5.64 -10.11 24.34
CA MET C 20 -5.35 -9.38 25.56
C MET C 20 -6.34 -8.25 25.78
N LEU C 21 -6.51 -7.40 24.77
CA LEU C 21 -7.39 -6.25 24.87
C LEU C 21 -8.85 -6.67 25.04
N SER C 22 -9.18 -7.88 24.58
CA SER C 22 -10.51 -8.43 24.76
C SER C 22 -10.77 -8.73 26.23
N LYS C 23 -9.69 -8.82 27.01
CA LYS C 23 -9.79 -9.13 28.43
C LYS C 23 -9.97 -7.87 29.27
N GLN C 24 -9.58 -6.72 28.72
CA GLN C 24 -9.72 -5.44 29.42
C GLN C 24 -11.19 -5.11 29.63
N ARG C 25 -11.48 -4.32 30.67
CA ARG C 25 -12.86 -3.99 31.01
C ARG C 25 -13.30 -2.67 30.39
N HIS C 26 -12.39 -1.71 30.31
CA HIS C 26 -12.72 -0.36 29.86
C HIS C 26 -12.48 -0.14 28.37
N ASP C 27 -13.26 0.76 27.79
CA ASP C 27 -13.03 1.22 26.42
C ASP C 27 -11.84 2.17 26.40
N GLY C 28 -10.98 2.02 25.40
CA GLY C 28 -9.83 2.89 25.24
C GLY C 28 -8.53 2.22 25.61
N ALA C 29 -8.61 1.06 26.27
CA ALA C 29 -7.43 0.28 26.60
C ALA C 29 -6.67 -0.07 25.32
N PHE C 30 -5.43 0.40 25.24
CA PHE C 30 -4.68 0.34 23.98
C PHE C 30 -3.30 -0.26 24.12
N LEU C 31 -2.62 -0.37 22.99
CA LEU C 31 -1.20 -0.72 22.95
C LEU C 31 -0.64 -0.36 21.58
N ILE C 32 0.62 0.04 21.55
CA ILE C 32 1.35 0.20 20.31
C ILE C 32 2.15 -1.07 20.06
N ARG C 33 2.11 -1.55 18.82
CA ARG C 33 2.87 -2.74 18.45
C ARG C 33 3.48 -2.56 17.07
N GLU C 34 4.65 -3.17 16.88
CA GLU C 34 5.31 -3.15 15.60
C GLU C 34 4.62 -4.14 14.66
N SER C 35 4.20 -3.65 13.50
CA SER C 35 3.37 -4.42 12.58
C SER C 35 4.15 -5.54 11.90
N GLU C 36 3.53 -6.71 11.80
CA GLU C 36 4.13 -7.86 11.13
C GLU C 36 3.71 -7.90 9.68
N SER C 37 2.52 -7.37 9.40
CA SER C 37 1.96 -7.39 8.05
C SER C 37 2.81 -6.54 7.12
N ALA C 38 3.42 -5.50 7.67
CA ALA C 38 4.31 -4.63 6.91
C ALA C 38 5.47 -4.16 7.80
N PRO C 39 6.72 -4.34 7.34
CA PRO C 39 7.85 -4.04 8.22
C PRO C 39 8.13 -2.55 8.37
N GLY C 40 8.48 -2.13 9.58
CA GLY C 40 8.81 -0.74 9.84
C GLY C 40 7.62 0.09 10.28
N ASP C 41 6.43 -0.47 10.16
CA ASP C 41 5.20 0.23 10.54
C ASP C 41 4.73 -0.15 11.94
N PHE C 42 4.21 0.84 12.64
CA PHE C 42 3.62 0.63 13.96
C PHE C 42 2.10 0.56 13.83
N SER C 43 1.47 -0.25 14.68
CA SER C 43 0.02 -0.39 14.67
C SER C 43 -0.56 -0.07 16.05
N LEU C 44 -1.72 0.56 16.05
CA LEU C 44 -2.41 0.92 17.28
C LEU C 44 -3.68 0.09 17.44
N SER C 45 -3.68 -0.77 18.46
CA SER C 45 -4.84 -1.61 18.77
C SER C 45 -5.56 -1.05 19.98
N VAL C 46 -6.87 -0.82 19.84
CA VAL C 46 -7.66 -0.23 20.91
C VAL C 46 -8.92 -1.04 21.21
N LYS C 47 -9.20 -1.21 22.49
CA LYS C 47 -10.39 -1.89 22.97
C LYS C 47 -11.59 -0.96 22.91
N PHE C 48 -12.69 -1.43 22.32
CA PHE C 48 -13.92 -0.65 22.25
C PHE C 48 -15.13 -1.54 22.11
N GLY C 49 -15.97 -1.56 23.14
CA GLY C 49 -17.16 -2.38 23.14
C GLY C 49 -16.81 -3.87 23.15
N ASN C 50 -17.31 -4.59 22.15
CA ASN C 50 -17.08 -6.03 22.07
C ASN C 50 -15.77 -6.39 21.39
N ASP C 51 -15.43 -5.66 20.33
CA ASP C 51 -14.27 -6.00 19.49
C ASP C 51 -13.09 -5.07 19.72
N VAL C 52 -11.96 -5.42 19.11
CA VAL C 52 -10.75 -4.61 19.16
C VAL C 52 -10.47 -4.01 17.79
N GLN C 53 -10.32 -2.69 17.74
CA GLN C 53 -10.04 -2.00 16.48
C GLN C 53 -8.54 -1.89 16.26
N HIS C 54 -8.15 -1.61 15.02
CA HIS C 54 -6.75 -1.51 14.66
C HIS C 54 -6.50 -0.32 13.73
N PHE C 55 -5.65 0.60 14.18
CA PHE C 55 -5.28 1.77 13.39
C PHE C 55 -3.83 1.68 12.94
N LYS C 56 -3.60 1.96 11.66
CA LYS C 56 -2.25 1.97 11.13
C LYS C 56 -1.61 3.33 11.32
N VAL C 57 -0.50 3.37 12.06
CA VAL C 57 0.25 4.60 12.25
C VAL C 57 0.97 4.93 10.95
N LEU C 58 0.68 6.10 10.40
CA LEU C 58 1.25 6.52 9.13
C LEU C 58 2.42 7.47 9.31
N ARG C 59 3.30 7.50 8.33
CA ARG C 59 4.38 8.50 8.27
C ARG C 59 4.23 9.32 7.00
N ASP C 60 4.50 10.62 7.10
CA ASP C 60 4.50 11.48 5.92
C ASP C 60 5.93 11.65 5.41
N GLY C 61 6.11 12.49 4.40
CA GLY C 61 7.40 12.71 3.80
C GLY C 61 8.42 13.26 4.77
N ALA C 62 7.95 13.94 5.81
CA ALA C 62 8.82 14.54 6.81
C ALA C 62 9.20 13.54 7.90
N GLY C 63 8.46 12.44 7.98
CA GLY C 63 8.71 11.41 8.96
C GLY C 63 7.84 11.54 10.20
N LYS C 64 6.93 12.51 10.18
CA LYS C 64 6.00 12.72 11.29
C LYS C 64 4.97 11.61 11.37
N TYR C 65 4.44 11.37 12.57
CA TYR C 65 3.41 10.34 12.78
C TYR C 65 2.00 10.93 12.77
N PHE C 66 1.06 10.18 12.21
CA PHE C 66 -0.35 10.56 12.26
C PHE C 66 -1.24 9.37 11.88
N LEU C 67 -2.53 9.47 12.18
CA LEU C 67 -3.45 8.36 12.00
C LEU C 67 -4.29 8.46 10.72
N GLY C 68 -4.02 9.49 9.92
CA GLY C 68 -4.65 9.63 8.61
C GLY C 68 -5.57 10.81 8.46
N VAL C 69 -6.08 11.00 7.25
CA VAL C 69 -7.02 12.07 6.93
C VAL C 69 -8.31 11.51 6.36
N VAL C 70 -9.35 12.35 6.31
CA VAL C 70 -10.65 11.97 5.77
C VAL C 70 -10.91 12.71 4.46
N LYS C 71 -10.94 11.99 3.34
CA LYS C 71 -11.06 12.60 2.03
C LYS C 71 -12.49 12.63 1.50
N PHE C 72 -12.83 13.72 0.81
CA PHE C 72 -14.12 13.87 0.18
C PHE C 72 -13.95 14.00 -1.34
N ASN C 73 -14.91 13.47 -2.09
CA ASN C 73 -14.85 13.47 -3.54
C ASN C 73 -15.02 14.89 -4.11
N SER C 74 -15.47 15.81 -3.26
CA SER C 74 -15.66 17.19 -3.67
C SER C 74 -15.50 18.12 -2.48
N LEU C 75 -15.14 19.37 -2.74
CA LEU C 75 -15.04 20.36 -1.68
C LEU C 75 -16.43 20.70 -1.17
N ASN C 76 -17.42 20.57 -2.04
CA ASN C 76 -18.81 20.80 -1.66
C ASN C 76 -19.26 19.81 -0.60
N GLU C 77 -18.78 18.58 -0.69
CA GLU C 77 -19.14 17.53 0.25
C GLU C 77 -18.35 17.65 1.55
N LEU C 78 -17.18 18.26 1.49
CA LEU C 78 -16.38 18.50 2.69
C LEU C 78 -17.07 19.55 3.55
N VAL C 79 -17.59 20.59 2.92
CA VAL C 79 -18.28 21.66 3.62
C VAL C 79 -19.58 21.15 4.21
N ASP C 80 -20.40 20.49 3.39
CA ASP C 80 -21.71 20.01 3.82
C ASP C 80 -21.59 19.02 4.97
N TYR C 81 -20.53 18.21 4.94
CA TYR C 81 -20.28 17.26 6.00
C TYR C 81 -19.98 17.99 7.30
N HIS C 82 -19.21 19.07 7.22
CA HIS C 82 -18.81 19.82 8.39
C HIS C 82 -19.87 20.85 8.81
N ARG C 83 -21.10 20.65 8.34
CA ARG C 83 -22.24 21.38 8.87
C ARG C 83 -22.82 20.63 10.07
N SER C 84 -22.66 19.31 10.06
CA SER C 84 -23.15 18.46 11.12
C SER C 84 -22.02 18.01 12.05
N THR C 85 -20.83 17.84 11.48
CA THR C 85 -19.65 17.44 12.24
C THR C 85 -18.72 18.64 12.42
N SER C 86 -18.04 18.71 13.56
CA SER C 86 -17.18 19.85 13.87
C SER C 86 -15.93 19.87 12.99
N VAL C 87 -15.45 21.07 12.66
CA VAL C 87 -14.24 21.23 11.88
C VAL C 87 -13.01 21.15 12.77
N SER C 88 -13.16 21.60 14.01
CA SER C 88 -12.09 21.55 15.01
C SER C 88 -12.30 20.37 15.95
N ARG C 89 -11.20 19.70 16.31
CA ARG C 89 -11.27 18.61 17.28
C ARG C 89 -11.05 19.16 18.70
N ASN C 90 -10.67 20.43 18.78
CA ASN C 90 -10.46 21.08 20.07
C ASN C 90 -11.75 21.70 20.57
N GLN C 91 -12.42 22.45 19.69
CA GLN C 91 -13.65 23.14 20.03
C GLN C 91 -14.80 22.65 19.15
N GLN C 92 -16.02 22.97 19.54
CA GLN C 92 -17.20 22.60 18.76
C GLN C 92 -17.55 23.73 17.77
N ILE C 93 -17.28 23.48 16.49
CA ILE C 93 -17.46 24.49 15.45
C ILE C 93 -18.13 23.89 14.23
N PHE C 94 -19.44 24.11 14.10
CA PHE C 94 -20.20 23.64 12.95
C PHE C 94 -20.42 24.78 11.96
N LEU C 95 -20.25 24.49 10.68
CA LEU C 95 -20.33 25.53 9.65
C LEU C 95 -21.78 25.91 9.35
N ARG C 96 -22.00 27.21 9.12
CA ARG C 96 -23.28 27.70 8.64
C ARG C 96 -23.06 28.82 7.64
N ASP C 97 -23.99 28.95 6.70
CA ASP C 97 -23.87 29.93 5.62
C ASP C 97 -23.77 31.36 6.14
N ILE C 98 -22.80 32.09 5.63
CA ILE C 98 -22.65 33.52 5.91
C ILE C 98 -23.93 34.27 5.55
N GLU C 99 -24.23 35.32 6.32
CA GLU C 99 -25.43 36.13 6.10
C GLU C 99 -25.06 37.59 5.82
N GLN C 100 -25.66 38.16 4.78
CA GLN C 100 -25.46 39.56 4.44
C GLN C 100 -26.56 40.42 5.05
N MET D 2 -27.14 23.88 -11.62
CA MET D 2 -25.74 24.32 -11.57
C MET D 2 -25.65 25.77 -11.10
N LYS D 3 -24.78 26.02 -10.12
CA LYS D 3 -24.61 27.35 -9.56
C LYS D 3 -23.23 27.48 -8.92
N PRO D 4 -22.65 28.68 -8.92
CA PRO D 4 -21.34 28.84 -8.27
C PRO D 4 -21.40 28.57 -6.77
N HIS D 5 -20.27 28.19 -6.19
CA HIS D 5 -20.18 27.98 -4.75
C HIS D 5 -20.24 29.34 -4.03
N PRO D 6 -21.29 29.59 -3.24
CA PRO D 6 -21.45 30.91 -2.62
C PRO D 6 -20.41 31.19 -1.54
N TRP D 7 -19.81 30.13 -0.99
CA TRP D 7 -18.84 30.28 0.08
C TRP D 7 -17.45 30.66 -0.43
N PHE D 8 -17.26 30.54 -1.74
CA PHE D 8 -15.93 30.73 -2.33
C PHE D 8 -15.65 32.19 -2.66
N PHE D 9 -14.60 32.74 -2.04
CA PHE D 9 -14.22 34.14 -2.23
C PHE D 9 -12.86 34.27 -2.91
N GLY D 10 -12.44 33.22 -3.61
CA GLY D 10 -11.19 33.25 -4.35
C GLY D 10 -9.98 33.45 -3.45
N LYS D 11 -9.07 34.33 -3.88
CA LYS D 11 -7.81 34.55 -3.18
C LYS D 11 -7.78 35.90 -2.46
N ILE D 12 -8.83 36.21 -1.71
CA ILE D 12 -8.83 37.42 -0.90
C ILE D 12 -7.86 37.25 0.28
N PRO D 13 -7.23 38.35 0.72
CA PRO D 13 -6.27 38.24 1.82
C PRO D 13 -6.89 37.66 3.09
N ARG D 14 -6.04 37.11 3.95
CA ARG D 14 -6.49 36.55 5.22
C ARG D 14 -7.18 37.63 6.05
N ALA D 15 -6.58 38.81 6.09
CA ALA D 15 -7.13 39.93 6.84
C ALA D 15 -8.51 40.32 6.33
N LYS D 16 -8.64 40.43 5.01
CA LYS D 16 -9.90 40.82 4.40
C LYS D 16 -11.00 39.82 4.71
N ALA D 17 -10.62 38.57 4.97
CA ALA D 17 -11.55 37.52 5.31
C ALA D 17 -11.90 37.53 6.79
N GLU D 18 -10.96 38.02 7.60
CA GLU D 18 -11.15 38.07 9.04
C GLU D 18 -12.07 39.22 9.44
N GLU D 19 -11.91 40.36 8.78
CA GLU D 19 -12.72 41.54 9.11
C GLU D 19 -14.16 41.34 8.63
N MET D 20 -14.32 40.56 7.56
CA MET D 20 -15.65 40.26 7.04
C MET D 20 -16.44 39.38 8.00
N LEU D 21 -15.85 38.26 8.39
CA LEU D 21 -16.53 37.28 9.24
C LEU D 21 -16.76 37.82 10.65
N SER D 22 -15.97 38.82 11.05
CA SER D 22 -16.11 39.43 12.36
C SER D 22 -17.46 40.13 12.52
N LYS D 23 -18.10 40.43 11.39
CA LYS D 23 -19.40 41.10 11.39
C LYS D 23 -20.54 40.11 11.61
N GLN D 24 -20.27 38.83 11.36
CA GLN D 24 -21.29 37.80 11.50
C GLN D 24 -21.66 37.58 12.96
N ARG D 25 -22.95 37.34 13.21
CA ARG D 25 -23.46 37.23 14.57
C ARG D 25 -23.41 35.79 15.08
N HIS D 26 -23.54 34.83 14.16
CA HIS D 26 -23.64 33.42 14.54
C HIS D 26 -22.31 32.69 14.36
N ASP D 27 -21.95 31.88 15.36
CA ASP D 27 -20.78 31.03 15.27
C ASP D 27 -20.99 30.03 14.13
N GLY D 28 -19.92 29.74 13.40
CA GLY D 28 -19.98 28.81 12.29
C GLY D 28 -19.94 29.50 10.93
N ALA D 29 -20.20 30.80 10.92
CA ALA D 29 -20.10 31.59 9.70
C ALA D 29 -18.72 31.42 9.10
N PHE D 30 -18.66 31.16 7.79
CA PHE D 30 -17.41 30.75 7.16
C PHE D 30 -17.29 31.18 5.71
N LEU D 31 -16.10 30.95 5.16
CA LEU D 31 -15.84 31.12 3.75
C LEU D 31 -14.58 30.35 3.40
N ILE D 32 -14.48 29.89 2.16
CA ILE D 32 -13.28 29.22 1.68
C ILE D 32 -12.54 30.12 0.71
N ARG D 33 -11.27 30.37 1.01
CA ARG D 33 -10.41 31.16 0.15
C ARG D 33 -9.20 30.33 -0.28
N GLU D 34 -8.43 30.86 -1.21
CA GLU D 34 -7.20 30.20 -1.64
C GLU D 34 -6.05 30.71 -0.79
N SER D 35 -5.19 29.79 -0.35
CA SER D 35 -4.13 30.10 0.59
C SER D 35 -3.11 31.09 0.03
N GLU D 36 -2.70 32.05 0.86
CA GLU D 36 -1.67 33.01 0.48
C GLU D 36 -0.28 32.41 0.64
N SER D 37 -0.12 31.58 1.66
CA SER D 37 1.18 31.02 2.01
C SER D 37 1.58 29.85 1.11
N ALA D 38 0.67 28.88 0.97
CA ALA D 38 0.95 27.67 0.21
C ALA D 38 0.12 27.63 -1.08
N PRO D 39 0.77 27.82 -2.24
CA PRO D 39 0.00 27.80 -3.50
C PRO D 39 -0.60 26.43 -3.79
N GLY D 40 -1.90 26.40 -4.07
CA GLY D 40 -2.60 25.16 -4.36
C GLY D 40 -3.53 24.76 -3.22
N ASP D 41 -3.20 25.19 -2.01
CA ASP D 41 -4.02 24.88 -0.85
C ASP D 41 -5.19 25.84 -0.72
N PHE D 42 -6.26 25.36 -0.10
CA PHE D 42 -7.42 26.19 0.23
C PHE D 42 -7.47 26.40 1.74
N SER D 43 -7.88 27.61 2.15
CA SER D 43 -7.94 27.96 3.56
C SER D 43 -9.39 28.18 3.99
N LEU D 44 -9.76 27.53 5.09
CA LEU D 44 -11.12 27.59 5.62
C LEU D 44 -11.21 28.52 6.82
N SER D 45 -11.72 29.73 6.59
CA SER D 45 -11.92 30.70 7.67
C SER D 45 -13.30 30.50 8.29
N VAL D 46 -13.40 30.67 9.60
CA VAL D 46 -14.66 30.45 10.29
C VAL D 46 -14.79 31.29 11.56
N LYS D 47 -16.00 31.78 11.80
CA LYS D 47 -16.31 32.63 12.95
C LYS D 47 -16.50 31.80 14.23
N PHE D 48 -15.89 32.26 15.32
CA PHE D 48 -16.05 31.60 16.61
C PHE D 48 -15.57 32.51 17.75
N GLY D 49 -16.51 33.00 18.55
CA GLY D 49 -16.19 33.89 19.65
C GLY D 49 -16.00 35.32 19.19
N ASN D 50 -14.81 35.87 19.44
CA ASN D 50 -14.46 37.21 18.98
C ASN D 50 -13.25 37.18 18.05
N ASP D 51 -13.05 36.05 17.39
CA ASP D 51 -11.94 35.87 16.47
C ASP D 51 -12.32 34.92 15.34
N VAL D 52 -11.43 34.79 14.36
CA VAL D 52 -11.64 33.92 13.22
C VAL D 52 -10.56 32.84 13.16
N GLN D 53 -10.99 31.58 13.26
CA GLN D 53 -10.08 30.46 13.16
C GLN D 53 -9.87 30.05 11.71
N HIS D 54 -8.65 29.63 11.39
CA HIS D 54 -8.29 29.25 10.02
C HIS D 54 -7.85 27.79 9.96
N PHE D 55 -8.45 27.04 9.04
CA PHE D 55 -8.12 25.63 8.84
C PHE D 55 -7.62 25.41 7.42
N LYS D 56 -6.54 24.63 7.29
CA LYS D 56 -5.96 24.34 5.99
C LYS D 56 -6.68 23.20 5.30
N VAL D 57 -6.96 23.38 4.01
CA VAL D 57 -7.61 22.37 3.19
C VAL D 57 -6.73 22.02 2.00
N LEU D 58 -6.51 20.73 1.79
CA LEU D 58 -5.64 20.26 0.71
C LEU D 58 -6.45 19.56 -0.38
N ARG D 59 -5.90 19.59 -1.58
CA ARG D 59 -6.43 18.85 -2.72
C ARG D 59 -5.33 17.92 -3.22
N ASP D 60 -5.65 16.63 -3.35
CA ASP D 60 -4.65 15.64 -3.73
C ASP D 60 -4.65 15.39 -5.23
N GLY D 61 -3.86 14.41 -5.66
CA GLY D 61 -3.65 14.14 -7.07
C GLY D 61 -4.88 13.68 -7.82
N ALA D 62 -5.89 13.20 -7.10
CA ALA D 62 -7.14 12.76 -7.72
C ALA D 62 -8.22 13.83 -7.58
N GLY D 63 -7.85 15.00 -7.06
CA GLY D 63 -8.79 16.09 -6.89
C GLY D 63 -9.69 15.90 -5.68
N LYS D 64 -9.29 15.03 -4.77
CA LYS D 64 -10.04 14.79 -3.53
C LYS D 64 -9.68 15.85 -2.50
N TYR D 65 -10.64 16.22 -1.65
CA TYR D 65 -10.44 17.26 -0.64
C TYR D 65 -10.45 16.69 0.76
N PHE D 66 -9.58 17.22 1.62
CA PHE D 66 -9.53 16.79 3.01
C PHE D 66 -8.92 17.86 3.91
N LEU D 67 -9.38 17.90 5.15
CA LEU D 67 -8.86 18.83 6.14
C LEU D 67 -7.49 18.35 6.63
N GLY D 68 -6.60 19.29 6.89
CA GLY D 68 -5.28 18.97 7.39
C GLY D 68 -5.37 18.45 8.82
N VAL D 69 -4.51 17.48 9.15
CA VAL D 69 -4.48 16.91 10.49
C VAL D 69 -3.15 17.20 11.18
N VAL D 70 -3.19 17.30 12.50
CA VAL D 70 -1.99 17.52 13.29
C VAL D 70 -1.01 16.36 13.15
N LYS D 71 0.28 16.69 13.09
CA LYS D 71 1.34 15.71 12.96
C LYS D 71 2.13 15.60 14.26
N PHE D 72 2.93 14.55 14.39
CA PHE D 72 3.66 14.30 15.64
C PHE D 72 5.10 13.83 15.40
N ASN D 73 6.00 14.28 16.25
CA ASN D 73 7.42 13.94 16.14
C ASN D 73 7.76 12.56 16.70
N SER D 74 6.81 11.96 17.40
CA SER D 74 7.07 10.69 18.08
C SER D 74 5.78 9.95 18.40
N LEU D 75 5.88 8.63 18.53
CA LEU D 75 4.74 7.81 18.94
C LEU D 75 4.30 8.24 20.33
N ASN D 76 5.26 8.72 21.12
CA ASN D 76 4.98 9.21 22.46
C ASN D 76 4.00 10.37 22.44
N GLU D 77 4.25 11.34 21.56
CA GLU D 77 3.39 12.51 21.44
C GLU D 77 2.07 12.18 20.76
N LEU D 78 2.08 11.21 19.86
CA LEU D 78 0.86 10.75 19.22
C LEU D 78 -0.06 10.10 20.26
N VAL D 79 0.49 9.15 21.02
CA VAL D 79 -0.29 8.43 22.02
C VAL D 79 -0.88 9.39 23.06
N ASP D 80 -0.03 10.24 23.64
CA ASP D 80 -0.46 11.17 24.68
C ASP D 80 -1.54 12.12 24.17
N TYR D 81 -1.33 12.63 22.96
CA TYR D 81 -2.29 13.52 22.33
C TYR D 81 -3.67 12.88 22.25
N HIS D 82 -3.70 11.60 21.92
CA HIS D 82 -4.96 10.90 21.72
C HIS D 82 -5.54 10.34 23.03
N ARG D 83 -4.98 10.77 24.15
CA ARG D 83 -5.56 10.43 25.45
C ARG D 83 -6.74 11.36 25.75
N SER D 84 -6.74 12.55 25.14
CA SER D 84 -7.79 13.53 25.34
C SER D 84 -8.58 13.77 24.05
N THR D 85 -7.90 13.66 22.90
CA THR D 85 -8.55 13.78 21.61
C THR D 85 -8.86 12.39 21.06
N SER D 86 -10.07 12.18 20.57
CA SER D 86 -10.49 10.86 20.10
C SER D 86 -9.64 10.37 18.94
N VAL D 87 -9.38 9.06 18.93
CA VAL D 87 -8.61 8.45 17.85
C VAL D 87 -9.50 8.14 16.64
N SER D 88 -10.81 8.21 16.84
CA SER D 88 -11.77 7.83 15.81
C SER D 88 -12.60 9.01 15.31
N ARG D 89 -12.75 9.06 14.00
CA ARG D 89 -13.66 10.01 13.35
C ARG D 89 -15.07 9.82 13.85
N ASN D 90 -15.48 8.57 13.98
CA ASN D 90 -16.85 8.21 14.32
C ASN D 90 -17.17 8.31 15.80
N GLN D 91 -16.50 7.46 16.59
CA GLN D 91 -16.87 7.24 17.98
C GLN D 91 -15.91 7.96 18.94
N GLN D 92 -16.37 8.18 20.17
CA GLN D 92 -15.56 8.82 21.19
C GLN D 92 -14.63 7.81 21.85
N ILE D 93 -13.47 7.61 21.22
CA ILE D 93 -12.49 6.64 21.71
C ILE D 93 -11.22 7.35 22.17
N PHE D 94 -11.04 7.42 23.49
CA PHE D 94 -9.85 8.03 24.07
C PHE D 94 -8.94 6.97 24.65
N LEU D 95 -7.63 7.14 24.46
CA LEU D 95 -6.65 6.16 24.91
C LEU D 95 -6.44 6.23 26.42
N ARG D 96 -6.32 5.06 27.04
CA ARG D 96 -6.03 4.96 28.46
C ARG D 96 -5.21 3.70 28.74
N ASP D 97 -4.27 3.81 29.67
CA ASP D 97 -3.34 2.72 29.96
C ASP D 97 -4.05 1.41 30.30
N ILE D 98 -3.49 0.31 29.83
CA ILE D 98 -3.97 -1.03 30.15
C ILE D 98 -4.06 -1.20 31.67
N GLU D 99 -5.09 -1.91 32.12
CA GLU D 99 -5.27 -2.18 33.55
C GLU D 99 -5.05 -3.66 33.84
N GLN D 100 -4.44 -3.94 35.00
CA GLN D 100 -4.16 -5.31 35.40
C GLN D 100 -5.45 -6.08 35.68
N GLU E 1 7.69 -10.83 -11.11
CA GLU E 1 9.05 -11.33 -11.32
C GLU E 1 9.09 -12.86 -11.35
N MET E 2 7.98 -13.50 -10.98
CA MET E 2 7.90 -14.95 -10.92
C MET E 2 6.49 -15.44 -11.19
N LYS E 3 6.39 -16.50 -12.00
CA LYS E 3 5.10 -17.01 -12.47
C LYS E 3 4.65 -18.23 -11.69
N PRO E 4 3.41 -18.72 -11.97
CA PRO E 4 2.88 -19.93 -11.32
C PRO E 4 3.70 -21.18 -11.63
N HIS E 5 3.45 -22.26 -10.90
CA HIS E 5 4.16 -23.52 -11.11
C HIS E 5 3.38 -24.43 -12.05
N PRO E 6 4.04 -24.94 -13.11
CA PRO E 6 3.34 -25.75 -14.11
C PRO E 6 3.01 -27.17 -13.64
N TRP E 7 3.49 -27.56 -12.45
CA TRP E 7 3.31 -28.93 -11.98
C TRP E 7 2.12 -29.11 -11.05
N PHE E 8 1.42 -28.02 -10.73
CA PHE E 8 0.25 -28.09 -9.86
C PHE E 8 -1.04 -28.14 -10.67
N PHE E 9 -1.70 -29.30 -10.67
CA PHE E 9 -2.89 -29.53 -11.48
C PHE E 9 -4.17 -29.64 -10.65
N GLY E 10 -4.07 -29.38 -9.35
CA GLY E 10 -5.23 -29.41 -8.47
C GLY E 10 -5.93 -30.75 -8.47
N LYS E 11 -7.25 -30.73 -8.34
CA LYS E 11 -8.03 -31.97 -8.27
C LYS E 11 -8.42 -32.47 -9.66
N ILE E 12 -7.60 -33.37 -10.19
CA ILE E 12 -7.92 -34.06 -11.44
C ILE E 12 -8.00 -35.57 -11.16
N PRO E 13 -8.90 -36.27 -11.87
CA PRO E 13 -9.06 -37.71 -11.62
C PRO E 13 -7.75 -38.50 -11.77
N ARG E 14 -7.68 -39.67 -11.14
CA ARG E 14 -6.50 -40.50 -11.20
C ARG E 14 -6.26 -41.02 -12.62
N ALA E 15 -7.34 -41.12 -13.38
CA ALA E 15 -7.26 -41.61 -14.76
C ALA E 15 -6.75 -40.53 -15.69
N LYS E 16 -7.25 -39.31 -15.52
CA LYS E 16 -6.84 -38.18 -16.36
C LYS E 16 -5.35 -37.92 -16.22
N ALA E 17 -4.82 -38.15 -15.02
CA ALA E 17 -3.40 -37.96 -14.76
C ALA E 17 -2.58 -38.96 -15.56
N GLU E 18 -3.10 -40.18 -15.70
CA GLU E 18 -2.41 -41.24 -16.41
C GLU E 18 -2.47 -41.04 -17.92
N GLU E 19 -3.54 -40.41 -18.40
CA GLU E 19 -3.70 -40.14 -19.82
C GLU E 19 -2.63 -39.17 -20.31
N MET E 20 -2.42 -38.08 -19.58
CA MET E 20 -1.47 -37.05 -19.97
C MET E 20 -0.04 -37.54 -19.88
N LEU E 21 0.33 -38.13 -18.75
CA LEU E 21 1.70 -38.55 -18.51
C LEU E 21 2.13 -39.68 -19.45
N SER E 22 1.16 -40.48 -19.90
CA SER E 22 1.45 -41.53 -20.86
C SER E 22 1.81 -40.92 -22.22
N LYS E 23 1.19 -39.78 -22.51
CA LYS E 23 1.44 -39.07 -23.77
C LYS E 23 2.53 -38.01 -23.59
N GLN E 24 3.59 -38.39 -22.88
CA GLN E 24 4.73 -37.50 -22.65
C GLN E 24 6.01 -38.10 -23.21
N ARG E 25 7.04 -37.27 -23.34
CA ARG E 25 8.29 -37.68 -23.96
C ARG E 25 9.19 -38.48 -23.01
N HIS E 26 9.70 -37.80 -21.99
CA HIS E 26 10.79 -38.33 -21.17
C HIS E 26 10.30 -38.90 -19.84
N ASP E 27 11.18 -39.67 -19.19
CA ASP E 27 10.91 -40.21 -17.86
C ASP E 27 11.20 -39.15 -16.80
N GLY E 28 10.22 -38.89 -15.94
CA GLY E 28 10.33 -37.87 -14.93
C GLY E 28 9.22 -36.84 -15.04
N ALA E 29 8.48 -36.90 -16.15
CA ALA E 29 7.33 -36.02 -16.34
C ALA E 29 6.35 -36.22 -15.20
N PHE E 30 6.14 -35.16 -14.41
CA PHE E 30 5.37 -35.28 -13.17
C PHE E 30 4.33 -34.18 -13.02
N LEU E 31 3.52 -34.31 -11.97
CA LEU E 31 2.56 -33.30 -11.57
C LEU E 31 2.05 -33.61 -10.18
N ILE E 32 1.65 -32.58 -9.45
CA ILE E 32 1.01 -32.74 -8.15
C ILE E 32 -0.50 -32.58 -8.31
N ARG E 33 -1.24 -33.66 -8.07
CA ARG E 33 -2.70 -33.61 -8.10
C ARG E 33 -3.25 -33.82 -6.70
N GLU E 34 -4.45 -33.29 -6.46
CA GLU E 34 -5.10 -33.43 -5.16
C GLU E 34 -5.98 -34.67 -5.15
N SER E 35 -5.63 -35.63 -4.30
CA SER E 35 -6.29 -36.92 -4.26
C SER E 35 -7.78 -36.80 -3.96
N GLU E 36 -8.61 -37.24 -4.90
CA GLU E 36 -10.05 -37.30 -4.69
C GLU E 36 -10.40 -38.57 -3.93
N SER E 37 -9.42 -39.46 -3.79
CA SER E 37 -9.60 -40.70 -3.04
C SER E 37 -9.36 -40.47 -1.54
N ALA E 38 -8.43 -39.56 -1.24
CA ALA E 38 -8.09 -39.23 0.14
C ALA E 38 -8.06 -37.71 0.32
N PRO E 39 -9.23 -37.11 0.62
CA PRO E 39 -9.37 -35.65 0.79
C PRO E 39 -8.31 -35.02 1.69
N GLY E 40 -7.81 -33.86 1.29
CA GLY E 40 -6.82 -33.13 2.06
C GLY E 40 -5.40 -33.46 1.67
N ASP E 41 -5.22 -34.58 0.98
CA ASP E 41 -3.88 -35.07 0.62
C ASP E 41 -3.55 -34.83 -0.85
N PHE E 42 -2.25 -34.79 -1.13
CA PHE E 42 -1.75 -34.63 -2.50
C PHE E 42 -1.15 -35.94 -3.00
N SER E 43 -1.17 -36.12 -4.32
CA SER E 43 -0.58 -37.29 -4.96
C SER E 43 0.36 -36.87 -6.08
N LEU E 44 1.49 -37.55 -6.17
CA LEU E 44 2.49 -37.26 -7.19
C LEU E 44 2.55 -38.37 -8.23
N SER E 45 2.06 -38.08 -9.43
CA SER E 45 2.12 -39.02 -10.56
C SER E 45 3.37 -38.75 -11.37
N VAL E 46 4.07 -39.81 -11.77
CA VAL E 46 5.30 -39.68 -12.53
C VAL E 46 5.38 -40.76 -13.62
N LYS E 47 5.94 -40.38 -14.77
CA LYS E 47 6.19 -41.33 -15.85
C LYS E 47 7.63 -41.84 -15.81
N PHE E 48 7.78 -43.15 -15.83
CA PHE E 48 9.11 -43.78 -15.85
C PHE E 48 9.02 -45.10 -16.61
N GLY E 49 9.36 -45.06 -17.90
CA GLY E 49 9.21 -46.19 -18.78
C GLY E 49 8.08 -45.91 -19.77
N ASN E 50 6.88 -46.35 -19.41
CA ASN E 50 5.68 -45.99 -20.15
C ASN E 50 4.45 -45.95 -19.24
N ASP E 51 4.50 -46.69 -18.14
CA ASP E 51 3.45 -46.66 -17.14
C ASP E 51 3.47 -45.33 -16.36
N VAL E 52 2.66 -45.24 -15.32
CA VAL E 52 2.63 -44.07 -14.46
C VAL E 52 2.68 -44.49 -13.00
N GLN E 53 3.77 -44.12 -12.32
CA GLN E 53 3.93 -44.39 -10.90
C GLN E 53 3.35 -43.25 -10.07
N HIS E 54 2.43 -43.60 -9.18
CA HIS E 54 1.80 -42.62 -8.30
C HIS E 54 2.40 -42.70 -6.90
N PHE E 55 2.68 -41.53 -6.32
CA PHE E 55 3.25 -41.44 -4.99
C PHE E 55 2.33 -40.65 -4.06
N LYS E 56 1.93 -41.27 -2.96
CA LYS E 56 1.12 -40.59 -1.96
C LYS E 56 1.98 -39.67 -1.12
N VAL E 57 1.68 -38.38 -1.14
CA VAL E 57 2.40 -37.41 -0.32
C VAL E 57 1.95 -37.56 1.13
N LEU E 58 2.89 -37.46 2.06
CA LEU E 58 2.60 -37.65 3.47
C LEU E 58 2.96 -36.41 4.27
N ARG E 59 2.20 -36.17 5.34
CA ARG E 59 2.52 -35.13 6.31
C ARG E 59 2.91 -35.80 7.63
N ASP E 60 3.89 -35.20 8.32
CA ASP E 60 4.31 -35.70 9.62
C ASP E 60 3.58 -34.94 10.73
N GLY E 61 4.01 -35.14 11.97
CA GLY E 61 3.38 -34.48 13.11
C GLY E 61 3.54 -32.98 13.07
N ALA E 62 4.67 -32.51 12.55
CA ALA E 62 4.92 -31.07 12.43
C ALA E 62 4.27 -30.51 11.17
N GLY E 63 3.73 -31.39 10.32
CA GLY E 63 3.04 -30.99 9.12
C GLY E 63 3.97 -30.81 7.93
N LYS E 64 5.18 -31.37 8.02
CA LYS E 64 6.15 -31.27 6.94
C LYS E 64 5.95 -32.39 5.93
N TYR E 65 6.33 -32.14 4.68
CA TYR E 65 6.06 -33.06 3.58
C TYR E 65 7.22 -34.01 3.32
N PHE E 66 6.88 -35.23 2.91
CA PHE E 66 7.86 -36.24 2.51
C PHE E 66 7.16 -37.41 1.84
N LEU E 67 7.93 -38.25 1.16
CA LEU E 67 7.36 -39.36 0.38
C LEU E 67 7.38 -40.70 1.11
N GLY E 68 7.75 -40.67 2.40
CA GLY E 68 7.66 -41.83 3.25
C GLY E 68 9.00 -42.41 3.66
N VAL E 69 8.95 -43.61 4.24
CA VAL E 69 10.12 -44.29 4.74
C VAL E 69 10.06 -45.77 4.40
N VAL E 70 11.18 -46.48 4.57
CA VAL E 70 11.21 -47.93 4.38
C VAL E 70 11.40 -48.60 5.74
N LYS E 71 10.40 -49.40 6.13
CA LYS E 71 10.38 -50.03 7.44
C LYS E 71 10.76 -51.51 7.38
N PHE E 72 11.60 -51.92 8.32
CA PHE E 72 12.05 -53.31 8.42
C PHE E 72 11.56 -53.93 9.72
N ASN E 73 11.36 -55.25 9.72
CA ASN E 73 10.84 -55.94 10.89
C ASN E 73 11.87 -56.06 12.01
N SER E 74 13.11 -55.67 11.73
CA SER E 74 14.17 -55.76 12.73
C SER E 74 15.34 -54.85 12.39
N LEU E 75 16.09 -54.49 13.42
CA LEU E 75 17.30 -53.68 13.26
C LEU E 75 18.36 -54.46 12.47
N ASN E 76 18.18 -55.77 12.36
CA ASN E 76 19.10 -56.63 11.63
C ASN E 76 18.79 -56.65 10.13
N GLU E 77 17.51 -56.72 9.80
CA GLU E 77 17.09 -56.70 8.40
C GLU E 77 17.39 -55.33 7.78
N LEU E 78 17.46 -54.30 8.61
CA LEU E 78 17.74 -52.95 8.14
C LEU E 78 19.20 -52.81 7.72
N VAL E 79 20.11 -53.26 8.59
CA VAL E 79 21.53 -53.12 8.30
C VAL E 79 21.94 -53.99 7.10
N ASP E 80 21.37 -55.18 7.00
CA ASP E 80 21.67 -56.07 5.89
C ASP E 80 21.16 -55.49 4.57
N TYR E 81 20.03 -54.81 4.63
CA TYR E 81 19.45 -54.17 3.46
C TYR E 81 20.38 -53.07 2.93
N HIS E 82 21.07 -52.41 3.85
CA HIS E 82 21.97 -51.32 3.51
C HIS E 82 23.42 -51.78 3.35
N ARG E 83 23.64 -53.08 3.25
CA ARG E 83 24.97 -53.62 2.95
C ARG E 83 25.26 -53.51 1.46
N SER E 84 24.20 -53.31 0.67
CA SER E 84 24.33 -53.13 -0.77
C SER E 84 23.65 -51.84 -1.24
N THR E 85 22.74 -51.33 -0.41
CA THR E 85 22.13 -50.02 -0.66
C THR E 85 22.80 -48.96 0.20
N SER E 86 22.96 -47.77 -0.37
CA SER E 86 23.60 -46.67 0.34
C SER E 86 22.71 -46.18 1.48
N VAL E 87 23.32 -45.88 2.61
CA VAL E 87 22.60 -45.33 3.75
C VAL E 87 22.37 -43.84 3.54
N SER E 88 23.32 -43.20 2.86
CA SER E 88 23.18 -41.81 2.43
C SER E 88 22.68 -41.78 1.00
N ARG E 89 21.68 -40.94 0.74
CA ARG E 89 21.15 -40.82 -0.62
C ARG E 89 21.91 -39.75 -1.41
N ASN E 90 23.03 -39.32 -0.84
CA ASN E 90 23.93 -38.38 -1.51
C ASN E 90 25.26 -39.07 -1.84
N GLN E 91 26.00 -39.44 -0.81
CA GLN E 91 27.24 -40.19 -0.97
C GLN E 91 26.96 -41.69 -0.91
N GLN E 92 27.66 -42.46 -1.72
CA GLN E 92 27.47 -43.90 -1.75
C GLN E 92 28.17 -44.57 -0.58
N ILE E 93 27.39 -45.03 0.40
CA ILE E 93 27.94 -45.61 1.62
C ILE E 93 27.23 -46.92 1.98
N PHE E 94 27.93 -48.03 1.77
CA PHE E 94 27.40 -49.35 2.11
C PHE E 94 27.86 -49.75 3.52
N LEU E 95 26.98 -50.40 4.25
CA LEU E 95 27.33 -50.89 5.58
C LEU E 95 28.26 -52.09 5.46
N ARG E 96 29.27 -52.14 6.32
CA ARG E 96 30.34 -53.11 6.20
C ARG E 96 30.89 -53.45 7.59
N ASP E 97 31.15 -54.73 7.83
CA ASP E 97 31.57 -55.19 9.15
C ASP E 97 32.87 -54.55 9.63
N ILE E 98 32.81 -53.95 10.81
CA ILE E 98 33.97 -53.31 11.43
C ILE E 98 35.08 -54.34 11.70
N GLU E 99 36.28 -54.01 11.23
CA GLU E 99 37.41 -54.94 11.31
C GLU E 99 38.29 -54.67 12.55
N GLN E 100 38.97 -55.72 13.01
CA GLN E 100 39.84 -55.64 14.18
C GLN E 100 41.31 -55.60 13.76
N LYS F 3 25.06 -65.99 18.06
CA LYS F 3 25.49 -64.90 18.91
C LYS F 3 24.56 -63.70 18.76
N PRO F 4 24.68 -62.71 19.66
CA PRO F 4 23.90 -61.47 19.55
C PRO F 4 24.42 -60.58 18.43
N HIS F 5 23.75 -59.45 18.19
CA HIS F 5 24.18 -58.50 17.17
C HIS F 5 25.56 -57.94 17.51
N PRO F 6 26.59 -58.31 16.73
CA PRO F 6 27.94 -57.86 17.09
C PRO F 6 28.16 -56.36 16.85
N TRP F 7 27.39 -55.78 15.95
CA TRP F 7 27.52 -54.37 15.60
C TRP F 7 26.90 -53.46 16.66
N PHE F 8 26.15 -54.04 17.59
CA PHE F 8 25.44 -53.27 18.61
C PHE F 8 26.35 -52.93 19.79
N PHE F 9 26.49 -51.64 20.07
CA PHE F 9 27.34 -51.17 21.15
C PHE F 9 26.56 -50.47 22.26
N GLY F 10 25.24 -50.68 22.29
CA GLY F 10 24.41 -50.06 23.31
C GLY F 10 24.50 -48.55 23.27
N LYS F 11 24.63 -47.93 24.44
CA LYS F 11 24.71 -46.48 24.54
C LYS F 11 26.14 -46.00 24.79
N ILE F 12 27.00 -46.19 23.79
CA ILE F 12 28.33 -45.59 23.83
C ILE F 12 28.21 -44.10 23.54
N PRO F 13 29.15 -43.29 24.06
CA PRO F 13 29.10 -41.87 23.72
C PRO F 13 29.37 -41.63 22.24
N ARG F 14 28.82 -40.55 21.69
CA ARG F 14 28.98 -40.22 20.28
C ARG F 14 30.45 -40.03 19.93
N ALA F 15 31.18 -39.33 20.79
CA ALA F 15 32.60 -39.11 20.61
C ALA F 15 33.36 -40.42 20.60
N LYS F 16 32.98 -41.31 21.52
CA LYS F 16 33.60 -42.64 21.60
C LYS F 16 33.37 -43.42 20.31
N ALA F 17 32.16 -43.32 19.78
CA ALA F 17 31.79 -44.02 18.56
C ALA F 17 32.62 -43.53 17.37
N GLU F 18 32.98 -42.27 17.39
CA GLU F 18 33.76 -41.68 16.30
C GLU F 18 35.20 -42.16 16.35
N GLU F 19 35.78 -42.19 17.54
CA GLU F 19 37.17 -42.62 17.73
C GLU F 19 37.37 -44.08 17.33
N MET F 20 36.46 -44.94 17.76
CA MET F 20 36.53 -46.36 17.45
C MET F 20 36.41 -46.59 15.94
N LEU F 21 35.48 -45.86 15.32
CA LEU F 21 35.24 -46.01 13.89
C LEU F 21 36.25 -45.22 13.06
N SER F 22 36.92 -44.26 13.69
CA SER F 22 37.93 -43.46 13.00
C SER F 22 39.06 -44.33 12.48
N LYS F 23 39.62 -45.14 13.36
CA LYS F 23 40.71 -46.03 12.99
C LYS F 23 40.18 -47.27 12.28
N GLN F 24 39.83 -47.10 11.01
CA GLN F 24 39.35 -48.20 10.18
C GLN F 24 39.85 -48.02 8.75
N ARG F 25 40.05 -49.13 8.05
CA ARG F 25 40.60 -49.09 6.71
C ARG F 25 39.52 -48.84 5.66
N HIS F 26 38.43 -49.62 5.74
CA HIS F 26 37.41 -49.60 4.71
C HIS F 26 36.29 -48.61 5.02
N ASP F 27 35.91 -47.83 4.01
CA ASP F 27 34.74 -46.97 4.10
C ASP F 27 33.50 -47.85 4.17
N GLY F 28 32.69 -47.66 5.21
CA GLY F 28 31.47 -48.43 5.40
C GLY F 28 31.45 -49.14 6.73
N ALA F 29 32.57 -49.11 7.45
CA ALA F 29 32.64 -49.70 8.79
C ALA F 29 31.60 -49.03 9.69
N PHE F 30 30.72 -49.82 10.27
CA PHE F 30 29.57 -49.28 10.99
C PHE F 30 29.33 -49.91 12.36
N LEU F 31 28.54 -49.23 13.18
CA LEU F 31 28.02 -49.77 14.42
C LEU F 31 26.70 -49.07 14.74
N ILE F 32 25.80 -49.78 15.42
CA ILE F 32 24.55 -49.17 15.90
C ILE F 32 24.67 -48.91 17.40
N ARG F 33 24.33 -47.69 17.80
CA ARG F 33 24.38 -47.29 19.19
C ARG F 33 23.10 -46.58 19.59
N GLU F 34 22.69 -46.74 20.84
CA GLU F 34 21.53 -46.02 21.36
C GLU F 34 21.85 -44.54 21.41
N SER F 35 20.88 -43.72 21.03
CA SER F 35 21.11 -42.29 20.85
C SER F 35 21.40 -41.57 22.17
N GLU F 36 22.13 -40.48 22.07
CA GLU F 36 22.46 -39.65 23.23
C GLU F 36 21.33 -38.68 23.55
N SER F 37 20.89 -37.96 22.53
CA SER F 37 19.96 -36.84 22.71
C SER F 37 18.52 -37.19 22.37
N ALA F 38 18.23 -38.49 22.24
CA ALA F 38 16.89 -38.92 21.88
C ALA F 38 16.63 -40.34 22.38
N PRO F 39 16.13 -40.47 23.62
CA PRO F 39 15.84 -41.81 24.15
C PRO F 39 14.80 -42.54 23.32
N GLY F 40 15.06 -43.81 23.02
CA GLY F 40 14.18 -44.60 22.18
C GLY F 40 14.71 -44.73 20.76
N ASP F 41 15.47 -43.73 20.32
CA ASP F 41 16.06 -43.74 18.99
C ASP F 41 17.44 -44.39 18.99
N PHE F 42 17.77 -45.01 17.86
CA PHE F 42 19.08 -45.60 17.65
C PHE F 42 19.88 -44.73 16.67
N SER F 43 21.20 -44.77 16.79
CA SER F 43 22.07 -43.97 15.92
C SER F 43 23.04 -44.86 15.15
N LEU F 44 23.02 -44.71 13.83
CA LEU F 44 23.91 -45.46 12.95
C LEU F 44 25.14 -44.62 12.59
N SER F 45 26.29 -45.01 13.15
CA SER F 45 27.55 -44.34 12.85
C SER F 45 28.36 -45.17 11.85
N VAL F 46 28.65 -44.57 10.70
CA VAL F 46 29.39 -45.26 9.64
C VAL F 46 30.54 -44.38 9.15
N LYS F 47 31.67 -45.02 8.86
CA LYS F 47 32.86 -44.31 8.40
C LYS F 47 32.82 -44.06 6.90
N PHE F 48 33.29 -42.88 6.50
CA PHE F 48 33.39 -42.54 5.09
C PHE F 48 34.39 -41.41 4.91
N GLY F 49 35.55 -41.74 4.35
CA GLY F 49 36.60 -40.76 4.13
C GLY F 49 37.32 -40.38 5.40
N ASN F 50 37.48 -39.08 5.62
CA ASN F 50 38.23 -38.57 6.76
C ASN F 50 37.36 -38.38 8.01
N ASP F 51 36.06 -38.49 7.85
CA ASP F 51 35.11 -38.25 8.95
C ASP F 51 34.18 -39.44 9.18
N VAL F 52 33.52 -39.43 10.34
CA VAL F 52 32.54 -40.46 10.68
C VAL F 52 31.15 -39.85 10.73
N GLN F 53 30.28 -40.29 9.81
CA GLN F 53 28.94 -39.74 9.68
C GLN F 53 27.93 -40.50 10.55
N HIS F 54 26.86 -39.81 10.94
CA HIS F 54 25.85 -40.38 11.81
C HIS F 54 24.46 -40.28 11.19
N PHE F 55 23.72 -41.39 11.25
CA PHE F 55 22.36 -41.44 10.72
C PHE F 55 21.38 -41.83 11.82
N LYS F 56 20.32 -41.05 11.97
CA LYS F 56 19.30 -41.36 12.96
C LYS F 56 18.45 -42.55 12.52
N VAL F 57 18.29 -43.52 13.41
CA VAL F 57 17.45 -44.68 13.18
C VAL F 57 16.29 -44.63 14.17
N LEU F 58 15.09 -44.94 13.69
CA LEU F 58 13.88 -44.81 14.49
C LEU F 58 13.17 -46.15 14.66
N ARG F 59 12.49 -46.29 15.80
CA ARG F 59 11.70 -47.48 16.10
C ARG F 59 10.28 -47.04 16.44
N ASP F 60 9.31 -47.46 15.61
CA ASP F 60 7.94 -47.01 15.77
C ASP F 60 7.20 -47.80 16.86
N GLY F 61 5.90 -47.57 16.97
CA GLY F 61 5.10 -48.19 18.00
C GLY F 61 4.76 -49.65 17.73
N ALA F 62 5.19 -50.15 16.58
CA ALA F 62 4.99 -51.55 16.22
C ALA F 62 6.32 -52.31 16.16
N GLY F 63 7.38 -51.68 16.66
CA GLY F 63 8.68 -52.30 16.68
C GLY F 63 9.36 -52.37 15.32
N LYS F 64 8.83 -51.61 14.35
CA LYS F 64 9.43 -51.55 13.02
C LYS F 64 10.56 -50.53 13.00
N TYR F 65 11.67 -50.91 12.38
CA TYR F 65 12.84 -50.03 12.29
C TYR F 65 12.95 -49.40 10.91
N PHE F 66 13.38 -48.14 10.88
CA PHE F 66 13.59 -47.43 9.62
C PHE F 66 14.56 -46.28 9.82
N LEU F 67 15.18 -45.85 8.73
CA LEU F 67 16.09 -44.72 8.76
C LEU F 67 15.31 -43.43 8.63
N GLY F 68 15.83 -42.35 9.21
CA GLY F 68 15.18 -41.05 9.09
C GLY F 68 15.27 -40.53 7.68
N VAL F 69 14.37 -39.61 7.33
CA VAL F 69 14.34 -39.01 6.01
C VAL F 69 14.12 -37.50 6.11
N VAL F 70 14.80 -36.75 5.24
CA VAL F 70 14.64 -35.30 5.20
C VAL F 70 13.20 -34.95 4.85
N LYS F 71 12.69 -33.90 5.50
CA LYS F 71 11.32 -33.44 5.29
C LYS F 71 11.32 -31.98 4.86
N PHE F 72 10.19 -31.50 4.37
CA PHE F 72 10.14 -30.21 3.70
C PHE F 72 8.98 -29.34 4.17
N ASN F 73 9.21 -28.02 4.18
CA ASN F 73 8.25 -27.05 4.68
C ASN F 73 7.11 -26.76 3.70
N SER F 74 7.22 -27.29 2.48
CA SER F 74 6.22 -27.03 1.45
C SER F 74 6.31 -28.06 0.33
N LEU F 75 5.24 -28.15 -0.46
CA LEU F 75 5.24 -29.01 -1.64
C LEU F 75 6.26 -28.51 -2.65
N ASN F 76 6.50 -27.20 -2.65
CA ASN F 76 7.42 -26.60 -3.60
C ASN F 76 8.87 -26.98 -3.32
N GLU F 77 9.19 -27.12 -2.04
CA GLU F 77 10.53 -27.55 -1.64
C GLU F 77 10.69 -29.05 -1.83
N LEU F 78 9.57 -29.77 -1.82
CA LEU F 78 9.58 -31.21 -2.00
C LEU F 78 9.91 -31.59 -3.46
N VAL F 79 9.33 -30.87 -4.41
CA VAL F 79 9.48 -31.22 -5.81
C VAL F 79 10.90 -30.97 -6.34
N ASP F 80 11.48 -29.82 -6.02
CA ASP F 80 12.80 -29.49 -6.54
C ASP F 80 13.90 -30.21 -5.79
N TYR F 81 13.59 -30.78 -4.63
CA TYR F 81 14.52 -31.67 -3.96
C TYR F 81 14.63 -32.95 -4.77
N HIS F 82 13.49 -33.41 -5.27
CA HIS F 82 13.43 -34.66 -6.04
C HIS F 82 13.67 -34.41 -7.53
N ARG F 83 14.28 -33.28 -7.86
CA ARG F 83 14.77 -33.03 -9.21
C ARG F 83 16.21 -33.55 -9.33
N SER F 84 16.89 -33.63 -8.19
CA SER F 84 18.26 -34.11 -8.14
C SER F 84 18.37 -35.39 -7.32
N THR F 85 17.32 -35.69 -6.55
CA THR F 85 17.25 -36.93 -5.78
C THR F 85 16.07 -37.76 -6.27
N SER F 86 16.24 -39.08 -6.25
CA SER F 86 15.19 -39.96 -6.77
C SER F 86 13.96 -39.95 -5.88
N VAL F 87 12.80 -40.15 -6.49
CA VAL F 87 11.54 -40.26 -5.75
C VAL F 87 11.26 -41.72 -5.39
N SER F 88 12.13 -42.62 -5.85
CA SER F 88 11.95 -44.05 -5.65
C SER F 88 13.18 -44.67 -5.00
N ARG F 89 12.95 -45.55 -4.02
CA ARG F 89 14.03 -46.25 -3.35
C ARG F 89 14.40 -47.53 -4.12
N ASN F 90 13.91 -47.64 -5.35
CA ASN F 90 14.19 -48.79 -6.20
C ASN F 90 14.82 -48.35 -7.51
N GLN F 91 14.05 -47.59 -8.29
CA GLN F 91 14.52 -47.08 -9.57
C GLN F 91 15.09 -45.69 -9.36
N GLN F 92 15.82 -45.19 -10.36
CA GLN F 92 16.36 -43.83 -10.30
C GLN F 92 15.46 -42.91 -11.12
N ILE F 93 14.60 -42.18 -10.42
CA ILE F 93 13.59 -41.34 -11.05
C ILE F 93 13.70 -39.90 -10.57
N PHE F 94 14.27 -39.05 -11.41
CA PHE F 94 14.39 -37.63 -11.10
C PHE F 94 13.23 -36.87 -11.74
N LEU F 95 12.58 -36.01 -10.95
CA LEU F 95 11.42 -35.27 -11.43
C LEU F 95 11.81 -34.28 -12.52
N ARG F 96 11.17 -34.43 -13.68
CA ARG F 96 11.42 -33.57 -14.83
C ARG F 96 10.15 -32.79 -15.16
N ASP F 97 10.29 -31.49 -15.40
CA ASP F 97 9.14 -30.66 -15.73
C ASP F 97 8.43 -31.17 -16.97
N ILE F 98 7.10 -31.27 -16.88
CA ILE F 98 6.30 -31.78 -17.98
C ILE F 98 6.43 -30.87 -19.20
N GLU F 99 6.41 -31.46 -20.39
CA GLU F 99 6.53 -30.70 -21.63
C GLU F 99 5.98 -31.49 -22.80
N GLU G 1 30.24 35.40 -43.32
CA GLU G 1 28.85 35.13 -43.00
C GLU G 1 28.58 33.62 -42.94
N MET G 2 27.97 33.17 -41.85
CA MET G 2 27.67 31.75 -41.67
C MET G 2 26.44 31.36 -42.48
N LYS G 3 26.35 30.07 -42.80
CA LYS G 3 25.20 29.53 -43.51
C LYS G 3 24.69 28.27 -42.80
N PRO G 4 23.41 27.93 -43.01
CA PRO G 4 22.82 26.79 -42.31
C PRO G 4 23.48 25.47 -42.69
N HIS G 5 23.60 24.56 -41.71
CA HIS G 5 24.23 23.27 -41.95
C HIS G 5 23.41 22.43 -42.93
N PRO G 6 24.10 21.73 -43.85
CA PRO G 6 23.39 20.99 -44.90
C PRO G 6 22.92 19.60 -44.49
N TRP G 7 23.32 19.14 -43.31
CA TRP G 7 23.00 17.77 -42.90
C TRP G 7 21.75 17.67 -42.01
N PHE G 8 21.22 18.80 -41.57
CA PHE G 8 20.00 18.80 -40.77
C PHE G 8 18.76 18.95 -41.66
N PHE G 9 18.12 17.83 -41.93
CA PHE G 9 16.94 17.80 -42.81
C PHE G 9 15.63 17.82 -42.03
N GLY G 10 15.73 17.99 -40.70
CA GLY G 10 14.56 18.02 -39.85
C GLY G 10 13.76 16.73 -39.94
N LYS G 11 12.49 16.79 -39.55
CA LYS G 11 11.63 15.61 -39.55
C LYS G 11 11.21 15.20 -40.95
N ILE G 12 11.92 14.21 -41.50
CA ILE G 12 11.52 13.57 -42.75
C ILE G 12 11.37 12.08 -42.52
N PRO G 13 10.40 11.44 -43.22
CA PRO G 13 10.17 10.01 -42.98
C PRO G 13 11.41 9.18 -43.23
N ARG G 14 11.49 8.02 -42.58
CA ARG G 14 12.65 7.15 -42.68
C ARG G 14 12.90 6.73 -44.13
N ALA G 15 11.82 6.62 -44.90
CA ALA G 15 11.91 6.18 -46.29
C ALA G 15 12.47 7.26 -47.21
N LYS G 16 12.01 8.50 -47.02
CA LYS G 16 12.46 9.60 -47.86
C LYS G 16 13.95 9.87 -47.67
N ALA G 17 14.44 9.61 -46.46
CA ALA G 17 15.84 9.81 -46.15
C ALA G 17 16.72 8.82 -46.92
N GLU G 18 16.35 7.54 -46.87
CA GLU G 18 17.12 6.51 -47.53
C GLU G 18 17.03 6.62 -49.05
N GLU G 19 15.91 7.11 -49.55
CA GLU G 19 15.72 7.31 -50.98
C GLU G 19 16.79 8.24 -51.54
N MET G 20 17.04 9.34 -50.84
CA MET G 20 18.04 10.31 -51.25
C MET G 20 19.43 9.69 -51.21
N LEU G 21 19.78 9.11 -50.06
CA LEU G 21 21.10 8.55 -49.85
C LEU G 21 21.34 7.32 -50.71
N SER G 22 20.25 6.64 -51.10
CA SER G 22 20.34 5.49 -51.98
C SER G 22 20.75 5.94 -53.37
N LYS G 23 20.22 7.08 -53.80
CA LYS G 23 20.57 7.66 -55.09
C LYS G 23 21.78 8.59 -54.95
N GLN G 24 22.80 8.11 -54.25
CA GLN G 24 24.00 8.90 -54.00
C GLN G 24 25.26 8.05 -54.17
N ARG G 25 26.33 8.69 -54.63
CA ARG G 25 27.52 7.98 -55.08
C ARG G 25 28.48 7.60 -53.94
N HIS G 26 28.99 8.60 -53.24
CA HIS G 26 30.08 8.38 -52.27
C HIS G 26 29.60 7.71 -50.98
N ASP G 27 30.57 7.19 -50.23
CA ASP G 27 30.32 6.57 -48.93
C ASP G 27 30.50 7.57 -47.79
N GLY G 28 29.51 7.68 -46.93
CA GLY G 28 29.55 8.61 -45.83
C GLY G 28 28.60 9.79 -46.01
N ALA G 29 27.90 9.81 -47.14
CA ALA G 29 26.89 10.82 -47.39
C ALA G 29 25.80 10.70 -46.34
N PHE G 30 25.79 11.62 -45.38
CA PHE G 30 24.93 11.50 -44.20
C PHE G 30 23.92 12.63 -44.08
N LEU G 31 22.93 12.42 -43.21
CA LEU G 31 21.96 13.44 -42.86
C LEU G 31 21.43 13.16 -41.46
N ILE G 32 21.18 14.23 -40.70
CA ILE G 32 20.52 14.12 -39.40
C ILE G 32 19.04 14.45 -39.56
N ARG G 33 18.19 13.52 -39.15
CA ARG G 33 16.74 13.70 -39.20
C ARG G 33 16.14 13.45 -37.83
N GLU G 34 14.98 14.06 -37.59
CA GLU G 34 14.27 13.86 -36.33
C GLU G 34 13.40 12.61 -36.44
N SER G 35 13.47 11.77 -35.41
CA SER G 35 12.87 10.44 -35.45
C SER G 35 11.36 10.47 -35.67
N GLU G 36 10.87 9.57 -36.51
CA GLU G 36 9.45 9.42 -36.78
C GLU G 36 8.79 8.48 -35.78
N SER G 37 9.61 7.64 -35.14
CA SER G 37 9.12 6.64 -34.20
C SER G 37 9.17 7.16 -32.76
N ALA G 38 10.30 7.72 -32.38
CA ALA G 38 10.51 8.20 -31.01
C ALA G 38 10.44 9.73 -30.95
N PRO G 39 9.42 10.29 -30.26
CA PRO G 39 9.31 11.74 -30.21
C PRO G 39 10.44 12.41 -29.41
N GLY G 40 11.18 13.30 -30.06
CA GLY G 40 12.25 14.04 -29.42
C GLY G 40 13.62 13.45 -29.67
N ASP G 41 13.64 12.31 -30.35
CA ASP G 41 14.90 11.61 -30.67
C ASP G 41 15.37 11.94 -32.07
N PHE G 42 16.68 12.02 -32.24
CA PHE G 42 17.30 12.24 -33.54
C PHE G 42 17.83 10.94 -34.12
N SER G 43 17.96 10.89 -35.43
CA SER G 43 18.48 9.72 -36.13
C SER G 43 19.50 10.15 -37.17
N LEU G 44 20.45 9.25 -37.44
CA LEU G 44 21.51 9.51 -38.42
C LEU G 44 21.50 8.43 -39.50
N SER G 45 21.21 8.85 -40.73
CA SER G 45 21.20 7.96 -41.88
C SER G 45 22.46 8.17 -42.71
N VAL G 46 23.23 7.11 -42.89
CA VAL G 46 24.49 7.19 -43.62
C VAL G 46 24.53 6.18 -44.75
N LYS G 47 25.02 6.61 -45.90
CA LYS G 47 25.20 5.72 -47.05
C LYS G 47 26.59 5.09 -46.99
N PHE G 48 26.64 3.77 -47.13
CA PHE G 48 27.90 3.05 -47.17
C PHE G 48 27.92 2.07 -48.33
N GLY G 49 28.25 2.59 -49.51
CA GLY G 49 28.32 1.77 -50.71
C GLY G 49 26.95 1.41 -51.25
N ASN G 50 26.47 0.23 -50.88
CA ASN G 50 25.21 -0.28 -51.40
C ASN G 50 23.99 0.31 -50.70
N ASP G 51 23.78 -0.10 -49.46
CA ASP G 51 22.58 0.28 -48.71
C ASP G 51 22.81 1.49 -47.83
N VAL G 52 21.93 1.68 -46.85
CA VAL G 52 21.96 2.85 -45.97
C VAL G 52 21.75 2.44 -44.52
N GLN G 53 22.77 2.69 -43.69
CA GLN G 53 22.69 2.33 -42.27
C GLN G 53 22.08 3.46 -41.45
N HIS G 54 21.15 3.09 -40.57
CA HIS G 54 20.51 4.05 -39.69
C HIS G 54 21.06 3.92 -38.28
N PHE G 55 21.41 5.06 -37.68
CA PHE G 55 21.96 5.10 -36.33
C PHE G 55 21.06 5.93 -35.41
N LYS G 56 20.59 5.31 -34.34
CA LYS G 56 19.76 6.01 -33.37
C LYS G 56 20.62 6.83 -32.42
N VAL G 57 20.44 8.15 -32.45
CA VAL G 57 21.16 9.03 -31.54
C VAL G 57 20.59 8.88 -30.14
N LEU G 58 21.45 8.87 -29.14
CA LEU G 58 21.05 8.65 -27.76
C LEU G 58 21.55 9.76 -26.84
N ARG G 59 20.75 10.09 -25.84
CA ARG G 59 21.13 11.04 -24.81
C ARG G 59 21.46 10.28 -23.52
N ASP G 60 22.50 10.71 -22.82
CA ASP G 60 22.89 10.09 -21.56
C ASP G 60 22.18 10.78 -20.40
N GLY G 61 22.70 10.62 -19.19
CA GLY G 61 22.13 11.26 -18.02
C GLY G 61 22.17 12.77 -18.12
N ALA G 62 23.31 13.31 -18.56
CA ALA G 62 23.51 14.75 -18.65
C ALA G 62 22.99 15.33 -19.96
N GLY G 63 22.31 14.51 -20.74
CA GLY G 63 21.72 14.96 -22.00
C GLY G 63 22.74 15.07 -23.13
N LYS G 64 23.93 14.53 -22.91
CA LYS G 64 24.98 14.53 -23.94
C LYS G 64 24.68 13.49 -25.01
N TYR G 65 25.01 13.81 -26.25
CA TYR G 65 24.76 12.91 -27.38
C TYR G 65 25.90 11.92 -27.56
N PHE G 66 25.54 10.68 -27.92
CA PHE G 66 26.52 9.64 -28.21
C PHE G 66 25.83 8.49 -28.94
N LEU G 67 26.62 7.64 -29.60
CA LEU G 67 26.07 6.59 -30.46
C LEU G 67 25.98 5.23 -29.78
N GLY G 68 26.24 5.18 -28.47
CA GLY G 68 26.03 3.97 -27.69
C GLY G 68 27.30 3.25 -27.27
N VAL G 69 27.12 2.17 -26.51
CA VAL G 69 28.23 1.37 -25.99
C VAL G 69 27.97 -0.11 -26.19
N VAL G 70 29.02 -0.91 -26.21
CA VAL G 70 28.92 -2.36 -26.36
C VAL G 70 29.15 -3.05 -25.03
N LYS G 71 28.13 -3.77 -24.55
CA LYS G 71 28.17 -4.41 -23.23
C LYS G 71 28.54 -5.89 -23.31
N PHE G 72 29.47 -6.30 -22.44
CA PHE G 72 29.87 -7.70 -22.33
C PHE G 72 29.40 -8.27 -21.00
N ASN G 73 29.28 -9.59 -20.93
CA ASN G 73 28.77 -10.27 -19.75
C ASN G 73 29.82 -10.37 -18.64
N SER G 74 31.08 -10.19 -19.00
CA SER G 74 32.18 -10.32 -18.06
C SER G 74 33.34 -9.40 -18.42
N LEU G 75 34.14 -9.04 -17.43
CA LEU G 75 35.32 -8.22 -17.66
C LEU G 75 36.38 -9.03 -18.38
N ASN G 76 36.33 -10.35 -18.21
CA ASN G 76 37.24 -11.25 -18.90
C ASN G 76 36.94 -11.29 -20.39
N GLU G 77 35.65 -11.34 -20.71
CA GLU G 77 35.20 -11.35 -22.11
C GLU G 77 35.55 -10.04 -22.79
N LEU G 78 35.58 -8.96 -22.02
CA LEU G 78 35.96 -7.65 -22.57
C LEU G 78 37.43 -7.65 -22.98
N VAL G 79 38.25 -8.34 -22.21
CA VAL G 79 39.69 -8.44 -22.50
C VAL G 79 39.94 -9.28 -23.75
N ASP G 80 39.46 -10.53 -23.72
CA ASP G 80 39.68 -11.46 -24.82
C ASP G 80 39.15 -10.92 -26.15
N TYR G 81 38.04 -10.20 -26.07
CA TYR G 81 37.42 -9.62 -27.26
C TYR G 81 38.32 -8.53 -27.86
N HIS G 82 39.13 -7.91 -27.02
CA HIS G 82 40.02 -6.83 -27.46
C HIS G 82 41.47 -7.29 -27.58
N ARG G 83 41.66 -8.61 -27.70
CA ARG G 83 42.97 -9.16 -28.02
C ARG G 83 43.15 -9.19 -29.53
N SER G 84 42.04 -9.22 -30.25
CA SER G 84 42.05 -9.32 -31.71
C SER G 84 41.47 -8.06 -32.37
N THR G 85 40.79 -7.24 -31.57
CA THR G 85 40.23 -5.98 -32.05
C THR G 85 40.75 -4.82 -31.21
N SER G 86 40.94 -3.68 -31.86
CA SER G 86 41.49 -2.50 -31.20
C SER G 86 40.59 -1.98 -30.08
N VAL G 87 41.21 -1.65 -28.95
CA VAL G 87 40.50 -1.03 -27.84
C VAL G 87 40.21 0.44 -28.13
N SER G 88 40.97 1.00 -29.07
CA SER G 88 40.81 2.39 -29.49
C SER G 88 40.15 2.46 -30.87
N ARG G 89 39.51 3.59 -31.15
CA ARG G 89 38.82 3.80 -32.42
C ARG G 89 39.72 4.47 -33.44
N ASN G 90 40.80 5.09 -32.97
CA ASN G 90 41.68 5.89 -33.82
C ASN G 90 43.02 5.19 -34.11
N GLN G 91 43.39 4.25 -33.24
CA GLN G 91 44.63 3.51 -33.40
C GLN G 91 44.40 2.01 -33.26
N GLN G 92 45.26 1.22 -33.91
CA GLN G 92 45.19 -0.23 -33.82
C GLN G 92 45.94 -0.73 -32.60
N ILE G 93 45.24 -0.83 -31.47
CA ILE G 93 45.84 -1.24 -30.21
C ILE G 93 45.21 -2.52 -29.69
N PHE G 94 45.90 -3.64 -29.87
CA PHE G 94 45.39 -4.94 -29.41
C PHE G 94 45.99 -5.32 -28.07
N LEU G 95 45.20 -5.97 -27.22
CA LEU G 95 45.63 -6.31 -25.86
C LEU G 95 46.46 -7.58 -25.83
N ARG G 96 47.67 -7.46 -25.28
CA ARG G 96 48.57 -8.60 -25.09
C ARG G 96 48.94 -8.73 -23.61
N ASP G 97 49.04 -9.96 -23.13
CA ASP G 97 49.38 -10.22 -21.73
C ASP G 97 50.74 -9.64 -21.35
N ILE G 98 50.82 -9.11 -20.13
CA ILE G 98 52.08 -8.62 -19.58
C ILE G 98 53.10 -9.75 -19.54
N GLU G 99 54.35 -9.42 -19.83
CA GLU G 99 55.43 -10.40 -19.82
C GLU G 99 56.65 -9.87 -19.08
N GLN G 100 57.44 -10.79 -18.53
CA GLN G 100 58.63 -10.44 -17.77
C GLN G 100 59.89 -11.01 -18.43
N MET H 2 38.72 -21.21 -10.98
CA MET H 2 39.87 -22.08 -10.82
C MET H 2 41.14 -21.26 -10.58
N LYS H 3 41.28 -20.17 -11.32
CA LYS H 3 42.43 -19.29 -11.19
C LYS H 3 42.00 -17.82 -11.33
N PRO H 4 42.65 -16.91 -10.60
CA PRO H 4 42.31 -15.49 -10.70
C PRO H 4 42.88 -14.85 -11.97
N HIS H 5 42.43 -13.65 -12.29
CA HIS H 5 42.88 -12.95 -13.49
C HIS H 5 44.26 -12.33 -13.25
N PRO H 6 45.20 -12.53 -14.20
CA PRO H 6 46.56 -11.99 -14.03
C PRO H 6 46.70 -10.53 -14.42
N TRP H 7 45.68 -9.97 -15.07
CA TRP H 7 45.74 -8.58 -15.54
C TRP H 7 45.24 -7.61 -14.47
N PHE H 8 44.61 -8.14 -13.42
CA PHE H 8 43.99 -7.31 -12.40
C PHE H 8 45.00 -6.91 -11.32
N PHE H 9 45.11 -5.60 -11.07
CA PHE H 9 46.08 -5.08 -10.11
C PHE H 9 45.41 -4.24 -9.01
N GLY H 10 44.10 -4.37 -8.85
CA GLY H 10 43.39 -3.62 -7.83
C GLY H 10 43.49 -2.12 -8.06
N LYS H 11 43.66 -1.35 -7.00
CA LYS H 11 43.73 0.10 -7.10
C LYS H 11 45.16 0.60 -7.06
N ILE H 12 46.02 0.01 -7.87
CA ILE H 12 47.37 0.53 -8.05
C ILE H 12 47.25 1.93 -8.65
N PRO H 13 47.93 2.93 -8.08
CA PRO H 13 47.83 4.29 -8.61
C PRO H 13 48.15 4.39 -10.10
N ARG H 14 47.58 5.38 -10.77
CA ARG H 14 47.75 5.53 -12.21
C ARG H 14 49.22 5.59 -12.61
N ALA H 15 50.00 6.38 -11.89
CA ALA H 15 51.41 6.57 -12.19
C ALA H 15 52.19 5.27 -12.02
N LYS H 16 51.75 4.42 -11.10
CA LYS H 16 52.42 3.15 -10.84
C LYS H 16 52.22 2.18 -12.00
N ALA H 17 51.02 2.20 -12.57
CA ALA H 17 50.70 1.34 -13.71
C ALA H 17 51.44 1.81 -14.96
N GLU H 18 51.75 3.10 -15.01
CA GLU H 18 52.42 3.68 -16.17
C GLU H 18 53.88 3.25 -16.25
N GLU H 19 54.59 3.31 -15.13
CA GLU H 19 56.00 2.96 -15.11
C GLU H 19 56.18 1.45 -15.35
N MET H 20 55.22 0.66 -14.90
CA MET H 20 55.27 -0.78 -15.07
C MET H 20 55.04 -1.16 -16.54
N LEU H 21 54.14 -0.45 -17.21
CA LEU H 21 53.78 -0.76 -18.59
C LEU H 21 54.72 -0.13 -19.60
N SER H 22 55.36 0.98 -19.21
CA SER H 22 56.30 1.65 -20.10
C SER H 22 57.57 0.82 -20.30
N LYS H 23 57.75 -0.18 -19.43
CA LYS H 23 58.92 -1.05 -19.49
C LYS H 23 58.64 -2.35 -20.24
N GLN H 24 57.51 -2.38 -20.96
CA GLN H 24 57.13 -3.56 -21.73
C GLN H 24 57.56 -3.45 -23.18
N ARG H 25 58.00 -4.56 -23.75
CA ARG H 25 58.49 -4.58 -25.12
C ARG H 25 57.35 -4.41 -26.12
N HIS H 26 56.34 -5.27 -26.02
CA HIS H 26 55.22 -5.28 -26.96
C HIS H 26 54.24 -4.14 -26.70
N ASP H 27 53.83 -3.47 -27.78
CA ASP H 27 52.67 -2.59 -27.71
C ASP H 27 51.44 -3.46 -27.52
N GLY H 28 50.64 -3.15 -26.50
CA GLY H 28 49.47 -3.94 -26.18
C GLY H 28 49.54 -4.54 -24.79
N ALA H 29 50.72 -4.45 -24.18
CA ALA H 29 50.88 -4.86 -22.79
C ALA H 29 49.93 -4.05 -21.93
N PHE H 30 49.07 -4.74 -21.17
CA PHE H 30 47.98 -4.07 -20.46
C PHE H 30 47.77 -4.59 -19.04
N LEU H 31 47.06 -3.80 -18.26
CA LEU H 31 46.54 -4.22 -16.96
C LEU H 31 45.23 -3.50 -16.71
N ILE H 32 44.35 -4.11 -15.93
CA ILE H 32 43.11 -3.47 -15.51
C ILE H 32 43.19 -3.17 -14.02
N ARG H 33 43.13 -1.89 -13.69
CA ARG H 33 43.19 -1.43 -12.30
C ARG H 33 41.87 -0.76 -11.93
N GLU H 34 41.56 -0.75 -10.64
CA GLU H 34 40.37 -0.05 -10.16
C GLU H 34 40.61 1.44 -10.29
N SER H 35 39.56 2.16 -10.70
CA SER H 35 39.67 3.59 -10.99
C SER H 35 40.16 4.38 -9.78
N GLU H 36 40.87 5.47 -10.05
CA GLU H 36 41.50 6.28 -9.02
C GLU H 36 40.73 7.58 -8.78
N SER H 37 39.80 7.90 -9.67
CA SER H 37 39.04 9.14 -9.60
C SER H 37 37.53 8.89 -9.63
N ALA H 38 37.13 7.67 -9.96
CA ALA H 38 35.72 7.31 -10.04
C ALA H 38 35.46 5.96 -9.37
N PRO H 39 34.99 5.98 -8.11
CA PRO H 39 34.78 4.70 -7.43
C PRO H 39 33.73 3.84 -8.13
N GLY H 40 33.91 2.53 -8.11
CA GLY H 40 33.00 1.61 -8.77
C GLY H 40 33.42 1.32 -10.21
N ASP H 41 34.23 2.20 -10.78
CA ASP H 41 34.71 2.02 -12.16
C ASP H 41 36.07 1.34 -12.21
N PHE H 42 36.43 0.90 -13.40
CA PHE H 42 37.73 0.26 -13.65
C PHE H 42 38.46 1.02 -14.75
N SER H 43 39.78 0.94 -14.74
CA SER H 43 40.62 1.60 -15.74
C SER H 43 41.52 0.60 -16.43
N LEU H 44 41.59 0.71 -17.76
CA LEU H 44 42.42 -0.17 -18.58
C LEU H 44 43.66 0.57 -19.07
N SER H 45 44.80 0.29 -18.45
CA SER H 45 46.07 0.88 -18.86
C SER H 45 46.74 -0.05 -19.88
N VAL H 46 47.14 0.52 -21.02
CA VAL H 46 47.74 -0.27 -22.10
C VAL H 46 48.93 0.47 -22.69
N LYS H 47 49.97 -0.28 -23.04
CA LYS H 47 51.17 0.29 -23.63
C LYS H 47 51.07 0.36 -25.15
N PHE H 48 51.31 1.55 -25.69
CA PHE H 48 51.31 1.75 -27.14
C PHE H 48 52.29 2.85 -27.50
N GLY H 49 53.35 2.48 -28.22
CA GLY H 49 54.43 3.40 -28.50
C GLY H 49 55.22 3.69 -27.24
N ASN H 50 55.43 4.97 -26.96
CA ASN H 50 56.16 5.38 -25.77
C ASN H 50 55.23 5.77 -24.62
N ASP H 51 53.99 6.14 -24.97
CA ASP H 51 53.01 6.55 -23.98
C ASP H 51 52.22 5.37 -23.45
N VAL H 52 51.52 5.59 -22.35
CA VAL H 52 50.61 4.60 -21.78
C VAL H 52 49.20 5.16 -21.78
N GLN H 53 48.35 4.64 -22.66
CA GLN H 53 46.98 5.13 -22.79
C GLN H 53 46.08 4.51 -21.72
N HIS H 54 45.08 5.27 -21.31
CA HIS H 54 44.14 4.83 -20.27
C HIS H 54 42.70 4.85 -20.79
N PHE H 55 42.02 3.72 -20.65
CA PHE H 55 40.62 3.60 -21.08
C PHE H 55 39.71 3.39 -19.89
N LYS H 56 38.63 4.16 -19.85
CA LYS H 56 37.62 4.04 -18.80
C LYS H 56 36.80 2.77 -19.01
N VAL H 57 36.68 1.95 -17.97
CA VAL H 57 35.88 0.73 -18.03
C VAL H 57 34.76 0.82 -17.01
N LEU H 58 33.53 0.69 -17.49
CA LEU H 58 32.34 0.87 -16.66
C LEU H 58 31.60 -0.44 -16.41
N ARG H 59 30.88 -0.49 -15.29
CA ARG H 59 30.12 -1.66 -14.90
C ARG H 59 28.72 -1.23 -14.45
N ASP H 60 27.72 -1.52 -15.28
CA ASP H 60 26.35 -1.13 -14.98
C ASP H 60 25.79 -1.96 -13.81
N GLY H 61 24.56 -1.63 -13.41
CA GLY H 61 23.94 -2.30 -12.28
C GLY H 61 23.47 -3.71 -12.59
N ALA H 62 23.74 -4.17 -13.81
CA ALA H 62 23.40 -5.52 -14.22
C ALA H 62 24.64 -6.41 -14.25
N GLY H 63 25.80 -5.81 -14.02
CA GLY H 63 27.06 -6.53 -14.00
C GLY H 63 27.76 -6.55 -15.36
N LYS H 64 27.15 -5.90 -16.36
CA LYS H 64 27.70 -5.87 -17.70
C LYS H 64 28.87 -4.89 -17.79
N TYR H 65 29.94 -5.33 -18.47
CA TYR H 65 31.14 -4.50 -18.63
C TYR H 65 31.20 -3.92 -20.04
N PHE H 66 31.57 -2.65 -20.13
CA PHE H 66 31.70 -1.99 -21.42
C PHE H 66 32.75 -0.90 -21.39
N LEU H 67 33.27 -0.57 -22.57
CA LEU H 67 34.24 0.51 -22.71
C LEU H 67 33.51 1.83 -22.85
N GLY H 68 34.03 2.87 -22.20
CA GLY H 68 33.43 4.18 -22.28
C GLY H 68 33.56 4.74 -23.68
N VAL H 69 32.64 5.61 -24.05
CA VAL H 69 32.67 6.27 -25.35
C VAL H 69 32.64 7.79 -25.19
N VAL H 70 33.28 8.49 -26.11
CA VAL H 70 33.26 9.94 -26.09
C VAL H 70 31.83 10.44 -26.24
N LYS H 71 31.49 11.48 -25.48
CA LYS H 71 30.16 12.07 -25.52
C LYS H 71 30.26 13.53 -25.97
N PHE H 72 29.15 14.09 -26.42
CA PHE H 72 29.16 15.40 -27.05
C PHE H 72 28.09 16.33 -26.50
N ASN H 73 28.41 17.62 -26.50
CA ASN H 73 27.52 18.65 -25.99
C ASN H 73 26.47 19.07 -27.02
N SER H 74 26.58 18.56 -28.24
CA SER H 74 25.70 18.96 -29.33
C SER H 74 25.75 17.98 -30.49
N LEU H 75 24.72 18.01 -31.33
CA LEU H 75 24.70 17.22 -32.55
C LEU H 75 25.84 17.66 -33.47
N ASN H 76 26.16 18.95 -33.40
CA ASN H 76 27.21 19.52 -34.26
C ASN H 76 28.58 18.92 -33.95
N GLU H 77 28.86 18.73 -32.67
CA GLU H 77 30.14 18.16 -32.25
C GLU H 77 30.20 16.67 -32.58
N LEU H 78 29.05 16.00 -32.53
CA LEU H 78 28.98 14.57 -32.82
C LEU H 78 29.30 14.31 -34.29
N VAL H 79 28.68 15.06 -35.19
CA VAL H 79 28.87 14.85 -36.62
C VAL H 79 30.29 15.25 -37.06
N ASP H 80 30.80 16.35 -36.51
CA ASP H 80 32.14 16.81 -36.86
C ASP H 80 33.19 15.82 -36.38
N TYR H 81 32.94 15.21 -35.23
CA TYR H 81 33.85 14.21 -34.68
C TYR H 81 33.89 12.97 -35.56
N HIS H 82 32.73 12.49 -35.97
CA HIS H 82 32.63 11.27 -36.76
C HIS H 82 32.95 11.51 -38.25
N ARG H 83 33.61 12.62 -38.54
CA ARG H 83 34.18 12.85 -39.86
C ARG H 83 35.62 12.36 -39.91
N SER H 84 36.17 12.03 -38.75
CA SER H 84 37.53 11.52 -38.64
C SER H 84 37.55 10.16 -37.94
N THR H 85 36.50 9.88 -37.16
CA THR H 85 36.33 8.60 -36.51
C THR H 85 35.08 7.91 -37.04
N SER H 86 35.17 6.61 -37.26
CA SER H 86 34.06 5.86 -37.85
C SER H 86 32.85 5.86 -36.92
N VAL H 87 31.68 6.15 -37.47
CA VAL H 87 30.43 6.11 -36.69
C VAL H 87 30.21 4.69 -36.19
N SER H 88 30.59 3.72 -37.02
CA SER H 88 30.55 2.31 -36.64
C SER H 88 31.95 1.86 -36.26
N ARG H 89 32.08 1.29 -35.07
CA ARG H 89 33.36 0.76 -34.62
C ARG H 89 33.64 -0.60 -35.27
N ASN H 90 32.75 -1.03 -36.15
CA ASN H 90 32.93 -2.26 -36.90
C ASN H 90 33.56 -2.00 -38.27
N GLN H 91 32.79 -1.38 -39.16
CA GLN H 91 33.26 -1.02 -40.50
C GLN H 91 33.95 0.34 -40.47
N GLN H 92 34.35 0.81 -41.65
CA GLN H 92 35.00 2.11 -41.78
C GLN H 92 34.06 3.12 -42.44
N ILE H 93 33.13 3.67 -41.65
CA ILE H 93 32.16 4.64 -42.14
C ILE H 93 32.40 6.02 -41.55
N PHE H 94 33.06 6.88 -42.32
CA PHE H 94 33.29 8.26 -41.91
C PHE H 94 32.23 9.17 -42.52
N LEU H 95 31.88 10.25 -41.84
CA LEU H 95 30.81 11.13 -42.31
C LEU H 95 31.32 12.09 -43.39
N ARG H 96 30.45 12.38 -44.35
CA ARG H 96 30.81 13.20 -45.51
C ARG H 96 29.58 13.95 -46.03
N ASP H 97 29.77 15.20 -46.42
CA ASP H 97 28.65 16.05 -46.84
C ASP H 97 28.01 15.59 -48.15
N ILE H 98 26.69 15.70 -48.22
CA ILE H 98 25.92 15.34 -49.42
C ILE H 98 26.37 16.15 -50.63
N GLU H 99 26.56 15.46 -51.75
CA GLU H 99 26.97 16.10 -53.00
C GLU H 99 25.77 16.30 -53.92
N MET I 2 -52.12 -5.83 3.23
CA MET I 2 -52.54 -5.97 4.63
C MET I 2 -51.91 -4.89 5.50
N LYS I 3 -50.75 -4.40 5.09
CA LYS I 3 -50.04 -3.38 5.84
C LYS I 3 -49.33 -2.39 4.91
N PRO I 4 -49.20 -1.13 5.35
CA PRO I 4 -48.53 -0.12 4.53
C PRO I 4 -47.00 -0.24 4.57
N HIS I 5 -46.34 0.13 3.47
CA HIS I 5 -44.89 0.03 3.38
C HIS I 5 -44.21 1.14 4.19
N PRO I 6 -43.29 0.77 5.11
CA PRO I 6 -42.65 1.76 5.97
C PRO I 6 -41.39 2.41 5.38
N TRP I 7 -41.25 2.38 4.05
CA TRP I 7 -40.12 3.05 3.39
C TRP I 7 -40.56 4.23 2.54
N PHE I 8 -41.87 4.44 2.42
CA PHE I 8 -42.40 5.58 1.66
C PHE I 8 -42.77 6.73 2.61
N PHE I 9 -41.96 7.78 2.61
CA PHE I 9 -42.16 8.92 3.50
C PHE I 9 -42.85 10.10 2.80
N GLY I 10 -43.20 9.91 1.53
CA GLY I 10 -43.88 10.95 0.78
C GLY I 10 -42.97 12.13 0.46
N LYS I 11 -43.50 13.34 0.58
CA LYS I 11 -42.75 14.55 0.28
C LYS I 11 -42.09 15.14 1.52
N ILE I 12 -40.93 14.61 1.87
CA ILE I 12 -40.11 15.18 2.94
C ILE I 12 -38.88 15.84 2.33
N PRO I 13 -38.40 16.93 2.92
CA PRO I 13 -37.22 17.60 2.36
C PRO I 13 -35.99 16.71 2.41
N ARG I 14 -35.02 17.00 1.54
CA ARG I 14 -33.82 16.19 1.43
C ARG I 14 -33.03 16.16 2.74
N ALA I 15 -32.98 17.29 3.42
CA ALA I 15 -32.27 17.40 4.69
C ALA I 15 -32.89 16.49 5.75
N LYS I 16 -34.22 16.43 5.77
CA LYS I 16 -34.93 15.59 6.72
C LYS I 16 -34.60 14.12 6.52
N ALA I 17 -34.44 13.73 5.27
CA ALA I 17 -34.11 12.35 4.94
C ALA I 17 -32.71 12.00 5.43
N GLU I 18 -31.78 12.92 5.22
CA GLU I 18 -30.40 12.72 5.67
C GLU I 18 -30.31 12.76 7.18
N GLU I 19 -31.08 13.66 7.79
CA GLU I 19 -31.13 13.79 9.24
C GLU I 19 -31.52 12.47 9.91
N MET I 20 -32.48 11.76 9.31
CA MET I 20 -32.97 10.52 9.88
C MET I 20 -32.01 9.36 9.63
N LEU I 21 -31.60 9.20 8.39
CA LEU I 21 -30.69 8.12 8.01
C LEU I 21 -29.32 8.29 8.65
N SER I 22 -28.97 9.53 8.99
CA SER I 22 -27.71 9.81 9.65
C SER I 22 -27.61 9.06 10.97
N LYS I 23 -28.72 8.98 11.70
CA LYS I 23 -28.75 8.34 13.01
C LYS I 23 -29.17 6.88 12.94
N GLN I 24 -28.96 6.25 11.78
CA GLN I 24 -29.21 4.82 11.61
C GLN I 24 -27.89 4.06 11.65
N ARG I 25 -27.89 2.93 12.36
CA ARG I 25 -26.67 2.16 12.55
C ARG I 25 -26.27 1.33 11.33
N HIS I 26 -27.21 0.55 10.83
CA HIS I 26 -26.92 -0.40 9.75
C HIS I 26 -26.89 0.28 8.37
N ASP I 27 -25.96 -0.16 7.54
CA ASP I 27 -25.92 0.29 6.15
C ASP I 27 -27.09 -0.31 5.38
N GLY I 28 -27.63 0.44 4.43
CA GLY I 28 -28.75 -0.01 3.64
C GLY I 28 -30.07 0.60 4.09
N ALA I 29 -30.08 1.13 5.31
CA ALA I 29 -31.25 1.83 5.83
C ALA I 29 -31.66 2.91 4.84
N PHE I 30 -32.87 2.80 4.30
CA PHE I 30 -33.30 3.64 3.20
C PHE I 30 -34.71 4.19 3.36
N LEU I 31 -35.12 5.00 2.37
CA LEU I 31 -36.49 5.46 2.26
C LEU I 31 -36.72 6.02 0.86
N ILE I 32 -37.95 5.87 0.37
CA ILE I 32 -38.38 6.53 -0.87
C ILE I 32 -39.07 7.83 -0.50
N ARG I 33 -38.67 8.92 -1.14
CA ARG I 33 -39.29 10.22 -0.92
C ARG I 33 -39.62 10.87 -2.25
N GLU I 34 -40.65 11.70 -2.25
CA GLU I 34 -41.05 12.43 -3.44
C GLU I 34 -40.24 13.71 -3.56
N SER I 35 -39.46 13.81 -4.63
CA SER I 35 -38.52 14.91 -4.82
C SER I 35 -39.18 16.28 -4.75
N GLU I 36 -38.55 17.19 -4.02
CA GLU I 36 -39.05 18.55 -3.85
C GLU I 36 -38.59 19.46 -4.98
N SER I 37 -37.39 19.20 -5.48
CA SER I 37 -36.82 19.99 -6.56
C SER I 37 -37.31 19.52 -7.93
N ALA I 38 -37.66 18.25 -8.01
CA ALA I 38 -38.15 17.64 -9.24
C ALA I 38 -39.56 17.08 -9.05
N PRO I 39 -40.59 17.93 -9.24
CA PRO I 39 -41.99 17.50 -9.10
C PRO I 39 -42.32 16.25 -9.93
N GLY I 40 -43.12 15.35 -9.37
CA GLY I 40 -43.53 14.16 -10.08
C GLY I 40 -42.54 13.02 -9.96
N ASP I 41 -41.31 13.34 -9.56
CA ASP I 41 -40.25 12.33 -9.46
C ASP I 41 -40.05 11.87 -8.02
N PHE I 42 -39.51 10.66 -7.89
CA PHE I 42 -39.18 10.10 -6.59
C PHE I 42 -37.67 10.10 -6.39
N SER I 43 -37.24 10.04 -5.14
CA SER I 43 -35.82 10.01 -4.80
C SER I 43 -35.54 8.96 -3.74
N LEU I 44 -34.52 8.14 -4.00
CA LEU I 44 -34.12 7.07 -3.08
C LEU I 44 -32.94 7.51 -2.23
N SER I 45 -33.15 7.57 -0.92
CA SER I 45 -32.10 7.92 0.03
C SER I 45 -31.63 6.68 0.77
N VAL I 46 -30.31 6.52 0.90
CA VAL I 46 -29.74 5.33 1.53
C VAL I 46 -28.61 5.69 2.49
N LYS I 47 -28.58 5.00 3.63
CA LYS I 47 -27.51 5.13 4.60
C LYS I 47 -26.37 4.19 4.23
N PHE I 48 -25.17 4.75 4.09
CA PHE I 48 -23.98 3.94 3.83
C PHE I 48 -22.73 4.65 4.30
N GLY I 49 -22.04 4.03 5.26
CA GLY I 49 -20.85 4.61 5.83
C GLY I 49 -21.18 5.81 6.69
N ASN I 50 -20.49 6.92 6.44
CA ASN I 50 -20.71 8.16 7.18
C ASN I 50 -21.56 9.13 6.39
N ASP I 51 -22.04 8.69 5.23
CA ASP I 51 -22.78 9.54 4.31
C ASP I 51 -24.19 9.02 4.08
N VAL I 52 -25.05 9.89 3.58
CA VAL I 52 -26.38 9.51 3.12
C VAL I 52 -26.48 9.77 1.62
N GLN I 53 -26.44 8.69 0.84
CA GLN I 53 -26.46 8.79 -0.60
C GLN I 53 -27.89 8.97 -1.14
N HIS I 54 -28.01 9.70 -2.24
CA HIS I 54 -29.29 9.94 -2.89
C HIS I 54 -29.26 9.46 -4.33
N PHE I 55 -30.27 8.68 -4.71
CA PHE I 55 -30.40 8.19 -6.08
C PHE I 55 -31.67 8.72 -6.73
N LYS I 56 -31.53 9.23 -7.95
CA LYS I 56 -32.67 9.75 -8.69
C LYS I 56 -33.42 8.62 -9.39
N VAL I 57 -34.68 8.44 -9.00
CA VAL I 57 -35.54 7.43 -9.63
C VAL I 57 -36.10 7.97 -10.93
N LEU I 58 -35.70 7.36 -12.04
CA LEU I 58 -36.14 7.81 -13.37
C LEU I 58 -37.25 6.92 -13.92
N ARG I 59 -37.98 7.45 -14.89
CA ARG I 59 -38.95 6.68 -15.65
C ARG I 59 -38.54 6.67 -17.12
N ASP I 60 -38.75 5.55 -17.80
CA ASP I 60 -38.45 5.45 -19.22
C ASP I 60 -39.70 5.81 -20.03
N GLY I 61 -39.67 5.52 -21.32
CA GLY I 61 -40.79 5.82 -22.19
C GLY I 61 -42.01 4.98 -21.86
N ALA I 62 -41.78 3.73 -21.48
CA ALA I 62 -42.86 2.81 -21.12
C ALA I 62 -43.53 3.22 -19.81
N GLY I 63 -42.85 4.05 -19.03
CA GLY I 63 -43.35 4.50 -17.75
C GLY I 63 -42.78 3.71 -16.59
N LYS I 64 -41.98 2.70 -16.90
CA LYS I 64 -41.37 1.84 -15.88
C LYS I 64 -40.22 2.55 -15.17
N TYR I 65 -39.99 2.19 -13.90
CA TYR I 65 -38.96 2.82 -13.09
C TYR I 65 -37.59 2.18 -13.28
N PHE I 66 -36.54 2.98 -13.17
CA PHE I 66 -35.17 2.49 -13.18
C PHE I 66 -34.21 3.55 -12.63
N LEU I 67 -33.00 3.14 -12.29
CA LEU I 67 -32.05 4.02 -11.59
C LEU I 67 -30.96 4.58 -12.51
N GLY I 68 -31.21 4.57 -13.81
CA GLY I 68 -30.33 5.20 -14.78
C GLY I 68 -29.37 4.26 -15.48
N VAL I 69 -28.52 4.83 -16.32
CA VAL I 69 -27.56 4.06 -17.12
C VAL I 69 -26.23 4.80 -17.23
N VAL I 70 -25.17 4.06 -17.56
CA VAL I 70 -23.84 4.65 -17.75
C VAL I 70 -23.51 4.73 -19.23
N LYS I 71 -23.34 5.96 -19.73
CA LYS I 71 -23.09 6.18 -21.15
C LYS I 71 -21.61 6.27 -21.48
N PHE I 72 -21.26 5.88 -22.70
CA PHE I 72 -19.87 5.92 -23.16
C PHE I 72 -19.80 6.50 -24.57
N ASN I 73 -18.68 7.17 -24.86
CA ASN I 73 -18.47 7.78 -26.17
C ASN I 73 -18.04 6.77 -27.22
N SER I 74 -17.79 5.54 -26.80
CA SER I 74 -17.36 4.49 -27.71
C SER I 74 -17.44 3.12 -27.05
N LEU I 75 -17.30 2.07 -27.85
CA LEU I 75 -17.30 0.70 -27.34
C LEU I 75 -16.04 0.43 -26.54
N ASN I 76 -14.92 0.95 -27.04
CA ASN I 76 -13.62 0.78 -26.38
C ASN I 76 -13.64 1.26 -24.94
N GLU I 77 -14.34 2.37 -24.70
CA GLU I 77 -14.45 2.93 -23.36
C GLU I 77 -15.46 2.15 -22.51
N LEU I 78 -16.47 1.61 -23.16
CA LEU I 78 -17.42 0.73 -22.48
C LEU I 78 -16.74 -0.57 -22.11
N VAL I 79 -15.86 -1.04 -22.99
CA VAL I 79 -15.09 -2.27 -22.75
C VAL I 79 -14.12 -2.07 -21.60
N ASP I 80 -13.24 -1.08 -21.73
CA ASP I 80 -12.18 -0.85 -20.76
C ASP I 80 -12.75 -0.52 -19.37
N TYR I 81 -13.88 0.18 -19.36
CA TYR I 81 -14.55 0.50 -18.11
C TYR I 81 -14.93 -0.78 -17.36
N HIS I 82 -15.41 -1.76 -18.11
CA HIS I 82 -15.89 -3.00 -17.51
C HIS I 82 -14.78 -4.05 -17.36
N ARG I 83 -13.54 -3.62 -17.50
CA ARG I 83 -12.40 -4.45 -17.12
C ARG I 83 -12.16 -4.33 -15.62
N SER I 84 -12.70 -3.25 -15.04
CA SER I 84 -12.59 -3.00 -13.61
C SER I 84 -13.95 -3.09 -12.91
N THR I 85 -15.01 -2.77 -13.65
CA THR I 85 -16.37 -2.79 -13.12
C THR I 85 -17.18 -3.93 -13.74
N SER I 86 -17.99 -4.58 -12.94
CA SER I 86 -18.76 -5.74 -13.42
C SER I 86 -19.78 -5.32 -14.48
N VAL I 87 -19.93 -6.16 -15.50
CA VAL I 87 -20.95 -5.95 -16.53
C VAL I 87 -22.31 -6.32 -15.98
N SER I 88 -22.32 -7.32 -15.09
CA SER I 88 -23.53 -7.70 -14.38
C SER I 88 -23.48 -7.15 -12.96
N ARG I 89 -24.63 -6.78 -12.41
CA ARG I 89 -24.69 -6.18 -11.07
C ARG I 89 -24.94 -7.25 -10.00
N ASN I 90 -25.42 -8.42 -10.42
CA ASN I 90 -25.57 -9.55 -9.53
C ASN I 90 -24.27 -10.33 -9.41
N GLN I 91 -23.93 -11.06 -10.46
CA GLN I 91 -22.65 -11.74 -10.55
C GLN I 91 -21.55 -10.73 -10.85
N GLN I 92 -20.34 -10.99 -10.38
CA GLN I 92 -19.21 -10.11 -10.64
C GLN I 92 -18.38 -10.64 -11.81
N ILE I 93 -18.67 -10.13 -13.00
CA ILE I 93 -18.01 -10.56 -14.23
C ILE I 93 -17.20 -9.41 -14.84
N PHE I 94 -15.88 -9.56 -14.82
CA PHE I 94 -14.98 -8.55 -15.38
C PHE I 94 -14.43 -9.00 -16.72
N LEU I 95 -14.33 -8.06 -17.65
CA LEU I 95 -13.92 -8.38 -19.01
C LEU I 95 -12.40 -8.55 -19.12
N ARG I 96 -12.00 -9.52 -19.93
CA ARG I 96 -10.59 -9.71 -20.24
C ARG I 96 -10.42 -10.21 -21.68
N ASP I 97 -9.30 -9.86 -22.29
CA ASP I 97 -9.05 -10.18 -23.70
C ASP I 97 -9.11 -11.69 -23.95
N ILE I 98 -9.75 -12.06 -25.06
CA ILE I 98 -9.92 -13.45 -25.44
C ILE I 98 -8.57 -14.11 -25.73
N GLU I 99 -8.56 -15.44 -25.72
CA GLU I 99 -7.35 -16.21 -26.05
C GLU I 99 -7.64 -17.21 -27.16
N PRO J 4 -3.70 -3.52 -32.03
CA PRO J 4 -5.14 -3.58 -32.29
C PRO J 4 -5.95 -3.97 -31.06
N HIS J 5 -7.25 -4.16 -31.25
CA HIS J 5 -8.17 -4.49 -30.16
C HIS J 5 -8.95 -5.77 -30.50
N PRO J 6 -8.59 -6.91 -29.89
CA PRO J 6 -9.18 -8.19 -30.27
C PRO J 6 -10.49 -8.52 -29.53
N TRP J 7 -11.56 -7.78 -29.83
CA TRP J 7 -12.87 -8.13 -29.29
C TRP J 7 -13.98 -7.90 -30.33
N PHE J 8 -13.73 -7.04 -31.31
CA PHE J 8 -14.74 -6.73 -32.31
C PHE J 8 -14.73 -7.79 -33.41
N PHE J 9 -15.79 -8.61 -33.43
CA PHE J 9 -15.85 -9.77 -34.33
C PHE J 9 -16.84 -9.59 -35.49
N GLY J 10 -17.45 -8.41 -35.58
CA GLY J 10 -18.39 -8.14 -36.65
C GLY J 10 -19.74 -8.78 -36.40
N LYS J 11 -20.43 -9.17 -37.47
CA LYS J 11 -21.78 -9.71 -37.34
C LYS J 11 -21.82 -11.23 -37.34
N ILE J 12 -20.99 -11.85 -36.51
CA ILE J 12 -21.03 -13.30 -36.35
C ILE J 12 -22.28 -13.69 -35.57
N PRO J 13 -22.86 -14.87 -35.86
CA PRO J 13 -24.09 -15.28 -35.16
C PRO J 13 -23.88 -15.47 -33.66
N ARG J 14 -24.99 -15.66 -32.93
CA ARG J 14 -24.94 -15.83 -31.49
C ARG J 14 -24.34 -17.19 -31.12
N ALA J 15 -24.72 -18.22 -31.87
CA ALA J 15 -24.23 -19.56 -31.61
C ALA J 15 -22.71 -19.61 -31.73
N LYS J 16 -22.18 -19.00 -32.79
CA LYS J 16 -20.75 -18.95 -33.01
C LYS J 16 -20.04 -18.26 -31.86
N ALA J 17 -20.68 -17.24 -31.30
CA ALA J 17 -20.11 -16.53 -30.15
C ALA J 17 -20.06 -17.46 -28.93
N GLU J 18 -21.13 -18.23 -28.74
CA GLU J 18 -21.18 -19.20 -27.65
C GLU J 18 -20.20 -20.34 -27.91
N GLU J 19 -20.05 -20.69 -29.18
CA GLU J 19 -19.14 -21.76 -29.58
C GLU J 19 -17.70 -21.42 -29.23
N MET J 20 -17.25 -20.25 -29.69
CA MET J 20 -15.86 -19.83 -29.48
C MET J 20 -15.55 -19.58 -28.01
N LEU J 21 -16.45 -18.85 -27.34
CA LEU J 21 -16.20 -18.42 -25.96
C LEU J 21 -16.25 -19.57 -24.96
N SER J 22 -17.03 -20.61 -25.27
CA SER J 22 -17.13 -21.76 -24.39
C SER J 22 -15.79 -22.48 -24.27
N LYS J 23 -14.97 -22.35 -25.30
CA LYS J 23 -13.67 -23.01 -25.35
C LYS J 23 -12.58 -22.18 -24.68
N GLN J 24 -12.96 -21.03 -24.11
CA GLN J 24 -12.01 -20.16 -23.43
C GLN J 24 -11.74 -20.67 -22.01
N ARG J 25 -10.51 -20.51 -21.55
CA ARG J 25 -10.08 -21.05 -20.26
C ARG J 25 -10.36 -20.10 -19.11
N HIS J 26 -10.57 -18.83 -19.43
CA HIS J 26 -10.74 -17.80 -18.40
C HIS J 26 -12.11 -17.13 -18.47
N ASP J 27 -12.76 -17.01 -17.32
CA ASP J 27 -13.98 -16.23 -17.22
C ASP J 27 -13.66 -14.77 -17.53
N GLY J 28 -14.58 -14.09 -18.20
CA GLY J 28 -14.38 -12.71 -18.59
C GLY J 28 -14.00 -12.58 -20.06
N ALA J 29 -13.67 -13.70 -20.70
CA ALA J 29 -13.36 -13.69 -22.13
C ALA J 29 -14.59 -13.24 -22.90
N PHE J 30 -14.44 -12.15 -23.65
CA PHE J 30 -15.58 -11.49 -24.28
C PHE J 30 -15.32 -11.12 -25.73
N LEU J 31 -16.39 -10.71 -26.41
CA LEU J 31 -16.31 -10.13 -27.74
C LEU J 31 -17.51 -9.23 -27.96
N ILE J 32 -17.38 -8.27 -28.87
CA ILE J 32 -18.51 -7.45 -29.31
C ILE J 32 -18.94 -7.92 -30.69
N ARG J 33 -20.24 -8.13 -30.85
CA ARG J 33 -20.80 -8.54 -32.12
C ARG J 33 -22.07 -7.75 -32.43
N GLU J 34 -22.41 -7.68 -33.71
CA GLU J 34 -23.66 -7.06 -34.13
C GLU J 34 -24.83 -7.87 -33.61
N SER J 35 -25.83 -7.20 -33.07
CA SER J 35 -27.02 -7.88 -32.57
C SER J 35 -27.72 -8.62 -33.71
N GLU J 36 -28.01 -9.88 -33.48
CA GLU J 36 -28.65 -10.71 -34.51
C GLU J 36 -30.17 -10.55 -34.48
N SER J 37 -30.75 -10.68 -33.30
CA SER J 37 -32.21 -10.62 -33.15
C SER J 37 -32.75 -9.22 -33.38
N ALA J 38 -31.96 -8.21 -33.07
CA ALA J 38 -32.40 -6.81 -33.15
C ALA J 38 -31.30 -5.93 -33.74
N PRO J 39 -31.20 -5.88 -35.08
CA PRO J 39 -30.14 -5.08 -35.70
C PRO J 39 -30.24 -3.61 -35.32
N GLY J 40 -29.08 -2.95 -35.19
CA GLY J 40 -29.03 -1.60 -34.68
C GLY J 40 -28.34 -1.55 -33.33
N ASP J 41 -28.43 -2.66 -32.59
CA ASP J 41 -27.77 -2.79 -31.29
C ASP J 41 -26.50 -3.62 -31.42
N PHE J 42 -25.61 -3.47 -30.43
CA PHE J 42 -24.44 -4.32 -30.29
C PHE J 42 -24.69 -5.35 -29.19
N SER J 43 -24.06 -6.52 -29.33
CA SER J 43 -24.18 -7.59 -28.34
C SER J 43 -22.84 -7.94 -27.73
N LEU J 44 -22.75 -7.83 -26.40
CA LEU J 44 -21.55 -8.21 -25.66
C LEU J 44 -21.71 -9.61 -25.08
N SER J 45 -21.00 -10.57 -25.68
CA SER J 45 -21.00 -11.94 -25.20
C SER J 45 -19.82 -12.16 -24.26
N VAL J 46 -20.07 -12.75 -23.10
CA VAL J 46 -19.03 -12.95 -22.09
C VAL J 46 -19.05 -14.37 -21.54
N LYS J 47 -17.86 -14.98 -21.48
CA LYS J 47 -17.67 -16.31 -20.92
C LYS J 47 -17.66 -16.24 -19.40
N PHE J 48 -18.55 -17.01 -18.77
CA PHE J 48 -18.58 -17.09 -17.30
C PHE J 48 -19.05 -18.46 -16.85
N GLY J 49 -18.16 -19.18 -16.18
CA GLY J 49 -18.44 -20.53 -15.73
C GLY J 49 -18.64 -21.46 -16.91
N ASN J 50 -19.60 -22.38 -16.76
CA ASN J 50 -19.92 -23.33 -17.81
C ASN J 50 -21.00 -22.80 -18.74
N ASP J 51 -21.10 -21.48 -18.83
CA ASP J 51 -22.10 -20.83 -19.69
C ASP J 51 -21.52 -19.59 -20.38
N VAL J 52 -22.28 -19.07 -21.34
CA VAL J 52 -21.92 -17.84 -22.05
C VAL J 52 -23.08 -16.86 -21.98
N GLN J 53 -22.87 -15.75 -21.28
CA GLN J 53 -23.91 -14.75 -21.09
C GLN J 53 -23.86 -13.66 -22.17
N HIS J 54 -25.04 -13.13 -22.51
CA HIS J 54 -25.18 -12.12 -23.55
C HIS J 54 -25.78 -10.83 -23.00
N PHE J 55 -25.05 -9.73 -23.13
CA PHE J 55 -25.51 -8.42 -22.66
C PHE J 55 -25.81 -7.50 -23.83
N LYS J 56 -27.00 -6.90 -23.81
CA LYS J 56 -27.43 -6.00 -24.88
C LYS J 56 -26.83 -4.62 -24.71
N VAL J 57 -26.20 -4.12 -25.77
CA VAL J 57 -25.63 -2.78 -25.78
C VAL J 57 -26.48 -1.87 -26.64
N LEU J 58 -27.01 -0.82 -26.02
CA LEU J 58 -27.86 0.13 -26.73
C LEU J 58 -27.11 1.42 -27.04
N ARG J 59 -27.79 2.33 -27.72
CA ARG J 59 -27.20 3.58 -28.18
C ARG J 59 -28.30 4.62 -28.27
N ASP J 60 -28.05 5.81 -27.71
CA ASP J 60 -29.07 6.84 -27.63
C ASP J 60 -29.03 7.78 -28.83
N GLY J 61 -29.81 8.85 -28.78
CA GLY J 61 -29.89 9.81 -29.86
C GLY J 61 -28.64 10.67 -29.99
N ALA J 62 -27.78 10.63 -28.99
CA ALA J 62 -26.51 11.36 -29.03
C ALA J 62 -25.40 10.47 -29.59
N GLY J 63 -25.72 9.20 -29.84
CA GLY J 63 -24.76 8.27 -30.40
C GLY J 63 -23.93 7.54 -29.35
N LYS J 64 -24.02 8.01 -28.10
CA LYS J 64 -23.29 7.40 -27.00
C LYS J 64 -23.78 5.98 -26.73
N TYR J 65 -22.86 5.09 -26.39
CA TYR J 65 -23.19 3.69 -26.08
C TYR J 65 -23.47 3.52 -24.59
N PHE J 66 -24.31 2.55 -24.26
CA PHE J 66 -24.57 2.22 -22.87
C PHE J 66 -25.16 0.82 -22.75
N LEU J 67 -24.86 0.16 -21.64
CA LEU J 67 -25.40 -1.17 -21.36
C LEU J 67 -26.86 -1.06 -20.93
N GLY J 68 -27.68 -2.00 -21.39
CA GLY J 68 -29.07 -2.05 -21.00
C GLY J 68 -29.18 -2.31 -19.50
N VAL J 69 -30.30 -1.89 -18.91
CA VAL J 69 -30.50 -2.02 -17.48
C VAL J 69 -31.90 -2.49 -17.15
N VAL J 70 -32.03 -3.15 -16.00
CA VAL J 70 -33.32 -3.63 -15.52
C VAL J 70 -34.28 -2.47 -15.27
N LYS J 71 -35.56 -2.69 -15.54
CA LYS J 71 -36.59 -1.69 -15.35
C LYS J 71 -37.78 -2.31 -14.63
N PHE J 72 -38.42 -1.53 -13.74
CA PHE J 72 -39.42 -2.05 -12.82
C PHE J 72 -40.81 -1.46 -13.06
N ASN J 73 -41.83 -2.30 -12.91
CA ASN J 73 -43.22 -1.89 -13.09
C ASN J 73 -43.73 -1.02 -11.94
N SER J 74 -43.08 -1.12 -10.79
CA SER J 74 -43.48 -0.36 -9.61
C SER J 74 -42.29 -0.04 -8.72
N LEU J 75 -42.43 0.96 -7.87
CA LEU J 75 -41.39 1.29 -6.90
C LEU J 75 -41.19 0.12 -5.93
N ASN J 76 -42.28 -0.58 -5.65
CA ASN J 76 -42.24 -1.74 -4.76
C ASN J 76 -41.23 -2.78 -5.24
N GLU J 77 -41.36 -3.18 -6.51
CA GLU J 77 -40.45 -4.15 -7.10
C GLU J 77 -39.04 -3.60 -7.18
N LEU J 78 -38.92 -2.29 -7.39
CA LEU J 78 -37.63 -1.64 -7.46
C LEU J 78 -36.93 -1.70 -6.10
N VAL J 79 -37.69 -1.49 -5.04
CA VAL J 79 -37.16 -1.53 -3.68
C VAL J 79 -36.73 -2.96 -3.30
N ASP J 80 -37.63 -3.91 -3.51
CA ASP J 80 -37.39 -5.29 -3.10
C ASP J 80 -36.26 -5.93 -3.89
N TYR J 81 -36.19 -5.64 -5.18
CA TYR J 81 -35.12 -6.14 -6.02
C TYR J 81 -33.77 -5.72 -5.47
N HIS J 82 -33.68 -4.50 -4.97
CA HIS J 82 -32.42 -3.96 -4.49
C HIS J 82 -32.18 -4.24 -3.00
N ARG J 83 -32.93 -5.18 -2.44
CA ARG J 83 -32.60 -5.73 -1.14
C ARG J 83 -31.55 -6.82 -1.32
N SER J 84 -31.56 -7.42 -2.50
CA SER J 84 -30.67 -8.53 -2.84
C SER J 84 -29.56 -8.09 -3.79
N THR J 85 -29.86 -7.09 -4.64
CA THR J 85 -28.90 -6.56 -5.59
C THR J 85 -28.52 -5.13 -5.20
N SER J 86 -27.27 -4.76 -5.41
CA SER J 86 -26.79 -3.44 -5.00
C SER J 86 -27.42 -2.32 -5.82
N VAL J 87 -27.54 -1.14 -5.20
CA VAL J 87 -28.06 0.04 -5.88
C VAL J 87 -26.93 0.87 -6.48
N SER J 88 -25.72 0.63 -6.00
CA SER J 88 -24.53 1.33 -6.48
C SER J 88 -23.67 0.41 -7.34
N ARG J 89 -23.00 0.98 -8.32
CA ARG J 89 -22.12 0.23 -9.21
C ARG J 89 -20.71 0.18 -8.66
N ASN J 90 -20.35 1.19 -7.87
CA ASN J 90 -19.00 1.32 -7.33
C ASN J 90 -18.89 0.76 -5.91
N GLN J 91 -20.03 0.60 -5.25
CA GLN J 91 -20.06 0.11 -3.87
C GLN J 91 -21.11 -0.97 -3.69
N GLN J 92 -21.04 -1.67 -2.56
CA GLN J 92 -21.98 -2.75 -2.23
C GLN J 92 -23.01 -2.26 -1.22
N ILE J 93 -24.14 -1.77 -1.73
CA ILE J 93 -25.17 -1.18 -0.90
C ILE J 93 -26.51 -1.88 -1.12
N PHE J 94 -26.92 -2.68 -0.14
CA PHE J 94 -28.17 -3.43 -0.22
C PHE J 94 -29.22 -2.79 0.70
N LEU J 95 -30.44 -2.67 0.20
CA LEU J 95 -31.49 -1.98 0.94
C LEU J 95 -32.04 -2.81 2.09
N ARG J 96 -32.02 -2.23 3.30
CA ARG J 96 -32.61 -2.84 4.48
C ARG J 96 -33.64 -1.90 5.08
N ASP J 97 -34.71 -2.46 5.65
CA ASP J 97 -35.78 -1.65 6.25
C ASP J 97 -35.26 -0.75 7.35
N ILE J 98 -35.90 0.41 7.50
CA ILE J 98 -35.51 1.39 8.50
C ILE J 98 -35.80 0.86 9.90
N GLU J 99 -34.91 1.14 10.85
CA GLU J 99 -35.06 0.68 12.23
C GLU J 99 -35.07 1.85 13.20
N LYS K 3 3.57 -9.29 28.59
CA LYS K 3 3.85 -7.97 29.14
C LYS K 3 4.61 -7.11 28.13
N PRO K 4 4.67 -5.79 28.37
CA PRO K 4 5.35 -4.87 27.46
C PRO K 4 6.88 -4.93 27.59
N HIS K 5 7.57 -4.12 26.80
CA HIS K 5 9.03 -4.14 26.77
C HIS K 5 9.64 -3.09 27.70
N PRO K 6 10.68 -3.46 28.46
CA PRO K 6 11.29 -2.55 29.44
C PRO K 6 12.32 -1.59 28.85
N TRP K 7 12.76 -1.82 27.62
CA TRP K 7 13.81 -1.01 27.02
C TRP K 7 13.28 0.17 26.21
N PHE K 8 11.98 0.21 25.96
CA PHE K 8 11.40 1.31 25.18
C PHE K 8 10.97 2.46 26.09
N PHE K 9 11.64 3.59 25.95
CA PHE K 9 11.43 4.75 26.81
C PHE K 9 10.77 5.93 26.08
N GLY K 10 10.45 5.74 24.81
CA GLY K 10 9.77 6.75 24.02
C GLY K 10 10.60 8.00 23.84
N LYS K 11 9.96 9.17 23.92
CA LYS K 11 10.65 10.44 23.72
C LYS K 11 11.27 10.94 25.01
N ILE K 12 12.59 10.84 25.10
CA ILE K 12 13.32 11.35 26.25
C ILE K 12 14.58 12.07 25.77
N PRO K 13 15.00 13.12 26.50
CA PRO K 13 16.20 13.86 26.10
C PRO K 13 17.47 13.01 26.19
N ARG K 14 18.46 13.34 25.38
CA ARG K 14 19.71 12.58 25.31
C ARG K 14 20.43 12.60 26.65
N ALA K 15 20.44 13.75 27.32
CA ALA K 15 21.13 13.89 28.59
C ALA K 15 20.53 12.97 29.65
N LYS K 16 19.21 12.97 29.77
CA LYS K 16 18.52 12.17 30.77
C LYS K 16 18.71 10.68 30.52
N ALA K 17 19.04 10.32 29.29
CA ALA K 17 19.32 8.93 28.95
C ALA K 17 20.71 8.54 29.44
N GLU K 18 21.69 9.40 29.18
CA GLU K 18 23.06 9.17 29.62
C GLU K 18 23.14 9.12 31.14
N GLU K 19 22.34 9.97 31.78
CA GLU K 19 22.28 10.03 33.23
C GLU K 19 21.83 8.70 33.82
N MET K 20 20.80 8.11 33.22
CA MET K 20 20.22 6.88 33.72
C MET K 20 21.14 5.67 33.51
N LEU K 21 21.74 5.58 32.33
CA LEU K 21 22.55 4.41 31.98
C LEU K 21 23.88 4.40 32.71
N SER K 22 24.37 5.56 33.11
CA SER K 22 25.64 5.65 33.82
C SER K 22 25.52 5.07 35.24
N LYS K 23 24.30 5.02 35.76
CA LYS K 23 24.04 4.49 37.08
C LYS K 23 23.93 2.95 37.05
N GLN K 24 23.88 2.39 35.85
CA GLN K 24 23.81 0.94 35.69
C GLN K 24 25.14 0.29 36.05
N ARG K 25 25.10 -1.00 36.37
CA ARG K 25 26.28 -1.74 36.79
C ARG K 25 26.62 -2.85 35.80
N HIS K 26 26.12 -2.73 34.58
CA HIS K 26 26.36 -3.72 33.53
C HIS K 26 26.56 -3.05 32.18
N ASP K 27 27.67 -3.36 31.52
CA ASP K 27 27.89 -2.92 30.15
C ASP K 27 26.89 -3.62 29.25
N GLY K 28 26.20 -2.85 28.42
CA GLY K 28 25.14 -3.37 27.58
C GLY K 28 23.78 -2.90 28.03
N ALA K 29 23.73 -2.23 29.19
CA ALA K 29 22.51 -1.62 29.67
C ALA K 29 22.05 -0.56 28.67
N PHE K 30 20.90 -0.78 28.07
CA PHE K 30 20.45 0.04 26.94
C PHE K 30 19.00 0.46 27.04
N LEU K 31 18.59 1.31 26.11
CA LEU K 31 17.20 1.72 25.96
C LEU K 31 16.99 2.28 24.56
N ILE K 32 15.76 2.19 24.07
CA ILE K 32 15.39 2.78 22.79
C ILE K 32 14.60 4.05 23.03
N ARG K 33 15.18 5.19 22.67
CA ARG K 33 14.54 6.48 22.85
C ARG K 33 14.24 7.13 21.50
N GLU K 34 13.06 7.74 21.39
CA GLU K 34 12.66 8.43 20.18
C GLU K 34 13.41 9.77 20.08
N SER K 35 14.18 9.92 19.02
CA SER K 35 15.08 11.07 18.86
C SER K 35 14.34 12.40 18.88
N GLU K 36 14.78 13.30 19.75
CA GLU K 36 14.22 14.63 19.83
C GLU K 36 14.83 15.54 18.77
N SER K 37 16.11 15.32 18.49
CA SER K 37 16.84 16.14 17.52
C SER K 37 16.43 15.82 16.09
N ALA K 38 16.06 14.56 15.85
CA ALA K 38 15.65 14.10 14.52
C ALA K 38 14.24 13.51 14.59
N PRO K 39 13.22 14.37 14.50
CA PRO K 39 11.82 13.93 14.57
C PRO K 39 11.48 12.79 13.61
N GLY K 40 11.06 11.66 14.17
CA GLY K 40 10.64 10.51 13.38
C GLY K 40 11.63 9.36 13.40
N ASP K 41 12.79 9.59 13.99
CA ASP K 41 13.85 8.57 14.06
C ASP K 41 14.04 8.06 15.48
N PHE K 42 14.60 6.86 15.59
CA PHE K 42 14.87 6.23 16.88
C PHE K 42 16.37 6.22 17.19
N SER K 43 16.70 6.40 18.47
CA SER K 43 18.09 6.40 18.92
C SER K 43 18.31 5.32 19.99
N LEU K 44 19.39 4.57 19.84
CA LEU K 44 19.74 3.50 20.77
C LEU K 44 20.92 3.91 21.65
N SER K 45 20.64 4.12 22.93
CA SER K 45 21.68 4.48 23.89
C SER K 45 22.19 3.24 24.60
N VAL K 46 23.51 3.10 24.69
CA VAL K 46 24.13 1.91 25.24
C VAL K 46 25.25 2.27 26.21
N LYS K 47 25.27 1.60 27.36
CA LYS K 47 26.29 1.82 28.38
C LYS K 47 27.51 0.94 28.14
N PHE K 48 28.70 1.52 28.26
CA PHE K 48 29.93 0.78 28.11
C PHE K 48 31.07 1.47 28.87
N GLY K 49 31.46 0.88 30.00
CA GLY K 49 32.47 1.48 30.85
C GLY K 49 31.94 2.73 31.54
N ASN K 50 32.59 3.86 31.28
CA ASN K 50 32.15 5.14 31.82
C ASN K 50 31.20 5.84 30.87
N ASP K 51 31.59 5.90 29.60
CA ASP K 51 30.80 6.59 28.58
C ASP K 51 29.50 5.87 28.27
N VAL K 52 28.59 6.58 27.62
CA VAL K 52 27.32 6.03 27.14
C VAL K 52 27.25 6.21 25.63
N GLN K 53 27.50 5.13 24.91
CA GLN K 53 27.49 5.18 23.44
C GLN K 53 26.07 5.35 22.91
N HIS K 54 25.93 6.14 21.85
CA HIS K 54 24.65 6.37 21.20
C HIS K 54 24.66 5.93 19.75
N PHE K 55 23.69 5.12 19.37
CA PHE K 55 23.56 4.62 18.00
C PHE K 55 22.31 5.18 17.34
N LYS K 56 22.41 5.42 16.03
CA LYS K 56 21.31 5.97 15.24
C LYS K 56 20.62 4.87 14.46
N VAL K 57 19.38 4.55 14.83
CA VAL K 57 18.61 3.55 14.10
C VAL K 57 18.21 4.11 12.75
N LEU K 58 18.80 3.56 11.69
CA LEU K 58 18.53 4.02 10.33
C LEU K 58 17.42 3.19 9.70
N ARG K 59 16.92 3.66 8.56
CA ARG K 59 15.83 3.01 7.87
C ARG K 59 16.01 3.13 6.36
N ASP K 60 16.13 1.99 5.68
CA ASP K 60 16.39 1.99 4.24
C ASP K 60 15.13 2.30 3.44
N GLY K 61 15.25 2.25 2.12
CA GLY K 61 14.14 2.53 1.23
C GLY K 61 13.01 1.52 1.33
N ALA K 62 13.30 0.37 1.94
CA ALA K 62 12.30 -0.67 2.14
C ALA K 62 11.50 -0.43 3.43
N GLY K 63 12.06 0.37 4.33
CA GLY K 63 11.44 0.67 5.60
C GLY K 63 11.97 -0.15 6.75
N LYS K 64 12.96 -1.01 6.48
CA LYS K 64 13.52 -1.89 7.49
C LYS K 64 14.61 -1.18 8.30
N TYR K 65 14.80 -1.60 9.54
CA TYR K 65 15.79 -0.99 10.43
C TYR K 65 17.17 -1.61 10.29
N PHE K 66 18.20 -0.80 10.52
CA PHE K 66 19.59 -1.27 10.54
C PHE K 66 20.48 -0.19 11.13
N LEU K 67 21.77 -0.48 11.28
CA LEU K 67 22.68 0.43 12.00
C LEU K 67 23.82 0.98 11.13
N GLY K 68 23.56 1.08 9.82
CA GLY K 68 24.50 1.73 8.92
C GLY K 68 25.53 0.79 8.32
N VAL K 69 26.34 1.33 7.40
CA VAL K 69 27.33 0.55 6.67
C VAL K 69 28.65 1.32 6.53
N VAL K 70 29.72 0.60 6.25
CA VAL K 70 31.03 1.21 6.01
C VAL K 70 31.38 1.12 4.53
N LYS K 71 31.55 2.28 3.89
CA LYS K 71 31.74 2.36 2.45
C LYS K 71 33.20 2.51 2.05
N PHE K 72 33.52 2.15 0.80
CA PHE K 72 34.89 2.18 0.30
C PHE K 72 34.95 2.62 -1.16
N ASN K 73 35.98 3.41 -1.49
CA ASN K 73 36.14 3.95 -2.83
C ASN K 73 36.64 2.93 -3.84
N SER K 74 36.89 1.71 -3.39
CA SER K 74 37.30 0.65 -4.29
C SER K 74 37.15 -0.72 -3.64
N LEU K 75 37.16 -1.76 -4.46
CA LEU K 75 37.03 -3.12 -3.98
C LEU K 75 38.31 -3.54 -3.25
N ASN K 76 39.43 -2.97 -3.66
CA ASN K 76 40.72 -3.26 -3.05
C ASN K 76 40.87 -2.62 -1.67
N GLU K 77 40.36 -1.40 -1.53
CA GLU K 77 40.39 -0.72 -0.24
C GLU K 77 39.56 -1.47 0.78
N LEU K 78 38.50 -2.11 0.30
CA LEU K 78 37.57 -2.83 1.17
C LEU K 78 38.23 -4.07 1.78
N VAL K 79 38.89 -4.87 0.95
CA VAL K 79 39.50 -6.11 1.42
C VAL K 79 40.68 -5.80 2.35
N ASP K 80 41.44 -4.76 2.04
CA ASP K 80 42.59 -4.38 2.85
C ASP K 80 42.16 -3.97 4.25
N TYR K 81 41.09 -3.18 4.34
CA TYR K 81 40.54 -2.77 5.62
C TYR K 81 40.12 -3.99 6.44
N HIS K 82 39.61 -5.01 5.75
CA HIS K 82 39.14 -6.22 6.41
C HIS K 82 40.26 -7.26 6.54
N ARG K 83 41.51 -6.81 6.49
CA ARG K 83 42.64 -7.65 6.86
C ARG K 83 42.91 -7.52 8.36
N SER K 84 42.46 -6.39 8.93
CA SER K 84 42.61 -6.13 10.36
C SER K 84 41.26 -6.14 11.05
N THR K 85 40.20 -5.92 10.29
CA THR K 85 38.84 -5.92 10.81
C THR K 85 38.07 -7.13 10.29
N SER K 86 37.37 -7.81 11.18
CA SER K 86 36.61 -9.00 10.82
C SER K 86 35.53 -8.68 9.80
N VAL K 87 35.29 -9.60 8.87
CA VAL K 87 34.24 -9.45 7.89
C VAL K 87 32.90 -9.87 8.49
N SER K 88 32.97 -10.75 9.48
CA SER K 88 31.77 -11.22 10.18
C SER K 88 31.64 -10.51 11.53
N ARG K 89 30.40 -10.41 12.02
CA ARG K 89 30.14 -9.75 13.29
C ARG K 89 30.16 -10.74 14.44
N ASN K 90 29.60 -11.93 14.20
CA ASN K 90 29.54 -12.99 15.21
C ASN K 90 30.80 -13.85 15.25
N GLN K 91 31.76 -13.55 14.38
CA GLN K 91 33.02 -14.28 14.32
C GLN K 91 34.15 -13.36 13.92
N GLN K 92 35.37 -13.71 14.33
CA GLN K 92 36.55 -12.95 13.98
C GLN K 92 37.27 -13.59 12.79
N ILE K 93 36.77 -13.30 11.58
CA ILE K 93 37.34 -13.82 10.35
C ILE K 93 38.06 -12.72 9.59
N PHE K 94 39.38 -12.75 9.63
CA PHE K 94 40.19 -11.77 8.92
C PHE K 94 40.58 -12.31 7.55
N LEU K 95 40.90 -11.41 6.62
CA LEU K 95 41.16 -11.79 5.24
C LEU K 95 42.64 -12.06 4.98
N ARG K 96 42.90 -13.05 4.13
CA ARG K 96 44.26 -13.45 3.81
C ARG K 96 44.33 -13.96 2.38
N ASP K 97 45.34 -13.52 1.63
CA ASP K 97 45.48 -13.91 0.23
C ASP K 97 45.65 -15.42 0.08
N ILE K 98 44.99 -15.98 -0.92
CA ILE K 98 45.12 -17.42 -1.20
C ILE K 98 46.56 -17.75 -1.58
N GLU K 99 47.02 -18.91 -1.17
CA GLU K 99 48.36 -19.39 -1.51
C GLU K 99 48.30 -20.31 -2.73
N GLN K 100 49.17 -20.04 -3.70
CA GLN K 100 49.22 -20.81 -4.93
C GLN K 100 50.52 -21.62 -5.02
N LYS L 3 53.25 -8.32 -9.34
CA LYS L 3 52.47 -9.03 -8.32
C LYS L 3 51.03 -8.56 -8.32
N PRO L 4 50.22 -9.03 -9.30
CA PRO L 4 48.81 -8.65 -9.36
C PRO L 4 47.99 -9.22 -8.20
N HIS L 5 46.96 -8.49 -7.80
CA HIS L 5 46.12 -8.89 -6.68
C HIS L 5 45.32 -10.16 -7.01
N PRO L 6 45.64 -11.28 -6.33
CA PRO L 6 45.12 -12.58 -6.75
C PRO L 6 43.70 -12.91 -6.30
N TRP L 7 42.93 -11.93 -5.82
CA TRP L 7 41.62 -12.22 -5.25
C TRP L 7 40.44 -11.95 -6.20
N PHE L 8 40.71 -11.34 -7.35
CA PHE L 8 39.65 -11.08 -8.32
C PHE L 8 39.53 -12.24 -9.32
N PHE L 9 38.47 -13.04 -9.15
CA PHE L 9 38.24 -14.20 -9.99
C PHE L 9 37.18 -13.94 -11.07
N GLY L 10 36.33 -12.95 -10.83
CA GLY L 10 35.35 -12.52 -11.81
C GLY L 10 34.12 -13.40 -11.88
N LYS L 11 33.85 -13.94 -13.05
CA LYS L 11 32.63 -14.72 -13.30
C LYS L 11 32.81 -16.21 -13.01
N ILE L 12 32.92 -16.56 -11.73
CA ILE L 12 32.95 -17.97 -11.35
C ILE L 12 31.73 -18.31 -10.50
N PRO L 13 31.22 -19.54 -10.62
CA PRO L 13 30.04 -19.90 -9.84
C PRO L 13 30.33 -19.92 -8.34
N ARG L 14 29.28 -19.86 -7.52
CA ARG L 14 29.43 -19.98 -6.07
C ARG L 14 30.02 -21.35 -5.73
N ALA L 15 29.77 -22.31 -6.59
CA ALA L 15 30.25 -23.68 -6.38
C ALA L 15 31.77 -23.75 -6.48
N LYS L 16 32.31 -23.26 -7.60
CA LYS L 16 33.76 -23.30 -7.84
C LYS L 16 34.51 -22.52 -6.77
N ALA L 17 33.88 -21.47 -6.24
CA ALA L 17 34.50 -20.66 -5.20
C ALA L 17 34.69 -21.47 -3.93
N GLU L 18 33.64 -22.19 -3.51
CA GLU L 18 33.71 -23.03 -2.33
C GLU L 18 34.58 -24.26 -2.57
N GLU L 19 34.74 -24.62 -3.84
CA GLU L 19 35.55 -25.77 -4.21
C GLU L 19 37.05 -25.47 -4.06
N MET L 20 37.42 -24.21 -4.30
CA MET L 20 38.82 -23.80 -4.23
C MET L 20 39.23 -23.41 -2.83
N LEU L 21 38.43 -22.55 -2.20
CA LEU L 21 38.75 -22.01 -0.89
C LEU L 21 38.75 -23.10 0.19
N SER L 22 37.78 -24.00 0.13
CA SER L 22 37.70 -25.09 1.11
C SER L 22 38.96 -25.95 1.07
N LYS L 23 39.63 -25.95 -0.08
CA LYS L 23 40.87 -26.71 -0.26
C LYS L 23 42.10 -25.83 -0.08
N GLN L 24 42.01 -24.83 0.80
CA GLN L 24 43.13 -23.96 1.12
C GLN L 24 43.60 -24.20 2.56
N ARG L 25 44.82 -23.81 2.85
CA ARG L 25 45.45 -24.12 4.13
C ARG L 25 44.99 -23.20 5.27
N HIS L 26 44.95 -21.90 5.00
CA HIS L 26 44.73 -20.91 6.05
C HIS L 26 43.31 -20.37 6.06
N ASP L 27 42.77 -20.18 7.26
CA ASP L 27 41.52 -19.47 7.42
C ASP L 27 41.69 -18.05 6.93
N GLY L 28 40.63 -17.46 6.38
CA GLY L 28 40.70 -16.12 5.83
C GLY L 28 40.97 -16.14 4.34
N ALA L 29 41.29 -17.31 3.80
CA ALA L 29 41.48 -17.46 2.37
C ALA L 29 40.22 -17.02 1.65
N PHE L 30 40.34 -15.98 0.83
CA PHE L 30 39.18 -15.33 0.24
C PHE L 30 39.33 -15.07 -1.25
N LEU L 31 38.22 -14.74 -1.88
CA LEU L 31 38.22 -14.30 -3.27
C LEU L 31 36.99 -13.43 -3.52
N ILE L 32 37.08 -12.57 -4.54
CA ILE L 32 35.96 -11.74 -4.96
C ILE L 32 35.45 -12.22 -6.31
N ARG L 33 34.15 -12.47 -6.39
CA ARG L 33 33.52 -12.97 -7.61
C ARG L 33 32.26 -12.19 -7.94
N GLU L 34 31.89 -12.21 -9.21
CA GLU L 34 30.62 -11.65 -9.65
C GLU L 34 29.47 -12.43 -9.03
N SER L 35 28.47 -11.73 -8.53
CA SER L 35 27.31 -12.39 -7.93
C SER L 35 26.53 -13.14 -9.01
N GLU L 36 26.17 -14.37 -8.71
CA GLU L 36 25.49 -15.24 -9.66
C GLU L 36 23.98 -15.14 -9.50
N SER L 37 23.53 -15.06 -8.25
CA SER L 37 22.11 -14.99 -7.96
C SER L 37 21.54 -13.59 -8.17
N ALA L 38 22.38 -12.58 -7.91
CA ALA L 38 21.96 -11.19 -8.01
C ALA L 38 23.03 -10.34 -8.70
N PRO L 39 23.06 -10.37 -10.05
CA PRO L 39 23.98 -9.56 -10.83
C PRO L 39 23.92 -8.08 -10.44
N GLY L 40 25.05 -7.38 -10.57
CA GLY L 40 25.16 -6.01 -10.14
C GLY L 40 25.87 -5.92 -8.81
N ASP L 41 25.78 -7.00 -8.03
CA ASP L 41 26.48 -7.10 -6.75
C ASP L 41 27.78 -7.87 -6.90
N PHE L 42 28.57 -7.87 -5.83
CA PHE L 42 29.76 -8.71 -5.73
C PHE L 42 29.58 -9.66 -4.55
N SER L 43 30.31 -10.77 -4.57
CA SER L 43 30.23 -11.77 -3.51
C SER L 43 31.60 -12.11 -2.97
N LEU L 44 31.84 -11.75 -1.72
CA LEU L 44 33.09 -12.08 -1.05
C LEU L 44 32.99 -13.43 -0.37
N SER L 45 33.63 -14.43 -0.97
CA SER L 45 33.70 -15.78 -0.39
C SER L 45 34.97 -15.90 0.44
N VAL L 46 34.85 -16.53 1.61
CA VAL L 46 35.99 -16.65 2.52
C VAL L 46 35.92 -17.96 3.31
N LYS L 47 37.06 -18.60 3.48
CA LYS L 47 37.15 -19.86 4.21
C LYS L 47 37.32 -19.63 5.71
N PHE L 48 36.61 -20.43 6.49
CA PHE L 48 36.73 -20.39 7.95
C PHE L 48 36.29 -21.75 8.52
N GLY L 49 37.28 -22.56 8.89
CA GLY L 49 37.01 -23.91 9.35
C GLY L 49 36.75 -24.83 8.18
N ASN L 50 35.85 -25.79 8.37
CA ASN L 50 35.50 -26.73 7.31
C ASN L 50 34.48 -26.15 6.33
N ASP L 51 33.94 -24.98 6.66
CA ASP L 51 32.93 -24.33 5.84
C ASP L 51 33.50 -23.10 5.14
N VAL L 52 32.82 -22.66 4.07
CA VAL L 52 33.20 -21.46 3.33
C VAL L 52 32.03 -20.47 3.31
N GLN L 53 32.18 -19.38 4.05
CA GLN L 53 31.12 -18.38 4.16
C GLN L 53 31.15 -17.40 2.99
N HIS L 54 30.03 -16.70 2.80
CA HIS L 54 29.89 -15.72 1.73
C HIS L 54 29.30 -14.42 2.26
N PHE L 55 29.80 -13.30 1.75
CA PHE L 55 29.32 -11.98 2.16
C PHE L 55 28.96 -11.13 0.95
N LYS L 56 27.75 -10.59 0.96
CA LYS L 56 27.28 -9.76 -0.15
C LYS L 56 27.91 -8.38 -0.10
N VAL L 57 28.49 -7.98 -1.23
CA VAL L 57 29.06 -6.64 -1.39
C VAL L 57 28.19 -5.86 -2.37
N LEU L 58 27.83 -4.63 -1.97
CA LEU L 58 26.92 -3.81 -2.76
C LEU L 58 27.61 -2.53 -3.24
N ARG L 59 27.02 -1.91 -4.26
CA ARG L 59 27.47 -0.62 -4.77
C ARG L 59 26.35 0.39 -4.57
N ASP L 60 26.68 1.54 -3.99
CA ASP L 60 25.67 2.44 -3.42
C ASP L 60 25.01 3.40 -4.42
N GLY L 61 25.41 3.34 -5.69
CA GLY L 61 24.86 4.23 -6.70
C GLY L 61 25.70 5.48 -6.86
N ALA L 62 26.51 5.79 -5.85
CA ALA L 62 27.52 6.84 -5.97
C ALA L 62 28.84 6.23 -6.45
N GLY L 63 28.88 4.91 -6.54
CA GLY L 63 30.05 4.19 -6.99
C GLY L 63 30.77 3.46 -5.88
N LYS L 64 30.54 3.89 -4.64
CA LYS L 64 31.23 3.32 -3.49
C LYS L 64 30.80 1.88 -3.21
N TYR L 65 31.76 1.06 -2.80
CA TYR L 65 31.48 -0.32 -2.40
C TYR L 65 31.26 -0.39 -0.89
N PHE L 66 30.46 -1.34 -0.45
CA PHE L 66 30.27 -1.58 0.98
C PHE L 66 29.71 -2.97 1.25
N LEU L 67 30.03 -3.50 2.42
CA LEU L 67 29.50 -4.78 2.85
C LEU L 67 28.06 -4.62 3.32
N GLY L 68 27.19 -5.51 2.87
CA GLY L 68 25.81 -5.50 3.30
C GLY L 68 25.70 -5.74 4.78
N VAL L 69 24.58 -5.35 5.37
CA VAL L 69 24.32 -5.57 6.78
C VAL L 69 22.93 -6.15 6.96
N VAL L 70 22.74 -6.89 8.04
CA VAL L 70 21.43 -7.48 8.34
C VAL L 70 20.42 -6.35 8.57
N LYS L 71 19.18 -6.61 8.17
CA LYS L 71 18.11 -5.64 8.33
C LYS L 71 16.91 -6.28 9.01
N PHE L 72 16.22 -5.50 9.83
CA PHE L 72 15.17 -6.02 10.70
C PHE L 72 13.81 -5.43 10.35
N ASN L 73 12.78 -6.26 10.40
CA ASN L 73 11.40 -5.83 10.15
C ASN L 73 10.80 -5.10 11.34
N SER L 74 11.54 -5.04 12.44
CA SER L 74 11.06 -4.37 13.64
C SER L 74 12.21 -3.99 14.57
N LEU L 75 11.99 -2.98 15.39
CA LEU L 75 12.97 -2.57 16.40
C LEU L 75 13.17 -3.69 17.41
N ASN L 76 12.09 -4.42 17.69
CA ASN L 76 12.12 -5.51 18.65
C ASN L 76 13.09 -6.60 18.21
N GLU L 77 13.21 -6.79 16.90
CA GLU L 77 14.13 -7.79 16.35
C GLU L 77 15.55 -7.24 16.28
N LEU L 78 15.67 -5.93 16.11
CA LEU L 78 16.97 -5.27 16.12
C LEU L 78 17.57 -5.36 17.52
N VAL L 79 16.73 -5.25 18.53
CA VAL L 79 17.18 -5.34 19.91
C VAL L 79 17.65 -6.76 20.23
N ASP L 80 16.80 -7.73 19.95
CA ASP L 80 17.07 -9.13 20.29
C ASP L 80 18.27 -9.68 19.54
N TYR L 81 18.39 -9.33 18.26
CA TYR L 81 19.50 -9.79 17.45
C TYR L 81 20.83 -9.37 18.06
N HIS L 82 20.85 -8.18 18.65
CA HIS L 82 22.08 -7.62 19.20
C HIS L 82 22.21 -7.92 20.69
N ARG L 83 21.51 -8.95 21.15
CA ARG L 83 21.76 -9.53 22.47
C ARG L 83 22.80 -10.62 22.35
N SER L 84 23.06 -11.06 21.11
CA SER L 84 24.03 -12.11 20.83
C SER L 84 25.11 -11.61 19.87
N THR L 85 24.84 -10.50 19.20
CA THR L 85 25.76 -9.92 18.21
C THR L 85 26.08 -8.47 18.57
N SER L 86 27.37 -8.14 18.57
CA SER L 86 27.83 -6.82 18.99
C SER L 86 27.22 -5.70 18.14
N VAL L 87 26.71 -4.67 18.81
CA VAL L 87 26.15 -3.51 18.12
C VAL L 87 27.26 -2.66 17.50
N SER L 88 28.46 -2.78 18.06
CA SER L 88 29.62 -2.04 17.57
C SER L 88 30.57 -2.96 16.79
N ARG L 89 31.19 -2.42 15.75
CA ARG L 89 32.14 -3.17 14.94
C ARG L 89 33.49 -3.29 15.65
N ASN L 90 33.87 -2.23 16.37
CA ASN L 90 35.19 -2.15 16.98
C ASN L 90 35.23 -2.73 18.39
N GLN L 91 34.06 -2.84 19.02
CA GLN L 91 33.96 -3.33 20.39
C GLN L 91 32.81 -4.31 20.55
N GLN L 92 33.04 -5.36 21.33
CA GLN L 92 32.01 -6.37 21.57
C GLN L 92 31.03 -5.91 22.64
N ILE L 93 30.02 -5.15 22.20
CA ILE L 93 29.00 -4.63 23.09
C ILE L 93 27.66 -5.32 22.82
N PHE L 94 27.27 -6.22 23.72
CA PHE L 94 25.99 -6.90 23.61
C PHE L 94 24.97 -6.17 24.48
N LEU L 95 23.69 -6.27 24.10
CA LEU L 95 22.65 -5.51 24.78
C LEU L 95 22.04 -6.30 25.93
N ARG L 96 22.12 -5.72 27.13
CA ARG L 96 21.55 -6.31 28.33
C ARG L 96 20.45 -5.42 28.89
N ASP L 97 19.40 -6.04 29.42
CA ASP L 97 18.29 -5.29 29.99
C ASP L 97 18.74 -4.45 31.17
N ILE L 98 18.01 -3.35 31.41
CA ILE L 98 18.28 -2.47 32.53
C ILE L 98 17.91 -3.17 33.84
N GLU L 99 18.67 -2.93 34.89
CA GLU L 99 18.43 -3.53 36.20
C GLU L 99 18.27 -2.46 37.27
N MET M 2 -6.49 -30.07 -20.38
CA MET M 2 -6.09 -30.24 -18.99
C MET M 2 -4.75 -29.55 -18.72
N LYS M 3 -4.80 -28.31 -18.24
CA LYS M 3 -3.61 -27.53 -17.96
C LYS M 3 -3.46 -27.30 -16.45
N PRO M 4 -2.30 -26.79 -16.02
CA PRO M 4 -2.10 -26.50 -14.59
C PRO M 4 -2.91 -25.28 -14.13
N HIS M 5 -2.92 -25.05 -12.82
CA HIS M 5 -3.65 -23.92 -12.25
C HIS M 5 -2.74 -22.72 -12.02
N PRO M 6 -2.96 -21.61 -12.77
CA PRO M 6 -2.08 -20.45 -12.63
C PRO M 6 -2.30 -19.64 -11.35
N TRP M 7 -3.15 -20.12 -10.44
CA TRP M 7 -3.34 -19.44 -9.15
C TRP M 7 -2.56 -20.11 -8.02
N PHE M 8 -1.69 -21.05 -8.38
CA PHE M 8 -0.81 -21.70 -7.40
C PHE M 8 0.64 -21.28 -7.67
N PHE M 9 1.18 -20.48 -6.76
CA PHE M 9 2.51 -19.91 -6.92
C PHE M 9 3.54 -20.57 -6.01
N GLY M 10 3.21 -21.74 -5.49
CA GLY M 10 4.11 -22.49 -4.63
C GLY M 10 4.48 -21.72 -3.37
N LYS M 11 5.79 -21.60 -3.14
CA LYS M 11 6.30 -20.95 -1.93
C LYS M 11 6.96 -19.62 -2.25
N ILE M 12 6.14 -18.57 -2.38
CA ILE M 12 6.63 -17.22 -2.59
C ILE M 12 6.45 -16.40 -1.30
N PRO M 13 7.31 -15.40 -1.10
CA PRO M 13 7.16 -14.56 0.11
C PRO M 13 5.88 -13.75 0.09
N ARG M 14 5.38 -13.39 1.27
CA ARG M 14 4.15 -12.61 1.40
C ARG M 14 4.22 -11.31 0.61
N ALA M 15 5.37 -10.65 0.66
CA ALA M 15 5.56 -9.36 0.01
C ALA M 15 5.45 -9.46 -1.51
N LYS M 16 6.10 -10.47 -2.08
CA LYS M 16 6.11 -10.66 -3.53
C LYS M 16 4.70 -10.91 -4.05
N ALA M 17 3.86 -11.53 -3.21
CA ALA M 17 2.48 -11.82 -3.58
C ALA M 17 1.64 -10.53 -3.60
N GLU M 18 1.98 -9.61 -2.72
CA GLU M 18 1.28 -8.32 -2.66
C GLU M 18 1.71 -7.43 -3.83
N GLU M 19 3.00 -7.47 -4.14
CA GLU M 19 3.56 -6.74 -5.27
C GLU M 19 2.85 -7.11 -6.56
N MET M 20 2.66 -8.41 -6.76
CA MET M 20 2.00 -8.91 -7.96
C MET M 20 0.52 -8.54 -7.99
N LEU M 21 -0.18 -8.79 -6.89
CA LEU M 21 -1.61 -8.58 -6.83
C LEU M 21 -1.98 -7.10 -6.83
N SER M 22 -1.07 -6.26 -6.38
CA SER M 22 -1.30 -4.81 -6.39
C SER M 22 -1.41 -4.30 -7.82
N LYS M 23 -0.62 -4.91 -8.72
CA LYS M 23 -0.59 -4.51 -10.12
C LYS M 23 -1.66 -5.26 -10.92
N GLN M 24 -2.86 -5.37 -10.36
CA GLN M 24 -3.99 -5.97 -11.06
C GLN M 24 -5.12 -4.94 -11.14
N ARG M 25 -6.08 -5.18 -12.04
CA ARG M 25 -7.09 -4.18 -12.36
C ARG M 25 -8.52 -4.66 -12.13
N HIS M 26 -8.70 -5.57 -11.18
CA HIS M 26 -10.04 -5.94 -10.72
C HIS M 26 -10.00 -6.70 -9.40
N ASP M 27 -10.98 -6.42 -8.54
CA ASP M 27 -11.08 -7.09 -7.25
C ASP M 27 -11.31 -8.59 -7.46
N GLY M 28 -10.66 -9.40 -6.63
CA GLY M 28 -10.77 -10.84 -6.74
C GLY M 28 -9.51 -11.50 -7.29
N ALA M 29 -8.59 -10.68 -7.79
CA ALA M 29 -7.30 -11.19 -8.23
C ALA M 29 -6.63 -11.92 -7.08
N PHE M 30 -6.30 -13.19 -7.28
CA PHE M 30 -5.83 -14.04 -6.20
C PHE M 30 -4.73 -15.00 -6.59
N LEU M 31 -4.14 -15.62 -5.58
CA LEU M 31 -3.15 -16.67 -5.77
C LEU M 31 -2.99 -17.43 -4.46
N ILE M 32 -2.97 -18.76 -4.54
CA ILE M 32 -2.63 -19.59 -3.39
C ILE M 32 -1.12 -19.64 -3.27
N ARG M 33 -0.62 -19.52 -2.05
CA ARG M 33 0.81 -19.62 -1.79
C ARG M 33 1.05 -20.46 -0.54
N GLU M 34 2.17 -21.17 -0.51
CA GLU M 34 2.54 -22.00 0.62
C GLU M 34 3.29 -21.17 1.66
N SER M 35 2.67 -21.02 2.82
CA SER M 35 3.17 -20.10 3.85
C SER M 35 4.60 -20.39 4.29
N GLU M 36 5.33 -19.33 4.59
CA GLU M 36 6.67 -19.44 5.15
C GLU M 36 6.60 -19.38 6.67
N SER M 37 5.67 -18.56 7.17
CA SER M 37 5.43 -18.46 8.61
C SER M 37 4.97 -19.80 9.16
N ALA M 38 4.17 -20.51 8.38
CA ALA M 38 3.57 -21.77 8.80
C ALA M 38 3.86 -22.88 7.79
N PRO M 39 5.03 -23.54 7.94
CA PRO M 39 5.41 -24.69 7.11
C PRO M 39 4.33 -25.77 7.08
N GLY M 40 3.77 -26.03 5.90
CA GLY M 40 2.75 -27.04 5.73
C GLY M 40 1.39 -26.44 5.42
N ASP M 41 1.24 -25.15 5.68
CA ASP M 41 -0.03 -24.45 5.47
C ASP M 41 -0.04 -23.64 4.18
N PHE M 42 -1.24 -23.41 3.66
CA PHE M 42 -1.44 -22.58 2.48
C PHE M 42 -2.08 -21.25 2.88
N SER M 43 -1.62 -20.18 2.23
CA SER M 43 -2.16 -18.84 2.48
C SER M 43 -2.80 -18.28 1.22
N LEU M 44 -4.02 -17.76 1.36
CA LEU M 44 -4.78 -17.22 0.24
C LEU M 44 -4.72 -15.71 0.20
N SER M 45 -4.02 -15.17 -0.79
CA SER M 45 -3.89 -13.72 -0.97
C SER M 45 -4.87 -13.23 -2.04
N VAL M 46 -5.59 -12.16 -1.72
CA VAL M 46 -6.61 -11.62 -2.62
C VAL M 46 -6.55 -10.09 -2.68
N LYS M 47 -6.69 -9.55 -3.88
CA LYS M 47 -6.74 -8.11 -4.08
C LYS M 47 -8.19 -7.62 -4.00
N PHE M 48 -8.44 -6.68 -3.08
CA PHE M 48 -9.73 -6.02 -2.99
C PHE M 48 -9.52 -4.53 -2.74
N GLY M 49 -9.94 -3.71 -3.70
CA GLY M 49 -9.67 -2.29 -3.66
C GLY M 49 -8.19 -2.03 -3.82
N ASN M 50 -7.66 -1.10 -3.03
CA ASN M 50 -6.24 -0.80 -3.04
C ASN M 50 -5.44 -1.82 -2.24
N ASP M 51 -6.11 -2.46 -1.28
CA ASP M 51 -5.44 -3.35 -0.35
C ASP M 51 -5.23 -4.75 -0.92
N VAL M 52 -4.48 -5.57 -0.19
CA VAL M 52 -4.31 -6.98 -0.49
C VAL M 52 -4.58 -7.78 0.78
N GLN M 53 -5.69 -8.52 0.79
CA GLN M 53 -6.12 -9.26 1.96
C GLN M 53 -5.59 -10.69 1.94
N HIS M 54 -5.17 -11.18 3.11
CA HIS M 54 -4.61 -12.52 3.24
C HIS M 54 -5.49 -13.40 4.13
N PHE M 55 -5.93 -14.53 3.58
CA PHE M 55 -6.73 -15.49 4.32
C PHE M 55 -5.90 -16.72 4.65
N LYS M 56 -6.02 -17.22 5.87
CA LYS M 56 -5.32 -18.42 6.31
C LYS M 56 -6.17 -19.65 6.07
N VAL M 57 -5.64 -20.60 5.30
CA VAL M 57 -6.34 -21.85 5.05
C VAL M 57 -6.10 -22.78 6.24
N LEU M 58 -7.14 -23.51 6.62
CA LEU M 58 -7.07 -24.41 7.77
C LEU M 58 -7.55 -25.80 7.40
N ARG M 59 -6.92 -26.81 8.00
CA ARG M 59 -7.41 -28.18 7.90
C ARG M 59 -8.08 -28.56 9.21
N ASP M 60 -9.24 -29.21 9.14
CA ASP M 60 -9.95 -29.63 10.34
C ASP M 60 -9.46 -31.01 10.79
N GLY M 61 -10.17 -31.58 11.76
CA GLY M 61 -9.80 -32.88 12.30
C GLY M 61 -9.83 -33.99 11.27
N ALA M 62 -10.60 -33.78 10.19
CA ALA M 62 -10.73 -34.77 9.13
C ALA M 62 -9.86 -34.41 7.93
N GLY M 63 -9.19 -33.26 8.00
CA GLY M 63 -8.27 -32.84 6.96
C GLY M 63 -8.90 -32.02 5.85
N LYS M 64 -10.15 -31.60 6.05
CA LYS M 64 -10.86 -30.79 5.06
C LYS M 64 -10.51 -29.32 5.19
N TYR M 65 -10.37 -28.64 4.05
CA TYR M 65 -9.97 -27.24 4.02
C TYR M 65 -11.13 -26.29 4.33
N PHE M 66 -10.80 -25.16 4.96
CA PHE M 66 -11.78 -24.11 5.22
C PHE M 66 -11.06 -22.84 5.66
N LEU M 67 -11.79 -21.71 5.63
CA LEU M 67 -11.19 -20.40 5.88
C LEU M 67 -11.55 -19.84 7.25
N GLY M 68 -11.78 -20.74 8.21
CA GLY M 68 -11.96 -20.35 9.59
C GLY M 68 -13.38 -20.04 9.98
N VAL M 69 -13.58 -19.77 11.27
CA VAL M 69 -14.89 -19.45 11.82
C VAL M 69 -14.80 -18.22 12.72
N VAL M 70 -15.97 -17.72 13.15
CA VAL M 70 -16.04 -16.61 14.08
C VAL M 70 -16.64 -17.11 15.40
N LYS M 71 -15.82 -17.08 16.45
CA LYS M 71 -16.25 -17.59 17.75
C LYS M 71 -16.72 -16.47 18.68
N PHE M 72 -17.79 -16.75 19.43
CA PHE M 72 -18.34 -15.81 20.40
C PHE M 72 -18.40 -16.45 21.78
N ASN M 73 -18.43 -15.62 22.81
CA ASN M 73 -18.49 -16.10 24.19
C ASN M 73 -19.92 -16.38 24.64
N SER M 74 -20.89 -16.06 23.79
CA SER M 74 -22.29 -16.23 24.14
C SER M 74 -23.19 -16.14 22.92
N LEU M 75 -24.36 -16.75 23.00
CA LEU M 75 -25.36 -16.65 21.94
C LEU M 75 -25.79 -15.21 21.73
N ASN M 76 -25.88 -14.46 22.84
CA ASN M 76 -26.29 -13.06 22.78
C ASN M 76 -25.31 -12.22 21.97
N GLU M 77 -24.02 -12.51 22.12
CA GLU M 77 -23.00 -11.79 21.37
C GLU M 77 -22.96 -12.26 19.92
N LEU M 78 -23.43 -13.49 19.69
CA LEU M 78 -23.48 -14.04 18.34
C LEU M 78 -24.60 -13.39 17.53
N VAL M 79 -25.78 -13.29 18.12
CA VAL M 79 -26.93 -12.71 17.42
C VAL M 79 -26.72 -11.22 17.14
N ASP M 80 -26.15 -10.51 18.11
CA ASP M 80 -25.92 -9.07 17.96
C ASP M 80 -24.95 -8.78 16.83
N TYR M 81 -23.92 -9.63 16.71
CA TYR M 81 -22.98 -9.53 15.61
C TYR M 81 -23.70 -9.69 14.28
N HIS M 82 -24.69 -10.57 14.27
CA HIS M 82 -25.38 -10.90 13.03
C HIS M 82 -26.62 -10.03 12.80
N ARG M 83 -26.78 -8.98 13.59
CA ARG M 83 -27.75 -7.93 13.29
C ARG M 83 -27.15 -6.99 12.26
N SER M 84 -25.82 -6.89 12.28
CA SER M 84 -25.09 -5.98 11.42
C SER M 84 -24.45 -6.72 10.24
N THR M 85 -24.02 -7.96 10.51
CA THR M 85 -23.41 -8.81 9.49
C THR M 85 -24.37 -9.94 9.10
N SER M 86 -24.36 -10.32 7.83
CA SER M 86 -25.26 -11.37 7.35
C SER M 86 -24.87 -12.73 7.91
N VAL M 87 -25.87 -13.56 8.20
CA VAL M 87 -25.64 -14.92 8.66
C VAL M 87 -25.27 -15.83 7.49
N SER M 88 -25.91 -15.59 6.36
CA SER M 88 -25.61 -16.32 5.12
C SER M 88 -24.58 -15.53 4.32
N ARG M 89 -23.52 -16.22 3.88
CA ARG M 89 -22.48 -15.56 3.10
C ARG M 89 -22.93 -15.39 1.65
N ASN M 90 -23.97 -16.12 1.27
CA ASN M 90 -24.56 -15.99 -0.07
C ASN M 90 -25.50 -14.81 -0.14
N GLN M 91 -26.58 -14.87 0.64
CA GLN M 91 -27.62 -13.87 0.63
C GLN M 91 -27.40 -12.80 1.70
N GLN M 92 -28.21 -11.75 1.65
CA GLN M 92 -28.13 -10.67 2.64
C GLN M 92 -29.23 -10.82 3.69
N ILE M 93 -28.92 -11.60 4.72
CA ILE M 93 -29.88 -11.90 5.78
C ILE M 93 -29.36 -11.41 7.12
N PHE M 94 -29.89 -10.27 7.57
CA PHE M 94 -29.52 -9.70 8.86
C PHE M 94 -30.58 -10.03 9.89
N LEU M 95 -30.18 -10.10 11.16
CA LEU M 95 -31.09 -10.49 12.22
C LEU M 95 -31.83 -9.30 12.82
N ARG M 96 -33.14 -9.42 12.90
CA ARG M 96 -33.97 -8.44 13.59
C ARG M 96 -34.96 -9.18 14.49
N ASP M 97 -35.37 -8.51 15.57
CA ASP M 97 -36.14 -9.17 16.62
C ASP M 97 -37.58 -9.47 16.21
N ILE M 98 -38.09 -10.59 16.71
CA ILE M 98 -39.49 -10.98 16.52
C ILE M 98 -40.42 -9.90 17.06
N GLU M 99 -41.62 -9.83 16.49
CA GLU M 99 -42.65 -8.92 16.98
C GLU M 99 -43.94 -9.70 17.27
N GLN M 100 -44.57 -9.40 18.39
CA GLN M 100 -45.79 -10.09 18.80
C GLN M 100 -46.63 -9.23 19.73
N LYS N 3 -36.39 -6.34 30.34
CA LYS N 3 -37.07 -7.48 29.72
C LYS N 3 -36.13 -8.20 28.74
N PRO N 4 -36.58 -9.35 28.20
CA PRO N 4 -35.84 -10.08 27.17
C PRO N 4 -35.71 -9.25 25.87
N HIS N 5 -35.01 -9.63 24.81
CA HIS N 5 -34.36 -10.93 24.51
C HIS N 5 -35.35 -12.08 24.28
N PRO N 6 -36.25 -11.93 23.29
CA PRO N 6 -37.30 -12.91 23.02
C PRO N 6 -36.95 -13.93 21.94
N TRP N 7 -35.67 -14.30 21.79
CA TRP N 7 -35.27 -15.22 20.72
C TRP N 7 -35.00 -16.64 21.22
N PHE N 8 -34.71 -16.79 22.51
CA PHE N 8 -34.43 -18.11 23.07
C PHE N 8 -35.74 -18.87 23.31
N PHE N 9 -36.05 -19.81 22.42
CA PHE N 9 -37.33 -20.51 22.44
C PHE N 9 -37.24 -21.90 23.07
N GLY N 10 -36.04 -22.29 23.52
CA GLY N 10 -35.86 -23.57 24.18
C GLY N 10 -35.82 -24.71 23.20
N LYS N 11 -36.38 -25.85 23.60
CA LYS N 11 -36.31 -27.07 22.79
C LYS N 11 -37.62 -27.35 22.06
N ILE N 12 -37.94 -26.52 21.08
CA ILE N 12 -39.13 -26.71 20.25
C ILE N 12 -38.72 -27.31 18.91
N PRO N 13 -39.58 -28.20 18.36
CA PRO N 13 -39.22 -28.90 17.12
C PRO N 13 -39.01 -27.95 15.93
N ARG N 14 -38.28 -28.41 14.92
CA ARG N 14 -38.02 -27.63 13.73
C ARG N 14 -39.31 -27.28 13.00
N ALA N 15 -40.23 -28.25 12.95
CA ALA N 15 -41.49 -28.07 12.26
C ALA N 15 -42.30 -26.93 12.88
N LYS N 16 -42.39 -26.92 14.20
CA LYS N 16 -43.16 -25.91 14.91
C LYS N 16 -42.47 -24.55 14.92
N ALA N 17 -41.24 -24.50 14.40
CA ALA N 17 -40.48 -23.26 14.36
C ALA N 17 -40.69 -22.53 13.03
N GLU N 18 -40.67 -23.28 11.94
CA GLU N 18 -40.82 -22.71 10.61
C GLU N 18 -42.19 -22.05 10.44
N GLU N 19 -43.23 -22.80 10.78
CA GLU N 19 -44.60 -22.29 10.67
C GLU N 19 -44.80 -21.07 11.55
N MET N 20 -44.05 -21.01 12.65
CA MET N 20 -44.11 -19.88 13.56
C MET N 20 -43.49 -18.64 12.91
N LEU N 21 -42.29 -18.81 12.36
CA LEU N 21 -41.58 -17.71 11.73
C LEU N 21 -42.18 -17.36 10.36
N SER N 22 -43.01 -18.26 9.83
CA SER N 22 -43.71 -17.99 8.58
C SER N 22 -44.78 -16.93 8.79
N LYS N 23 -45.41 -16.96 9.96
CA LYS N 23 -46.44 -15.99 10.30
C LYS N 23 -45.84 -14.60 10.51
N GLN N 24 -44.53 -14.55 10.73
CA GLN N 24 -43.84 -13.28 10.87
C GLN N 24 -43.77 -12.59 9.52
N ARG N 25 -43.63 -11.26 9.52
CA ARG N 25 -43.74 -10.46 8.31
C ARG N 25 -42.54 -9.57 8.06
N HIS N 26 -41.35 -10.03 8.44
CA HIS N 26 -40.13 -9.28 8.21
C HIS N 26 -38.94 -10.23 8.01
N ASP N 27 -38.15 -9.95 6.98
CA ASP N 27 -36.93 -10.74 6.73
C ASP N 27 -35.92 -10.48 7.84
N GLY N 28 -35.42 -11.56 8.43
CA GLY N 28 -34.45 -11.45 9.50
C GLY N 28 -35.04 -11.86 10.85
N ALA N 29 -36.36 -11.92 10.92
CA ALA N 29 -37.03 -12.36 12.14
C ALA N 29 -36.59 -13.78 12.48
N PHE N 30 -36.07 -13.96 13.69
CA PHE N 30 -35.39 -15.21 14.05
C PHE N 30 -35.71 -15.69 15.45
N LEU N 31 -35.32 -16.93 15.72
CA LEU N 31 -35.38 -17.50 17.05
C LEU N 31 -34.23 -18.49 17.22
N ILE N 32 -33.76 -18.63 18.45
CA ILE N 32 -32.75 -19.63 18.78
C ILE N 32 -33.41 -20.79 19.50
N ARG N 33 -33.40 -21.95 18.85
CA ARG N 33 -33.87 -23.18 19.45
C ARG N 33 -32.69 -24.13 19.59
N GLU N 34 -32.96 -25.33 20.09
CA GLU N 34 -31.93 -26.35 20.22
C GLU N 34 -32.12 -27.38 19.11
N SER N 35 -31.02 -27.79 18.51
CA SER N 35 -31.07 -28.71 17.38
C SER N 35 -31.84 -29.97 17.71
N GLU N 36 -32.73 -30.35 16.80
CA GLU N 36 -33.55 -31.54 16.98
C GLU N 36 -32.78 -32.78 16.53
N SER N 37 -32.05 -32.63 15.43
CA SER N 37 -31.33 -33.76 14.83
C SER N 37 -29.96 -33.99 15.48
N ALA N 38 -29.36 -32.92 15.99
CA ALA N 38 -28.02 -32.98 16.59
C ALA N 38 -27.99 -32.36 17.98
N PRO N 39 -28.43 -33.12 18.99
CA PRO N 39 -28.41 -32.63 20.38
C PRO N 39 -27.01 -32.21 20.82
N GLY N 40 -26.90 -31.00 21.36
CA GLY N 40 -25.62 -30.45 21.75
C GLY N 40 -25.32 -29.18 20.98
N ASP N 41 -25.95 -29.04 19.83
CA ASP N 41 -25.84 -27.85 19.01
C ASP N 41 -27.11 -27.03 19.07
N PHE N 42 -26.98 -25.72 18.92
CA PHE N 42 -28.14 -24.85 18.79
C PHE N 42 -28.44 -24.61 17.31
N SER N 43 -29.69 -24.25 17.02
CA SER N 43 -30.12 -23.96 15.65
C SER N 43 -30.72 -22.57 15.56
N LEU N 44 -30.24 -21.78 14.62
CA LEU N 44 -30.77 -20.45 14.37
C LEU N 44 -31.71 -20.48 13.17
N SER N 45 -33.00 -20.33 13.45
CA SER N 45 -34.02 -20.28 12.41
C SER N 45 -34.35 -18.84 12.09
N VAL N 46 -34.23 -18.46 10.83
CA VAL N 46 -34.51 -17.09 10.38
C VAL N 46 -35.45 -17.09 9.19
N LYS N 47 -36.42 -16.17 9.22
CA LYS N 47 -37.36 -16.00 8.13
C LYS N 47 -36.77 -15.08 7.06
N PHE N 48 -36.80 -15.52 5.81
CA PHE N 48 -36.28 -14.73 4.70
C PHE N 48 -37.02 -15.07 3.41
N GLY N 49 -37.78 -14.10 2.91
CA GLY N 49 -38.60 -14.32 1.73
C GLY N 49 -39.77 -15.22 2.06
N ASN N 50 -40.04 -16.18 1.18
CA ASN N 50 -41.14 -17.12 1.37
C ASN N 50 -40.66 -18.46 1.92
N ASP N 51 -39.61 -18.44 2.72
CA ASP N 51 -39.05 -19.65 3.30
C ASP N 51 -38.26 -19.35 4.58
N VAL N 52 -38.20 -20.35 5.47
CA VAL N 52 -37.44 -20.24 6.71
C VAL N 52 -36.13 -21.02 6.59
N GLN N 53 -35.01 -20.30 6.66
CA GLN N 53 -33.70 -20.91 6.57
C GLN N 53 -33.17 -21.31 7.95
N HIS N 54 -32.37 -22.36 8.00
CA HIS N 54 -31.84 -22.90 9.25
C HIS N 54 -30.32 -22.93 9.24
N PHE N 55 -29.72 -22.36 10.28
CA PHE N 55 -28.27 -22.35 10.43
C PHE N 55 -27.86 -23.11 11.69
N LYS N 56 -26.81 -23.91 11.57
CA LYS N 56 -26.33 -24.75 12.67
C LYS N 56 -25.31 -24.01 13.52
N VAL N 57 -25.57 -23.92 14.81
CA VAL N 57 -24.67 -23.24 15.74
C VAL N 57 -23.94 -24.26 16.61
N LEU N 58 -22.62 -24.32 16.43
CA LEU N 58 -21.78 -25.26 17.15
C LEU N 58 -21.14 -24.60 18.38
N ARG N 59 -20.58 -25.43 19.25
CA ARG N 59 -19.93 -24.97 20.47
C ARG N 59 -18.60 -25.71 20.65
N ASP N 60 -17.50 -24.99 20.67
CA ASP N 60 -16.18 -25.60 20.70
C ASP N 60 -15.83 -26.09 22.11
N GLY N 61 -14.63 -26.61 22.26
CA GLY N 61 -14.18 -27.18 23.52
C GLY N 61 -14.13 -26.17 24.65
N ALA N 62 -13.82 -24.91 24.31
CA ALA N 62 -13.68 -23.86 25.30
C ALA N 62 -15.03 -23.27 25.71
N GLY N 63 -16.10 -23.81 25.14
CA GLY N 63 -17.45 -23.36 25.47
C GLY N 63 -17.96 -22.26 24.55
N LYS N 64 -17.06 -21.68 23.76
CA LYS N 64 -17.40 -20.59 22.87
C LYS N 64 -18.35 -21.04 21.75
N TYR N 65 -19.27 -20.17 21.38
CA TYR N 65 -20.21 -20.44 20.30
C TYR N 65 -19.67 -19.96 18.96
N PHE N 66 -20.00 -20.66 17.89
CA PHE N 66 -19.64 -20.23 16.55
C PHE N 66 -20.55 -20.86 15.50
N LEU N 67 -20.74 -20.14 14.40
CA LEU N 67 -21.58 -20.59 13.30
C LEU N 67 -20.81 -21.54 12.39
N GLY N 68 -21.47 -22.60 11.94
CA GLY N 68 -20.84 -23.58 11.08
C GLY N 68 -20.39 -22.99 9.75
N VAL N 69 -19.38 -23.60 9.14
CA VAL N 69 -18.85 -23.15 7.86
C VAL N 69 -18.63 -24.31 6.91
N VAL N 70 -18.58 -23.99 5.62
CA VAL N 70 -18.41 -25.00 4.59
C VAL N 70 -16.96 -25.50 4.53
N LYS N 71 -16.81 -26.82 4.41
CA LYS N 71 -15.49 -27.46 4.36
C LYS N 71 -15.28 -28.14 3.01
N PHE N 72 -14.03 -28.26 2.59
CA PHE N 72 -13.71 -28.72 1.24
C PHE N 72 -12.69 -29.85 1.24
N ASN N 73 -12.82 -30.75 0.27
CA ASN N 73 -11.95 -31.91 0.14
C ASN N 73 -10.64 -31.60 -0.58
N SER N 74 -10.58 -30.45 -1.24
CA SER N 74 -9.39 -30.05 -1.97
C SER N 74 -9.27 -28.53 -2.07
N LEU N 75 -8.04 -28.04 -2.22
CA LEU N 75 -7.80 -26.62 -2.39
C LEU N 75 -8.45 -26.12 -3.68
N ASN N 76 -8.57 -27.01 -4.66
CA ASN N 76 -9.15 -26.66 -5.95
C ASN N 76 -10.67 -26.42 -5.82
N GLU N 77 -11.29 -27.17 -4.92
CA GLU N 77 -12.73 -26.99 -4.66
C GLU N 77 -12.97 -25.73 -3.84
N LEU N 78 -12.00 -25.37 -3.01
CA LEU N 78 -12.11 -24.17 -2.18
C LEU N 78 -12.18 -22.93 -3.04
N VAL N 79 -11.24 -22.79 -3.97
CA VAL N 79 -11.18 -21.61 -4.83
C VAL N 79 -12.39 -21.53 -5.75
N ASP N 80 -12.82 -22.67 -6.29
CA ASP N 80 -13.93 -22.71 -7.24
C ASP N 80 -15.24 -22.34 -6.57
N TYR N 81 -15.44 -22.83 -5.34
CA TYR N 81 -16.61 -22.49 -4.56
C TYR N 81 -16.66 -21.00 -4.31
N HIS N 82 -15.48 -20.41 -4.05
CA HIS N 82 -15.39 -18.99 -3.73
C HIS N 82 -15.13 -18.14 -4.97
N ARG N 83 -15.56 -18.63 -6.12
CA ARG N 83 -15.68 -17.79 -7.31
C ARG N 83 -17.09 -17.22 -7.36
N SER N 84 -18.03 -17.93 -6.73
CA SER N 84 -19.43 -17.54 -6.71
C SER N 84 -19.95 -17.27 -5.29
N THR N 85 -19.12 -17.54 -4.29
CA THR N 85 -19.42 -17.19 -2.90
C THR N 85 -18.29 -16.33 -2.35
N SER N 86 -18.65 -15.25 -1.66
CA SER N 86 -17.64 -14.32 -1.16
C SER N 86 -16.74 -14.96 -0.10
N VAL N 87 -15.44 -14.83 -0.27
CA VAL N 87 -14.48 -15.34 0.70
C VAL N 87 -14.59 -14.57 2.01
N SER N 88 -15.06 -13.34 1.91
CA SER N 88 -15.22 -12.47 3.07
C SER N 88 -16.67 -12.44 3.52
N ARG N 89 -16.89 -12.28 4.82
CA ARG N 89 -18.23 -12.14 5.37
C ARG N 89 -18.57 -10.67 5.63
N ASN N 90 -17.60 -9.79 5.37
CA ASN N 90 -17.79 -8.36 5.51
C ASN N 90 -18.15 -7.73 4.16
N GLN N 91 -17.43 -8.14 3.13
CA GLN N 91 -17.61 -7.60 1.78
C GLN N 91 -17.91 -8.72 0.79
N GLN N 92 -18.34 -8.34 -0.40
CA GLN N 92 -18.59 -9.30 -1.48
C GLN N 92 -17.32 -9.47 -2.31
N ILE N 93 -16.42 -10.33 -1.83
CA ILE N 93 -15.14 -10.57 -2.48
C ILE N 93 -15.12 -11.96 -3.13
N PHE N 94 -15.26 -12.00 -4.45
CA PHE N 94 -15.21 -13.25 -5.20
C PHE N 94 -13.87 -13.40 -5.91
N LEU N 95 -13.34 -14.62 -5.91
CA LEU N 95 -12.05 -14.89 -6.53
C LEU N 95 -12.16 -14.93 -8.05
N ARG N 96 -11.28 -14.21 -8.73
CA ARG N 96 -11.26 -14.16 -10.18
C ARG N 96 -9.84 -14.35 -10.72
N ASP N 97 -9.72 -15.16 -11.77
CA ASP N 97 -8.43 -15.52 -12.36
C ASP N 97 -7.52 -14.31 -12.57
N ILE N 98 -6.33 -14.38 -11.97
CA ILE N 98 -5.31 -13.36 -12.15
C ILE N 98 -4.90 -13.26 -13.61
N GLU N 99 -4.27 -12.16 -13.98
CA GLU N 99 -3.78 -11.99 -15.36
C GLU N 99 -2.57 -11.05 -15.37
N MET O 2 14.08 16.84 -49.69
CA MET O 2 14.62 17.59 -50.82
C MET O 2 15.82 18.42 -50.37
N LYS O 3 15.56 19.63 -49.88
CA LYS O 3 16.60 20.52 -49.38
C LYS O 3 16.51 20.63 -47.86
N PRO O 4 17.67 20.75 -47.19
CA PRO O 4 17.69 20.79 -45.72
C PRO O 4 17.07 22.06 -45.15
N HIS O 5 16.60 22.00 -43.91
CA HIS O 5 15.99 23.15 -43.26
C HIS O 5 17.04 24.24 -43.02
N PRO O 6 16.81 25.44 -43.58
CA PRO O 6 17.82 26.50 -43.47
C PRO O 6 17.80 27.28 -42.16
N TRP O 7 16.94 26.90 -41.22
CA TRP O 7 16.86 27.59 -39.94
C TRP O 7 17.65 26.88 -38.84
N PHE O 8 18.34 25.80 -39.19
CA PHE O 8 19.19 25.09 -38.24
C PHE O 8 20.65 25.48 -38.43
N PHE O 9 21.20 26.19 -37.45
CA PHE O 9 22.56 26.70 -37.53
C PHE O 9 23.54 25.88 -36.70
N GLY O 10 23.10 24.72 -36.21
CA GLY O 10 23.94 23.87 -35.40
C GLY O 10 24.40 24.57 -34.15
N LYS O 11 25.69 24.45 -33.83
CA LYS O 11 26.25 25.07 -32.64
C LYS O 11 27.08 26.31 -32.99
N ILE O 12 26.44 27.46 -32.89
CA ILE O 12 27.10 28.75 -33.08
C ILE O 12 26.98 29.57 -31.81
N PRO O 13 27.93 30.50 -31.56
CA PRO O 13 27.88 31.29 -30.33
C PRO O 13 26.66 32.20 -30.28
N ARG O 14 26.28 32.60 -29.06
CA ARG O 14 25.11 33.44 -28.84
C ARG O 14 25.24 34.78 -29.55
N ALA O 15 26.43 35.36 -29.50
CA ALA O 15 26.68 36.66 -30.12
C ALA O 15 26.54 36.59 -31.63
N LYS O 16 27.02 35.51 -32.23
CA LYS O 16 26.95 35.34 -33.68
C LYS O 16 25.51 35.24 -34.14
N ALA O 17 24.65 34.63 -33.33
CA ALA O 17 23.24 34.52 -33.64
C ALA O 17 22.58 35.89 -33.58
N GLU O 18 23.03 36.72 -32.66
CA GLU O 18 22.53 38.08 -32.53
C GLU O 18 23.14 38.98 -33.62
N GLU O 19 24.36 38.64 -34.03
CA GLU O 19 25.06 39.40 -35.05
C GLU O 19 24.34 39.33 -36.39
N MET O 20 23.75 38.18 -36.68
CA MET O 20 23.01 37.99 -37.93
C MET O 20 21.60 38.56 -37.81
N LEU O 21 20.85 38.06 -36.84
CA LEU O 21 19.45 38.42 -36.68
C LEU O 21 19.24 39.93 -36.54
N SER O 22 20.20 40.61 -35.93
CA SER O 22 20.15 42.06 -35.83
C SER O 22 20.30 42.68 -37.22
N LYS O 23 21.08 42.02 -38.06
CA LYS O 23 21.33 42.51 -39.42
C LYS O 23 20.32 41.95 -40.42
N GLN O 24 19.23 41.38 -39.90
CA GLN O 24 18.16 40.88 -40.76
C GLN O 24 17.09 41.94 -40.95
N ARG O 25 16.47 41.94 -42.12
CA ARG O 25 15.50 42.98 -42.48
C ARG O 25 14.27 42.95 -41.60
N HIS O 26 13.50 41.85 -41.68
CA HIS O 26 12.19 41.78 -41.05
C HIS O 26 12.23 41.16 -39.66
N ASP O 27 11.22 41.49 -38.87
CA ASP O 27 11.02 40.85 -37.57
C ASP O 27 10.63 39.40 -37.80
N GLY O 28 10.90 38.55 -36.82
CA GLY O 28 10.55 37.14 -36.91
C GLY O 28 11.62 36.31 -37.59
N ALA O 29 12.66 36.96 -38.10
CA ALA O 29 13.82 36.26 -38.63
C ALA O 29 14.44 35.44 -37.50
N PHE O 30 14.56 34.13 -37.71
CA PHE O 30 14.90 33.22 -36.62
C PHE O 30 15.90 32.14 -37.02
N LEU O 31 16.25 31.31 -36.03
CA LEU O 31 17.09 30.14 -36.24
C LEU O 31 17.16 29.32 -34.95
N ILE O 32 17.26 28.00 -35.10
CA ILE O 32 17.49 27.10 -33.97
C ILE O 32 18.99 26.81 -33.89
N ARG O 33 19.57 27.10 -32.74
CA ARG O 33 20.98 26.85 -32.50
C ARG O 33 21.16 25.99 -31.26
N GLU O 34 22.09 25.04 -31.35
CA GLU O 34 22.41 24.20 -30.21
C GLU O 34 23.13 25.02 -29.16
N SER O 35 22.51 25.16 -27.99
CA SER O 35 23.00 26.07 -26.96
C SER O 35 24.40 25.70 -26.47
N GLU O 36 25.22 26.72 -26.22
CA GLU O 36 26.55 26.54 -25.67
C GLU O 36 26.50 26.50 -24.15
N SER O 37 25.42 27.06 -23.58
CA SER O 37 25.24 27.09 -22.14
C SER O 37 24.69 25.77 -21.61
N ALA O 38 23.70 25.23 -22.32
CA ALA O 38 23.04 24.00 -21.92
C ALA O 38 23.23 22.90 -22.97
N PRO O 39 24.21 22.00 -22.74
CA PRO O 39 24.42 20.88 -23.65
C PRO O 39 23.20 19.96 -23.76
N GLY O 40 22.77 19.70 -24.99
CA GLY O 40 21.61 18.86 -25.23
C GLY O 40 20.36 19.68 -25.50
N ASP O 41 20.43 20.97 -25.18
CA ASP O 41 19.27 21.85 -25.33
C ASP O 41 19.43 22.81 -26.51
N PHE O 42 18.31 23.17 -27.12
CA PHE O 42 18.28 24.09 -28.26
C PHE O 42 17.73 25.44 -27.83
N SER O 43 18.25 26.51 -28.42
CA SER O 43 17.81 27.86 -28.13
C SER O 43 17.27 28.54 -29.38
N LEU O 44 16.01 28.97 -29.32
CA LEU O 44 15.36 29.65 -30.42
C LEU O 44 15.59 31.16 -30.35
N SER O 45 16.34 31.68 -31.32
CA SER O 45 16.59 33.12 -31.42
C SER O 45 15.65 33.73 -32.45
N VAL O 46 15.13 34.92 -32.15
CA VAL O 46 14.20 35.60 -33.04
C VAL O 46 14.42 37.11 -33.03
N LYS O 47 14.62 37.69 -34.22
CA LYS O 47 14.76 39.13 -34.34
C LYS O 47 13.41 39.82 -34.20
N PHE O 48 13.35 40.82 -33.33
CA PHE O 48 12.13 41.58 -33.13
C PHE O 48 12.47 43.01 -32.73
N GLY O 49 12.39 43.91 -33.70
CA GLY O 49 12.75 45.30 -33.50
C GLY O 49 14.23 45.51 -33.73
N ASN O 50 14.87 46.27 -32.85
CA ASN O 50 16.30 46.53 -32.95
C ASN O 50 17.12 45.48 -32.21
N ASP O 51 16.54 44.90 -31.18
CA ASP O 51 17.21 43.87 -30.37
C ASP O 51 16.85 42.47 -30.85
N VAL O 52 17.38 41.46 -30.16
CA VAL O 52 17.14 40.06 -30.50
C VAL O 52 16.74 39.27 -29.26
N GLN O 53 15.57 38.63 -29.32
CA GLN O 53 15.07 37.83 -28.21
C GLN O 53 15.53 36.38 -28.32
N HIS O 54 15.70 35.73 -27.17
CA HIS O 54 16.12 34.33 -27.11
C HIS O 54 15.15 33.51 -26.27
N PHE O 55 14.73 32.38 -26.84
CA PHE O 55 13.81 31.46 -26.16
C PHE O 55 14.46 30.10 -25.99
N LYS O 56 14.46 29.59 -24.76
CA LYS O 56 14.98 28.27 -24.48
C LYS O 56 13.94 27.21 -24.82
N VAL O 57 14.34 26.22 -25.61
CA VAL O 57 13.46 25.08 -25.91
C VAL O 57 13.56 24.09 -24.76
N LEU O 58 12.42 23.57 -24.34
CA LEU O 58 12.37 22.63 -23.22
C LEU O 58 11.85 21.28 -23.67
N ARG O 59 12.29 20.23 -22.98
CA ARG O 59 11.77 18.87 -23.19
C ARG O 59 10.95 18.45 -21.98
N ASP O 60 9.76 17.92 -22.21
CA ASP O 60 8.94 17.41 -21.13
C ASP O 60 9.38 15.99 -20.76
N GLY O 61 8.57 15.31 -19.96
CA GLY O 61 8.90 13.97 -19.49
C GLY O 61 8.67 12.89 -20.52
N ALA O 62 8.46 13.28 -21.77
CA ALA O 62 8.28 12.34 -22.87
C ALA O 62 9.16 12.73 -24.06
N GLY O 63 10.05 13.69 -23.85
CA GLY O 63 10.97 14.13 -24.89
C GLY O 63 10.37 15.19 -25.80
N LYS O 64 9.08 15.45 -25.66
CA LYS O 64 8.38 16.40 -26.51
C LYS O 64 8.83 17.83 -26.25
N TYR O 65 8.95 18.61 -27.32
CA TYR O 65 9.43 19.99 -27.24
C TYR O 65 8.30 20.98 -26.94
N PHE O 66 8.64 22.04 -26.22
CA PHE O 66 7.70 23.13 -25.96
C PHE O 66 8.46 24.33 -25.39
N LEU O 67 7.79 25.48 -25.31
CA LEU O 67 8.44 26.73 -24.93
C LEU O 67 7.96 27.25 -23.58
N GLY O 68 7.72 26.34 -22.65
CA GLY O 68 7.39 26.70 -21.28
C GLY O 68 5.94 27.07 -21.05
N VAL O 69 5.62 27.37 -19.80
CA VAL O 69 4.26 27.72 -19.40
C VAL O 69 4.29 28.91 -18.44
N VAL O 70 3.11 29.45 -18.14
CA VAL O 70 2.98 30.52 -17.15
C VAL O 70 2.30 29.98 -15.89
N LYS O 71 3.02 30.07 -14.77
CA LYS O 71 2.55 29.51 -13.51
C LYS O 71 2.04 30.58 -12.55
N PHE O 72 0.97 30.24 -11.82
CA PHE O 72 0.36 31.17 -10.86
C PHE O 72 0.25 30.52 -9.48
N ASN O 73 0.37 31.35 -8.44
CA ASN O 73 0.29 30.87 -7.07
C ASN O 73 -1.12 30.49 -6.65
N SER O 74 -2.11 30.91 -7.43
CA SER O 74 -3.50 30.62 -7.11
C SER O 74 -4.38 30.61 -8.35
N LEU O 75 -5.59 30.07 -8.19
CA LEU O 75 -6.54 29.95 -9.28
C LEU O 75 -7.16 31.31 -9.60
N ASN O 76 -7.24 32.17 -8.59
CA ASN O 76 -7.79 33.51 -8.75
C ASN O 76 -6.84 34.43 -9.50
N GLU O 77 -5.54 34.22 -9.28
CA GLU O 77 -4.52 35.01 -9.97
C GLU O 77 -4.43 34.62 -11.44
N LEU O 78 -4.79 33.37 -11.74
CA LEU O 78 -4.73 32.87 -13.11
C LEU O 78 -5.83 33.48 -13.97
N VAL O 79 -7.04 33.54 -13.45
CA VAL O 79 -8.17 34.07 -14.20
C VAL O 79 -8.03 35.57 -14.42
N ASP O 80 -7.54 36.28 -13.41
CA ASP O 80 -7.36 37.73 -13.52
C ASP O 80 -6.32 38.07 -14.57
N TYR O 81 -5.28 37.24 -14.65
CA TYR O 81 -4.27 37.39 -15.68
C TYR O 81 -4.89 37.24 -17.07
N HIS O 82 -5.93 36.40 -17.15
CA HIS O 82 -6.56 36.09 -18.44
C HIS O 82 -7.83 36.90 -18.67
N ARG O 83 -8.02 37.96 -17.89
CA ARG O 83 -9.08 38.93 -18.16
C ARG O 83 -8.58 39.96 -19.17
N SER O 84 -7.27 40.14 -19.24
CA SER O 84 -6.65 41.10 -20.14
C SER O 84 -5.69 40.44 -21.13
N THR O 85 -5.25 39.23 -20.80
CA THR O 85 -4.41 38.44 -21.71
C THR O 85 -5.23 37.28 -22.27
N SER O 86 -5.10 37.04 -23.57
CA SER O 86 -5.89 36.00 -24.23
C SER O 86 -5.69 34.63 -23.59
N VAL O 87 -6.78 33.90 -23.41
CA VAL O 87 -6.74 32.57 -22.80
C VAL O 87 -6.63 31.49 -23.87
N SER O 88 -6.45 31.91 -25.12
CA SER O 88 -6.29 30.99 -26.24
C SER O 88 -5.11 31.42 -27.11
N ARG O 89 -4.29 30.44 -27.49
CA ARG O 89 -3.09 30.71 -28.27
C ARG O 89 -3.43 31.35 -29.62
N ASN O 90 -4.39 30.77 -30.32
CA ASN O 90 -4.79 31.27 -31.63
C ASN O 90 -5.74 32.46 -31.54
N GLN O 91 -6.98 32.20 -31.15
CA GLN O 91 -8.01 33.25 -31.08
C GLN O 91 -7.78 34.17 -29.89
N GLN O 92 -8.41 35.34 -29.93
CA GLN O 92 -8.33 36.31 -28.85
C GLN O 92 -9.54 36.20 -27.94
N ILE O 93 -9.36 35.52 -26.79
CA ILE O 93 -10.44 35.28 -25.85
C ILE O 93 -10.05 35.74 -24.45
N PHE O 94 -10.79 36.71 -23.92
CA PHE O 94 -10.54 37.25 -22.60
C PHE O 94 -11.66 36.86 -21.64
N LEU O 95 -11.32 36.71 -20.36
CA LEU O 95 -12.28 36.23 -19.36
C LEU O 95 -13.11 37.36 -18.78
N ARG O 96 -14.41 37.09 -18.62
CA ARG O 96 -15.33 38.01 -17.96
C ARG O 96 -16.33 37.21 -17.15
N ASP O 97 -16.68 37.70 -15.97
CA ASP O 97 -17.58 36.98 -15.07
C ASP O 97 -18.97 36.84 -15.65
N ILE O 98 -19.58 35.67 -15.43
CA ILE O 98 -20.92 35.40 -15.92
C ILE O 98 -21.93 36.41 -15.38
N GLU O 99 -22.87 36.80 -16.23
CA GLU O 99 -23.90 37.77 -15.85
C GLU O 99 -25.03 37.08 -15.08
N MET P 2 -16.12 42.31 -1.97
CA MET P 2 -16.93 41.94 -0.81
C MET P 2 -17.98 40.88 -1.19
N LYS P 3 -18.01 40.51 -2.46
CA LYS P 3 -18.96 39.50 -2.95
C LYS P 3 -18.22 38.23 -3.35
N PRO P 4 -18.88 37.07 -3.22
CA PRO P 4 -18.23 35.81 -3.63
C PRO P 4 -17.88 35.79 -5.12
N HIS P 5 -16.93 34.94 -5.49
CA HIS P 5 -16.51 34.81 -6.88
C HIS P 5 -17.39 33.81 -7.63
N PRO P 6 -18.01 34.23 -8.74
CA PRO P 6 -19.02 33.39 -9.39
C PRO P 6 -18.49 32.39 -10.43
N TRP P 7 -17.19 32.11 -10.44
CA TRP P 7 -16.63 31.23 -11.47
C TRP P 7 -16.23 29.82 -10.97
N PHE P 8 -16.05 29.66 -9.66
CA PHE P 8 -15.69 28.34 -9.14
C PHE P 8 -16.94 27.47 -8.93
N PHE P 9 -17.08 26.45 -9.77
CA PHE P 9 -18.28 25.62 -9.79
C PHE P 9 -18.09 24.21 -9.23
N GLY P 10 -16.87 23.92 -8.77
CA GLY P 10 -16.57 22.62 -8.18
C GLY P 10 -16.74 21.49 -9.17
N LYS P 11 -17.29 20.37 -8.70
CA LYS P 11 -17.43 19.18 -9.53
C LYS P 11 -18.75 19.18 -10.31
N ILE P 12 -18.77 19.91 -11.41
CA ILE P 12 -19.92 19.92 -12.32
C ILE P 12 -19.55 19.17 -13.61
N PRO P 13 -20.44 18.30 -14.10
CA PRO P 13 -20.17 17.62 -15.37
C PRO P 13 -20.03 18.61 -16.52
N ARG P 14 -19.31 18.24 -17.58
CA ARG P 14 -19.12 19.13 -18.72
C ARG P 14 -20.42 19.27 -19.51
N ALA P 15 -21.35 18.34 -19.29
CA ALA P 15 -22.66 18.42 -19.91
C ALA P 15 -23.36 19.71 -19.49
N LYS P 16 -23.37 19.96 -18.19
CA LYS P 16 -24.00 21.17 -17.65
C LYS P 16 -23.16 22.42 -17.95
N ALA P 17 -21.85 22.25 -17.99
CA ALA P 17 -20.94 23.37 -18.24
C ALA P 17 -21.19 23.98 -19.62
N GLU P 18 -21.48 23.12 -20.59
CA GLU P 18 -21.82 23.59 -21.93
C GLU P 18 -23.21 24.20 -21.95
N GLU P 19 -24.16 23.49 -21.36
CA GLU P 19 -25.55 23.94 -21.29
C GLU P 19 -25.66 25.33 -20.68
N MET P 20 -24.95 25.56 -19.58
CA MET P 20 -25.01 26.83 -18.87
C MET P 20 -24.40 27.97 -19.70
N LEU P 21 -23.12 27.81 -20.05
CA LEU P 21 -22.39 28.88 -20.72
C LEU P 21 -22.91 29.18 -22.12
N SER P 22 -23.67 28.24 -22.69
CA SER P 22 -24.25 28.43 -24.01
C SER P 22 -25.54 29.23 -23.95
N LYS P 23 -25.79 29.87 -22.81
CA LYS P 23 -26.95 30.74 -22.64
C LYS P 23 -26.54 32.07 -22.04
N GLN P 24 -25.26 32.40 -22.16
CA GLN P 24 -24.74 33.68 -21.67
C GLN P 24 -24.63 34.66 -22.84
N ARG P 25 -24.37 35.93 -22.52
CA ARG P 25 -24.32 36.99 -23.51
C ARG P 25 -22.91 37.25 -24.00
N HIS P 26 -22.13 37.96 -23.18
CA HIS P 26 -20.78 38.39 -23.57
C HIS P 26 -19.83 37.22 -23.77
N ASP P 27 -18.91 37.37 -24.71
CA ASP P 27 -17.83 36.42 -24.91
C ASP P 27 -16.84 36.51 -23.75
N GLY P 28 -16.42 35.37 -23.23
CA GLY P 28 -15.51 35.33 -22.10
C GLY P 28 -16.17 34.80 -20.84
N ALA P 29 -17.48 34.62 -20.89
CA ALA P 29 -18.21 34.01 -19.78
C ALA P 29 -17.61 32.65 -19.49
N PHE P 30 -17.10 32.49 -18.27
CA PHE P 30 -16.34 31.29 -17.92
C PHE P 30 -16.71 30.72 -16.56
N LEU P 31 -16.52 29.42 -16.43
CA LEU P 31 -16.61 28.74 -15.14
C LEU P 31 -15.40 27.82 -15.03
N ILE P 32 -14.91 27.64 -13.81
CA ILE P 32 -13.87 26.66 -13.53
C ILE P 32 -14.49 25.51 -12.76
N ARG P 33 -14.17 24.29 -13.18
CA ARG P 33 -14.73 23.09 -12.57
C ARG P 33 -13.64 22.05 -12.37
N GLU P 34 -13.83 21.17 -11.39
CA GLU P 34 -12.93 20.04 -11.21
C GLU P 34 -13.03 19.15 -12.44
N SER P 35 -11.88 18.81 -13.02
CA SER P 35 -11.83 18.07 -14.27
C SER P 35 -12.54 16.72 -14.17
N GLU P 36 -13.28 16.37 -15.20
CA GLU P 36 -14.07 15.14 -15.23
C GLU P 36 -13.25 13.97 -15.74
N SER P 37 -12.71 14.11 -16.95
CA SER P 37 -11.93 13.04 -17.58
C SER P 37 -10.68 12.73 -16.78
N ALA P 38 -10.02 13.78 -16.28
CA ALA P 38 -8.76 13.65 -15.56
C ALA P 38 -8.85 14.29 -14.18
N PRO P 39 -9.43 13.58 -13.21
CA PRO P 39 -9.47 14.08 -11.83
C PRO P 39 -8.08 14.45 -11.33
N GLY P 40 -7.96 15.62 -10.69
CA GLY P 40 -6.68 16.13 -10.26
C GLY P 40 -6.33 17.39 -11.02
N ASP P 41 -6.85 17.48 -12.25
CA ASP P 41 -6.72 18.69 -13.06
C ASP P 41 -7.93 19.58 -12.85
N PHE P 42 -7.89 20.77 -13.45
CA PHE P 42 -9.05 21.65 -13.50
C PHE P 42 -9.39 21.95 -14.95
N SER P 43 -10.68 22.16 -15.21
CA SER P 43 -11.16 22.47 -16.55
C SER P 43 -11.76 23.87 -16.60
N LEU P 44 -11.11 24.75 -17.35
CA LEU P 44 -11.61 26.11 -17.57
C LEU P 44 -12.50 26.15 -18.81
N SER P 45 -13.81 26.18 -18.58
CA SER P 45 -14.77 26.28 -19.67
C SER P 45 -15.06 27.75 -19.95
N VAL P 46 -15.07 28.12 -21.23
CA VAL P 46 -15.30 29.50 -21.64
C VAL P 46 -16.14 29.56 -22.91
N LYS P 47 -17.04 30.54 -22.98
CA LYS P 47 -17.90 30.72 -24.14
C LYS P 47 -17.31 31.74 -25.10
N PHE P 48 -17.24 31.38 -26.38
CA PHE P 48 -16.73 32.27 -27.41
C PHE P 48 -17.46 32.01 -28.73
N GLY P 49 -18.15 33.03 -29.23
CA GLY P 49 -18.94 32.89 -30.43
C GLY P 49 -20.14 32.00 -30.17
N ASN P 50 -20.47 31.15 -31.14
CA ASN P 50 -21.59 30.22 -31.00
C ASN P 50 -21.15 28.87 -30.45
N ASP P 51 -20.17 28.87 -29.56
CA ASP P 51 -19.65 27.64 -28.99
C ASP P 51 -18.89 27.89 -27.68
N VAL P 52 -18.63 26.82 -26.94
CA VAL P 52 -17.87 26.91 -25.69
C VAL P 52 -16.60 26.04 -25.76
N GLN P 53 -15.47 26.64 -25.39
CA GLN P 53 -14.19 25.97 -25.43
C GLN P 53 -13.77 25.49 -24.05
N HIS P 54 -12.89 24.49 -24.02
CA HIS P 54 -12.41 23.90 -22.76
C HIS P 54 -10.89 23.91 -22.73
N PHE P 55 -10.33 24.23 -21.56
CA PHE P 55 -8.88 24.31 -21.40
C PHE P 55 -8.40 23.46 -20.22
N LYS P 56 -7.17 22.97 -20.32
CA LYS P 56 -6.56 22.15 -19.29
C LYS P 56 -5.80 23.01 -18.28
N VAL P 57 -6.21 22.95 -17.02
CA VAL P 57 -5.51 23.64 -15.95
C VAL P 57 -4.83 22.61 -15.04
N LEU P 58 -3.50 22.59 -15.10
CA LEU P 58 -2.70 21.64 -14.34
C LEU P 58 -2.03 22.31 -13.16
N ARG P 59 -1.59 21.50 -12.20
CA ARG P 59 -0.79 21.97 -11.08
C ARG P 59 0.52 21.18 -11.03
N ASP P 60 1.62 21.87 -10.73
CA ASP P 60 2.93 21.22 -10.64
C ASP P 60 3.20 20.74 -9.22
N GLY P 61 4.41 20.26 -8.98
CA GLY P 61 4.80 19.76 -7.67
C GLY P 61 4.81 20.85 -6.62
N ALA P 62 5.00 22.09 -7.05
CA ALA P 62 5.03 23.22 -6.13
C ALA P 62 3.62 23.66 -5.75
N GLY P 63 2.63 23.13 -6.45
CA GLY P 63 1.24 23.48 -6.20
C GLY P 63 0.76 24.67 -7.00
N LYS P 64 1.66 25.22 -7.82
CA LYS P 64 1.33 26.36 -8.67
C LYS P 64 0.44 25.91 -9.82
N TYR P 65 -0.53 26.75 -10.18
CA TYR P 65 -1.44 26.47 -11.28
C TYR P 65 -0.90 27.01 -12.60
N PHE P 66 -1.15 26.30 -13.68
CA PHE P 66 -0.76 26.78 -15.01
C PHE P 66 -1.64 26.15 -16.09
N LEU P 67 -1.76 26.87 -17.20
CA LEU P 67 -2.55 26.41 -18.34
C LEU P 67 -1.68 25.54 -19.24
N GLY P 68 -2.25 24.46 -19.78
CA GLY P 68 -1.52 23.52 -20.60
C GLY P 68 -1.12 24.11 -21.95
N VAL P 69 0.04 23.71 -22.43
CA VAL P 69 0.54 24.16 -23.73
C VAL P 69 0.72 22.99 -24.69
N VAL P 70 0.53 23.24 -25.98
CA VAL P 70 0.70 22.22 -26.99
C VAL P 70 2.15 21.76 -27.06
N LYS P 71 2.34 20.44 -27.17
CA LYS P 71 3.68 19.85 -27.21
C LYS P 71 3.99 19.36 -28.63
N PHE P 72 5.27 19.28 -28.96
CA PHE P 72 5.71 18.86 -30.28
C PHE P 72 6.69 17.68 -30.21
N ASN P 73 6.60 16.79 -31.19
CA ASN P 73 7.46 15.63 -31.25
C ASN P 73 8.85 15.97 -31.79
N SER P 74 8.91 17.02 -32.61
CA SER P 74 10.14 17.41 -33.29
C SER P 74 10.32 18.93 -33.27
N LEU P 75 11.56 19.37 -33.43
CA LEU P 75 11.84 20.80 -33.56
C LEU P 75 11.21 21.33 -34.84
N ASN P 76 11.19 20.48 -35.87
CA ASN P 76 10.64 20.86 -37.16
C ASN P 76 9.16 21.20 -37.07
N GLU P 77 8.43 20.49 -36.21
CA GLU P 77 7.01 20.73 -36.01
C GLU P 77 6.80 21.95 -35.12
N LEU P 78 7.69 22.13 -34.14
CA LEU P 78 7.59 23.25 -33.23
C LEU P 78 7.72 24.58 -33.97
N VAL P 79 8.64 24.65 -34.91
CA VAL P 79 8.85 25.89 -35.66
C VAL P 79 7.71 26.15 -36.64
N ASP P 80 7.24 25.09 -37.31
CA ASP P 80 6.18 25.21 -38.30
C ASP P 80 4.87 25.67 -37.68
N TYR P 81 4.68 25.31 -36.41
CA TYR P 81 3.50 25.72 -35.67
C TYR P 81 3.64 27.18 -35.25
N HIS P 82 4.88 27.61 -35.05
CA HIS P 82 5.15 28.98 -34.59
C HIS P 82 5.34 29.97 -35.74
N ARG P 83 4.82 29.63 -36.92
CA ARG P 83 4.86 30.56 -38.04
C ARG P 83 3.51 31.28 -38.16
N SER P 84 2.45 30.58 -37.79
CA SER P 84 1.11 31.14 -37.80
C SER P 84 0.61 31.41 -36.38
N THR P 85 1.43 31.06 -35.40
CA THR P 85 1.12 31.30 -33.99
C THR P 85 2.32 31.94 -33.29
N SER P 86 2.07 32.89 -32.41
CA SER P 86 3.13 33.68 -31.79
C SER P 86 4.00 32.85 -30.85
N VAL P 87 5.28 33.22 -30.75
CA VAL P 87 6.21 32.53 -29.85
C VAL P 87 6.08 33.06 -28.42
N SER P 88 5.87 34.36 -28.29
CA SER P 88 5.56 34.98 -27.02
C SER P 88 4.12 35.48 -27.07
N ARG P 89 3.39 35.33 -25.97
CA ARG P 89 1.97 35.65 -25.94
C ARG P 89 1.71 37.00 -25.29
N ASN P 90 2.61 37.95 -25.54
CA ASN P 90 2.41 39.34 -25.16
C ASN P 90 2.70 40.24 -26.36
N GLN P 91 3.86 40.02 -26.98
CA GLN P 91 4.18 40.65 -28.26
C GLN P 91 3.66 39.75 -29.37
N GLN P 92 3.45 40.33 -30.55
CA GLN P 92 3.06 39.53 -31.71
C GLN P 92 4.29 39.19 -32.53
N ILE P 93 4.76 37.95 -32.40
CA ILE P 93 6.02 37.53 -32.99
C ILE P 93 5.87 36.17 -33.68
N PHE P 94 5.80 36.19 -35.01
CA PHE P 94 5.73 34.97 -35.80
C PHE P 94 7.07 34.69 -36.48
N LEU P 95 7.45 33.42 -36.51
CA LEU P 95 8.72 33.02 -37.11
C LEU P 95 8.68 33.19 -38.62
N ARG P 96 9.70 33.85 -39.16
CA ARG P 96 9.83 34.06 -40.60
C ARG P 96 11.22 33.65 -41.08
N ASP P 97 11.28 33.03 -42.24
CA ASP P 97 12.54 32.55 -42.80
C ASP P 97 13.54 33.67 -43.04
N ILE P 98 14.81 33.39 -42.79
CA ILE P 98 15.89 34.32 -43.08
C ILE P 98 15.93 34.62 -44.57
N GLU P 99 16.23 35.87 -44.92
CA GLU P 99 16.25 36.29 -46.32
C GLU P 99 17.48 35.76 -47.04
N SER Q 1 -6.47 -5.68 8.19
CA SER Q 1 -7.61 -4.74 7.97
C SER Q 1 -7.68 -3.69 9.07
N VAL Q 3 -8.83 0.45 10.48
CA VAL Q 3 -9.95 1.40 10.46
C VAL Q 3 -9.69 2.50 9.43
N ASN Q 4 -8.43 2.60 8.98
CA ASN Q 4 -8.05 3.55 7.94
C ASN Q 4 -7.86 2.86 6.60
N VAL Q 5 -8.97 2.54 5.94
CA VAL Q 5 -8.94 1.88 4.64
C VAL Q 5 -10.04 2.42 3.73
N SER R 1 16.54 -2.19 -38.77
CA SER R 1 16.32 -0.83 -38.20
C SER R 1 17.64 -0.17 -37.84
N VAL R 3 21.19 0.03 -36.58
CA VAL R 3 22.28 -0.96 -36.52
C VAL R 3 22.96 -0.98 -35.15
N ASN R 4 22.93 0.16 -34.46
CA ASN R 4 23.53 0.25 -33.13
C ASN R 4 22.48 0.07 -32.03
N VAL R 5 21.49 -0.78 -32.33
CA VAL R 5 20.34 -1.06 -31.45
C VAL R 5 20.02 0.06 -30.46
N SER S 1 -27.58 17.07 -6.04
CA SER S 1 -26.60 16.07 -6.44
C SER S 1 -27.11 14.65 -6.17
N VAL S 3 -26.23 10.32 -6.86
CA VAL S 3 -25.15 9.38 -7.14
C VAL S 3 -25.16 8.94 -8.60
N ASN S 4 -26.35 8.68 -9.14
CA ASN S 4 -26.49 8.25 -10.51
C ASN S 4 -26.73 9.44 -11.44
N VAL S 5 -25.89 10.46 -11.30
CA VAL S 5 -25.98 11.71 -12.06
C VAL S 5 -27.41 12.16 -12.30
N SER T 1 -0.06 -11.27 9.35
CA SER T 1 -1.45 -10.84 9.64
C SER T 1 -2.43 -11.44 8.64
N VAL T 3 -6.85 -11.94 7.61
CA VAL T 3 -8.19 -11.40 7.77
C VAL T 3 -9.08 -12.33 8.60
N ASN T 4 -8.79 -13.62 8.56
CA ASN T 4 -9.65 -14.63 9.19
C ASN T 4 -9.01 -15.25 10.43
N VAL T 5 -8.37 -14.43 11.26
CA VAL T 5 -7.77 -14.89 12.51
C VAL T 5 -8.07 -13.91 13.65
N GLN T 6 -9.05 -14.24 14.48
CA GLN T 6 -9.39 -13.42 15.64
C GLN T 6 -8.20 -13.28 16.58
N SER U 1 -12.85 16.20 -25.32
CA SER U 1 -11.74 16.91 -26.02
C SER U 1 -11.45 18.26 -25.39
N VAL U 3 -9.04 21.95 -25.87
CA VAL U 3 -8.45 22.75 -26.94
C VAL U 3 -6.93 22.68 -26.88
N ASN U 4 -6.36 22.73 -25.68
CA ASN U 4 -4.90 22.77 -25.52
C ASN U 4 -4.30 21.40 -25.18
N VAL U 5 -4.46 20.45 -26.10
CA VAL U 5 -3.83 19.13 -26.00
C VAL U 5 -3.09 18.82 -27.29
N SER V 1 -31.00 -29.59 4.80
CA SER V 1 -31.22 -29.50 6.27
C SER V 1 -30.87 -28.11 6.80
N VAL V 3 -28.28 -24.50 6.15
CA VAL V 3 -27.67 -23.72 5.08
C VAL V 3 -26.14 -23.80 5.13
N ASN V 4 -25.59 -23.85 6.33
CA ASN V 4 -24.14 -23.76 6.53
C ASN V 4 -23.47 -25.13 6.73
N VAL V 5 -24.03 -26.17 6.12
CA VAL V 5 -23.39 -27.48 6.07
C VAL V 5 -23.64 -28.15 4.73
N GLN V 6 -22.59 -28.63 4.08
CA GLN V 6 -22.71 -29.26 2.77
C GLN V 6 -22.99 -30.75 2.92
N SER W 1 22.73 -18.54 0.17
CA SER W 1 22.55 -17.58 1.28
C SER W 1 23.81 -16.75 1.52
N VAL W 3 25.99 -14.62 4.89
CA VAL W 3 26.10 -14.39 6.33
C VAL W 3 25.56 -13.02 6.72
N ASN W 4 25.65 -12.06 5.81
CA ASN W 4 25.31 -10.67 6.11
C ASN W 4 23.99 -10.23 5.47
N VAL W 5 23.13 -11.19 5.16
CA VAL W 5 21.80 -10.90 4.62
C VAL W 5 20.72 -11.50 5.52
N SER X 1 -33.24 -14.20 -23.62
CA SER X 1 -32.06 -13.96 -24.50
C SER X 1 -30.93 -13.28 -23.74
N VAL X 3 -29.12 -11.08 -20.56
CA VAL X 3 -29.14 -10.99 -19.10
C VAL X 3 -29.75 -9.67 -18.63
N ASN X 4 -29.36 -8.57 -19.29
CA ASN X 4 -29.79 -7.25 -18.89
C ASN X 4 -31.04 -6.78 -19.64
N VAL X 5 -31.82 -7.73 -20.15
CA VAL X 5 -33.07 -7.42 -20.84
C VAL X 5 -34.12 -8.48 -20.52
N GLN X 6 -35.22 -8.05 -19.90
CA GLN X 6 -36.29 -8.97 -19.52
C GLN X 6 -37.03 -9.49 -20.74
N SER Y 1 41.08 11.71 -16.84
CA SER Y 1 41.63 11.93 -18.21
C SER Y 1 41.90 10.61 -18.91
N VAL Y 3 41.41 8.39 -22.82
CA VAL Y 3 41.33 8.62 -24.25
C VAL Y 3 39.88 8.49 -24.71
N ASN Y 4 39.12 7.67 -23.99
CA ASN Y 4 37.71 7.46 -24.29
C ASN Y 4 36.81 8.28 -23.36
N VAL Y 5 37.32 9.43 -22.92
CA VAL Y 5 36.56 10.34 -22.08
C VAL Y 5 36.87 11.79 -22.48
N GLN Y 6 35.81 12.58 -22.64
CA GLN Y 6 35.96 13.98 -23.05
C GLN Y 6 34.74 14.80 -22.64
N SER Z 1 23.27 -33.72 15.53
CA SER Z 1 23.48 -33.69 14.06
C SER Z 1 23.43 -35.08 13.46
N VAL Z 3 22.88 -36.97 9.29
CA VAL Z 3 22.82 -36.72 7.86
C VAL Z 3 21.38 -36.58 7.38
N ASN Z 4 20.46 -37.23 8.09
CA ASN Z 4 19.05 -37.27 7.69
C ASN Z 4 18.15 -36.45 8.62
N VAL Z 5 18.71 -35.38 9.20
CA VAL Z 5 17.90 -34.38 9.92
C VAL Z 5 18.46 -32.99 9.67
N GLN Z 6 17.56 -32.03 9.48
CA GLN Z 6 17.96 -30.64 9.24
C GLN Z 6 18.04 -29.86 10.56
N SER AA 1 -0.28 30.80 9.98
CA SER AA 1 -0.70 30.04 11.20
C SER AA 1 -2.12 29.53 11.08
N VAL AA 3 -5.10 26.50 12.62
CA VAL AA 3 -5.47 25.71 13.79
C VAL AA 3 -4.95 24.29 13.66
N ASN AA 4 -5.07 23.74 12.46
CA ASN AA 4 -4.73 22.34 12.21
C ASN AA 4 -3.31 22.15 11.66
N VAL AA 5 -2.38 23.00 12.10
CA VAL AA 5 -0.96 22.82 11.79
C VAL AA 5 -0.11 23.15 13.02
N SER BA 1 -10.66 25.50 46.60
CA SER BA 1 -10.64 25.60 45.11
C SER BA 1 -10.85 24.23 44.47
N VAL BA 3 -12.63 21.96 40.98
CA VAL BA 3 -12.84 22.09 39.55
C VAL BA 3 -14.30 22.37 39.25
N ASN BA 4 -15.18 21.63 39.92
CA ASN BA 4 -16.61 21.71 39.67
C ASN BA 4 -17.33 22.73 40.54
N VAL BA 5 -16.65 23.84 40.84
CA VAL BA 5 -17.26 24.94 41.58
C VAL BA 5 -16.98 26.27 40.87
N SER CA 1 26.59 13.50 18.44
CA SER CA 1 27.46 12.40 17.94
C SER CA 1 26.81 11.04 18.13
N VAL CA 3 27.64 6.94 17.29
CA VAL CA 3 28.82 6.12 17.03
C VAL CA 3 28.89 5.69 15.57
N ASN CA 4 27.74 5.39 14.97
CA ASN CA 4 27.71 4.85 13.61
C ASN CA 4 27.49 5.91 12.53
N VAL CA 5 28.00 7.11 12.79
CA VAL CA 5 28.05 8.16 11.76
C VAL CA 5 29.31 9.02 11.95
N GLN CA 6 29.96 9.37 10.84
CA GLN CA 6 31.16 10.19 10.87
C GLN CA 6 30.82 11.64 10.53
N SER DA 1 18.70 36.03 -19.57
CA SER DA 1 19.31 35.48 -20.80
C SER DA 1 18.24 35.11 -21.81
N VAL DA 3 14.02 34.92 -22.72
CA VAL DA 3 12.79 35.67 -22.43
C VAL DA 3 11.77 34.82 -21.67
N ASN DA 4 11.74 33.52 -21.95
CA ASN DA 4 10.70 32.65 -21.41
C ASN DA 4 11.15 31.88 -20.16
N VAL DA 5 11.98 32.52 -19.33
CA VAL DA 5 12.28 32.01 -17.99
C VAL DA 5 12.23 33.14 -16.97
N SER EA 1 -41.57 13.71 30.77
CA SER EA 1 -41.59 15.19 30.55
C SER EA 1 -40.19 15.73 30.31
N VAL EA 3 -35.90 15.63 30.64
CA VAL EA 3 -34.81 14.67 30.58
C VAL EA 3 -33.99 14.66 31.86
N ASN EA 4 -33.83 15.83 32.47
CA ASN EA 4 -32.96 15.98 33.63
C ASN EA 4 -33.71 15.83 34.96
N VAL EA 5 -34.83 15.11 34.93
CA VAL EA 5 -35.52 14.73 36.16
C VAL EA 5 -36.08 13.32 36.01
N GLN EA 6 -35.91 12.51 37.05
CA GLN EA 6 -36.36 11.12 37.05
C GLN EA 6 -37.78 10.99 37.60
N SER FA 1 -1.81 -49.33 -6.43
CA SER FA 1 -2.18 -47.90 -6.28
C SER FA 1 -0.92 -47.03 -6.25
N VAL FA 3 3.16 -46.22 -5.02
CA VAL FA 3 4.41 -46.96 -4.94
C VAL FA 3 4.88 -47.10 -3.48
N ASN FA 4 4.74 -46.03 -2.72
CA ASN FA 4 5.26 -45.99 -1.35
C ASN FA 4 4.24 -46.46 -0.31
N VAL FA 5 3.70 -47.65 -0.53
CA VAL FA 5 2.76 -48.27 0.42
C VAL FA 5 2.74 -49.78 0.22
#